data_6I2R
#
_entry.id   6I2R
#
_cell.length_a   95.745
_cell.length_b   143.145
_cell.length_c   167.106
_cell.angle_alpha   90.00
_cell.angle_beta   90.00
_cell.angle_gamma   90.00
#
_symmetry.space_group_name_H-M   'P 21 21 21'
#
loop_
_entity.id
_entity.type
_entity.pdbx_description
1 polymer 'Multifunctional 2-oxoglutarate metabolism enzyme'
2 polymer 'Glycogen accumulation regulator GarA'
3 non-polymer 'THIAMINE DIPHOSPHATE'
4 non-polymer 'MAGNESIUM ION'
5 non-polymer 'CALCIUM ION'
6 water water
#
loop_
_entity_poly.entity_id
_entity_poly.type
_entity_poly.pdbx_seq_one_letter_code
_entity_poly.pdbx_strand_id
1 'polypeptide(L)'
;GDSIEDKNARVIELIAAYRNRGHLMADIDPLRLDNTRFRSHPDLDVNSHGLTLWDLDREFKVDGFAGVQRKKLRDILSVL
RDAYCRHVGVEYTHILEPEQQRWIQERVETKHDKPTVAEQKYILSKLNAAEAFETFLQTKYVGQKRFSLEGAETVIPMMD
AVIDQCAEHGLDEVVIAMPHRGRLNVLANIVGKPYSQIFSEFEGNLNPSQAHGSGDVKYHLGATGTYIQMFGDNDIEVSL
TANPSHLEAVDPVLEGLVRAKQDLLDTGEEGSDNRFSVVPLMLHGDAAFAGQGVVAETLNLALLRGYRTGGTIHIVVNNQ
IGFTTAPTDSRSSEYCTDVAKMIGAPIFHVNGDDPEACAWVARLAVDFRQAFKKDVVIDMLCYRRRGHNEGDDPSMTQPY
MYDVIDTKRGSRKAYTEALIGRGDISMKEAEDALRDYQGQLEAVFNEVRELEKHEIEPSESVEADQQIPSKLATAVDKAM
LQRIGDAHLALPEGFTVHPRVRPVLEKRREMAYEGRIDWAFAELLALGSLIAEGKLVRLSGQDTQRGTFTQRHAVIVDRK
TGEEFTPLQLLATNPDGTPTGGKFLVYNSALSEFAAVGFEYGYSVGNPDAMVLWEAQFGDFVNGAQSIIDEFISSGEAKW
GQLSDVVLLLPHGHEGQGPDHTSGRIERFLQLWAEGSMTIAMPSTPANYFHLLRRHGKDGIQRPLIVFTPKSMLRNKAAV
SDIRDFTESKFRSVLEEPMYTDGEGDRNKVTRLLLTSGKIYYELAARKAKENREDVAIVRIEQLAPLPRRRLAETLDRYP
NVKEKFWVQEEPANQGAWPSFGLTLPEILPDHFTGLKRISRRAMSAPSSGSSKVHAVEQQEILDTAFG
;
A,C
2 'polypeptide(L)'
;GSGVEGLPSGSALLVVKRGPNAGSRFLLDQPTTSAGRHPDSDIFLDDVTVSRRHAEFRLEGGEFQVVDVGSLNGTYVNRE
PVDSAVLANGDEVQIGKFRLVFLTGPKSDDSGSNA
;
B,D
#
# COMPACT_ATOMS: atom_id res chain seq x y z
N GLU A 5 47.85 21.33 9.17
CA GLU A 5 46.58 21.37 9.89
C GLU A 5 45.40 21.40 8.90
N ASP A 6 45.53 22.21 7.83
CA ASP A 6 44.51 22.33 6.79
C ASP A 6 44.45 21.04 5.95
N LYS A 7 45.59 20.35 5.80
CA LYS A 7 45.72 19.11 5.06
C LYS A 7 45.01 17.94 5.77
N ASN A 8 45.16 17.82 7.11
CA ASN A 8 44.51 16.79 7.92
C ASN A 8 43.01 16.93 7.86
N ALA A 9 42.51 18.18 7.95
CA ALA A 9 41.08 18.50 7.88
C ALA A 9 40.48 18.03 6.55
N ARG A 10 41.26 18.14 5.44
CA ARG A 10 40.89 17.73 4.10
C ARG A 10 40.86 16.20 3.99
N VAL A 11 41.90 15.53 4.55
CA VAL A 11 42.06 14.07 4.56
C VAL A 11 40.89 13.42 5.33
N ILE A 12 40.56 13.97 6.53
CA ILE A 12 39.46 13.47 7.36
C ILE A 12 38.13 13.67 6.62
N GLU A 13 37.95 14.84 5.95
CA GLU A 13 36.73 15.09 5.17
C GLU A 13 36.66 14.17 3.93
N LEU A 14 37.81 13.84 3.32
CA LEU A 14 37.93 12.93 2.16
C LEU A 14 37.51 11.51 2.57
N ILE A 15 37.99 11.02 3.75
CA ILE A 15 37.65 9.72 4.34
C ILE A 15 36.12 9.65 4.53
N ALA A 16 35.50 10.71 5.11
CA ALA A 16 34.06 10.80 5.30
C ALA A 16 33.31 10.84 3.96
N ALA A 17 33.86 11.54 2.94
CA ALA A 17 33.24 11.63 1.62
C ALA A 17 33.13 10.25 0.95
N TYR A 18 34.16 9.39 1.09
CA TYR A 18 34.12 8.03 0.53
C TYR A 18 33.15 7.13 1.29
N ARG A 19 33.12 7.27 2.61
CA ARG A 19 32.23 6.49 3.46
C ARG A 19 30.78 6.85 3.17
N ASN A 20 30.48 8.16 2.99
CA ASN A 20 29.13 8.63 2.71
C ASN A 20 28.69 8.48 1.28
N ARG A 21 29.59 8.78 0.31
CA ARG A 21 29.18 8.87 -1.09
C ARG A 21 30.00 8.05 -2.11
N GLY A 22 30.98 7.26 -1.65
CA GLY A 22 31.78 6.43 -2.55
C GLY A 22 30.94 5.52 -3.43
N HIS A 23 29.79 5.06 -2.91
CA HIS A 23 28.83 4.19 -3.61
C HIS A 23 28.32 4.81 -4.92
N LEU A 24 28.27 6.16 -5.01
CA LEU A 24 27.83 6.87 -6.23
C LEU A 24 28.85 6.71 -7.37
N MET A 25 30.11 6.38 -7.03
CA MET A 25 31.21 6.19 -7.99
C MET A 25 31.58 4.74 -8.20
N ALA A 26 31.03 3.80 -7.42
CA ALA A 26 31.39 2.39 -7.54
C ALA A 26 31.02 1.80 -8.93
N ASP A 27 31.80 0.82 -9.37
CA ASP A 27 31.61 0.12 -10.63
C ASP A 27 30.59 -1.02 -10.42
N ILE A 28 29.32 -0.65 -10.23
CA ILE A 28 28.26 -1.62 -9.92
C ILE A 28 27.44 -2.07 -11.14
N ASP A 29 27.39 -1.27 -12.22
CA ASP A 29 26.57 -1.58 -13.38
C ASP A 29 27.32 -2.49 -14.38
N PRO A 30 26.91 -3.77 -14.59
CA PRO A 30 27.62 -4.62 -15.57
C PRO A 30 27.49 -4.16 -17.03
N LEU A 31 26.56 -3.24 -17.33
CA LEU A 31 26.32 -2.72 -18.67
C LEU A 31 27.04 -1.40 -18.91
N ARG A 32 27.44 -0.70 -17.82
CA ARG A 32 28.11 0.61 -17.86
C ARG A 32 27.38 1.59 -18.80
N LEU A 33 26.04 1.64 -18.69
CA LEU A 33 25.17 2.47 -19.53
C LEU A 33 25.46 3.97 -19.38
N ASP A 34 25.62 4.43 -18.12
CA ASP A 34 25.91 5.83 -17.79
C ASP A 34 27.42 6.06 -17.85
N ASN A 35 27.89 6.69 -18.94
CA ASN A 35 29.32 6.99 -19.14
C ASN A 35 29.81 8.05 -18.14
N THR A 36 28.97 9.09 -17.91
CA THR A 36 29.20 10.25 -17.03
C THR A 36 29.35 9.86 -15.54
N ARG A 37 29.11 8.57 -15.19
CA ARG A 37 29.19 8.05 -13.82
C ARG A 37 30.57 8.29 -13.19
N PHE A 38 31.66 8.11 -13.96
CA PHE A 38 33.02 8.29 -13.48
C PHE A 38 33.62 9.57 -14.04
N LEU A 51 43.91 19.08 -1.68
CA LEU A 51 44.95 18.06 -1.71
C LEU A 51 45.47 17.87 -3.15
N THR A 52 46.80 17.89 -3.32
CA THR A 52 47.49 17.74 -4.61
C THR A 52 48.23 16.39 -4.70
N LEU A 53 48.99 16.17 -5.80
CA LEU A 53 49.75 14.94 -6.05
C LEU A 53 50.95 14.78 -5.09
N TRP A 54 51.52 15.91 -4.61
CA TRP A 54 52.64 15.91 -3.67
C TRP A 54 52.23 15.42 -2.27
N ASP A 55 50.92 15.52 -1.95
CA ASP A 55 50.32 15.09 -0.68
C ASP A 55 50.16 13.57 -0.57
N LEU A 56 50.26 12.82 -1.69
CA LEU A 56 50.10 11.36 -1.75
C LEU A 56 51.09 10.58 -0.85
N ASP A 57 52.29 11.11 -0.60
CA ASP A 57 53.29 10.42 0.21
C ASP A 57 53.39 11.01 1.62
N ARG A 58 52.56 12.01 1.95
CA ARG A 58 52.51 12.58 3.29
C ARG A 58 51.70 11.65 4.22
N GLU A 59 52.17 11.47 5.44
CA GLU A 59 51.49 10.61 6.42
C GLU A 59 50.48 11.42 7.20
N PHE A 60 49.34 10.81 7.55
CA PHE A 60 48.28 11.45 8.31
C PHE A 60 47.79 10.49 9.38
N LYS A 61 47.34 11.02 10.55
CA LYS A 61 46.81 10.22 11.65
C LYS A 61 45.36 9.86 11.37
N VAL A 62 45.04 8.56 11.49
CA VAL A 62 43.72 7.97 11.21
C VAL A 62 43.36 7.01 12.37
N ASP A 63 42.06 6.76 12.60
CA ASP A 63 41.57 5.85 13.63
C ASP A 63 41.81 4.39 13.25
N VAL A 68 44.91 4.05 16.95
CA VAL A 68 45.39 5.22 16.22
C VAL A 68 46.57 4.80 15.35
N GLN A 69 46.40 4.96 14.02
CA GLN A 69 47.37 4.62 12.98
C GLN A 69 47.90 5.88 12.27
N ARG A 70 48.96 5.68 11.49
CA ARG A 70 49.62 6.68 10.64
C ARG A 70 49.72 6.06 9.26
N LYS A 71 49.12 6.70 8.25
CA LYS A 71 49.10 6.15 6.89
C LYS A 71 49.31 7.23 5.85
N LYS A 72 49.96 6.86 4.74
CA LYS A 72 50.16 7.76 3.60
C LYS A 72 48.82 7.99 2.90
N LEU A 73 48.62 9.19 2.31
CA LEU A 73 47.39 9.55 1.58
C LEU A 73 47.11 8.52 0.48
N ARG A 74 48.15 8.07 -0.27
CA ARG A 74 47.96 7.05 -1.33
C ARG A 74 47.40 5.74 -0.77
N ASP A 75 47.84 5.34 0.45
CA ASP A 75 47.38 4.11 1.13
C ASP A 75 45.97 4.28 1.65
N ILE A 76 45.61 5.49 2.13
CA ILE A 76 44.26 5.79 2.59
C ILE A 76 43.33 5.67 1.38
N LEU A 77 43.70 6.34 0.25
CA LEU A 77 42.91 6.32 -0.99
C LEU A 77 42.71 4.90 -1.51
N SER A 78 43.79 4.09 -1.48
CA SER A 78 43.76 2.67 -1.91
C SER A 78 42.73 1.84 -1.10
N VAL A 79 42.73 1.98 0.25
CA VAL A 79 41.76 1.26 1.12
C VAL A 79 40.33 1.75 0.81
N LEU A 80 40.14 3.07 0.71
CA LEU A 80 38.83 3.67 0.42
C LEU A 80 38.27 3.27 -0.96
N ARG A 81 39.11 3.28 -2.01
CA ARG A 81 38.67 2.92 -3.36
C ARG A 81 38.34 1.43 -3.44
N ASP A 82 39.11 0.55 -2.77
CA ASP A 82 38.85 -0.89 -2.71
C ASP A 82 37.60 -1.20 -1.92
N ALA A 83 37.37 -0.48 -0.80
CA ALA A 83 36.20 -0.71 0.03
C ALA A 83 34.91 -0.14 -0.59
N TYR A 84 34.99 1.07 -1.21
CA TYR A 84 33.76 1.73 -1.63
C TYR A 84 33.56 2.00 -3.11
N CYS A 85 34.58 1.82 -3.97
CA CYS A 85 34.45 2.23 -5.37
C CYS A 85 34.75 1.13 -6.39
N ARG A 86 34.80 -0.14 -5.94
CA ARG A 86 35.03 -1.25 -6.88
C ARG A 86 33.66 -1.85 -7.28
N HIS A 87 33.43 -3.18 -7.13
CA HIS A 87 32.18 -3.80 -7.57
C HIS A 87 31.05 -3.79 -6.49
N VAL A 88 31.30 -3.17 -5.33
CA VAL A 88 30.37 -3.07 -4.19
C VAL A 88 30.21 -1.60 -3.77
N GLY A 89 28.98 -1.13 -3.81
CA GLY A 89 28.60 0.19 -3.34
C GLY A 89 27.94 0.01 -1.99
N VAL A 90 28.59 0.51 -0.93
CA VAL A 90 28.12 0.36 0.46
C VAL A 90 27.38 1.64 0.94
N GLU A 91 26.14 1.47 1.39
CA GLU A 91 25.33 2.56 1.97
C GLU A 91 25.04 2.25 3.44
N TYR A 92 25.71 2.94 4.38
CA TYR A 92 25.56 2.63 5.79
C TYR A 92 25.65 3.83 6.74
N THR A 93 26.16 5.01 6.27
CA THR A 93 26.32 6.15 7.17
C THR A 93 24.97 6.81 7.51
N HIS A 94 23.87 6.35 6.88
CA HIS A 94 22.54 6.82 7.22
C HIS A 94 22.06 6.13 8.53
N ILE A 95 22.68 4.98 8.94
CA ILE A 95 22.32 4.20 10.14
C ILE A 95 22.55 5.05 11.41
N LEU A 96 21.51 5.16 12.25
CA LEU A 96 21.58 6.00 13.44
C LEU A 96 22.41 5.40 14.57
N GLU A 97 22.49 4.06 14.64
CA GLU A 97 23.26 3.32 15.66
C GLU A 97 24.76 3.35 15.29
N PRO A 98 25.63 4.06 16.05
CA PRO A 98 27.06 4.13 15.67
C PRO A 98 27.79 2.79 15.71
N GLU A 99 27.38 1.87 16.61
CA GLU A 99 28.03 0.55 16.69
C GLU A 99 27.78 -0.28 15.39
N GLN A 100 26.64 -0.05 14.73
CA GLN A 100 26.29 -0.73 13.46
C GLN A 100 27.14 -0.19 12.32
N GLN A 101 27.37 1.15 12.29
CA GLN A 101 28.27 1.81 11.32
C GLN A 101 29.72 1.32 11.47
N ARG A 102 30.17 1.13 12.72
CA ARG A 102 31.53 0.66 13.04
C ARG A 102 31.72 -0.78 12.60
N TRP A 103 30.73 -1.65 12.85
CA TRP A 103 30.74 -3.06 12.48
C TRP A 103 30.93 -3.19 10.93
N ILE A 104 30.19 -2.41 10.13
CA ILE A 104 30.27 -2.44 8.66
C ILE A 104 31.66 -1.94 8.23
N GLN A 105 32.04 -0.78 8.74
CA GLN A 105 33.33 -0.12 8.51
C GLN A 105 34.51 -1.08 8.69
N GLU A 106 34.53 -1.84 9.82
CA GLU A 106 35.60 -2.80 10.12
C GLU A 106 35.67 -3.96 9.13
N ARG A 107 34.53 -4.42 8.59
CA ARG A 107 34.51 -5.56 7.68
C ARG A 107 34.71 -5.18 6.22
N VAL A 108 34.43 -3.91 5.90
CA VAL A 108 34.52 -3.36 4.55
C VAL A 108 35.91 -2.67 4.33
N GLU A 109 36.46 -2.00 5.33
CA GLU A 109 37.72 -1.26 5.20
C GLU A 109 38.99 -2.11 5.52
N THR A 110 38.93 -3.41 5.25
CA THR A 110 40.06 -4.33 5.44
C THR A 110 40.42 -4.98 4.11
N LYS A 111 41.68 -5.44 4.00
CA LYS A 111 42.18 -6.19 2.87
C LYS A 111 41.49 -7.54 2.90
N HIS A 112 40.84 -7.91 1.81
CA HIS A 112 40.12 -9.17 1.82
C HIS A 112 40.94 -10.31 1.25
N ASP A 113 40.79 -11.48 1.88
CA ASP A 113 41.43 -12.71 1.46
C ASP A 113 40.67 -13.23 0.24
N LYS A 114 41.39 -13.45 -0.88
CA LYS A 114 40.78 -13.95 -2.11
C LYS A 114 40.11 -15.31 -1.85
N PRO A 115 38.94 -15.64 -2.47
CA PRO A 115 38.36 -16.97 -2.19
C PRO A 115 39.30 -18.08 -2.62
N THR A 116 39.28 -19.23 -1.93
CA THR A 116 40.11 -20.37 -2.32
C THR A 116 39.62 -20.90 -3.69
N VAL A 117 40.43 -21.69 -4.39
CA VAL A 117 40.10 -22.29 -5.68
C VAL A 117 38.82 -23.16 -5.54
N ALA A 118 38.70 -23.93 -4.42
CA ALA A 118 37.55 -24.78 -4.14
C ALA A 118 36.30 -23.93 -4.05
N GLU A 119 36.40 -22.73 -3.41
CA GLU A 119 35.25 -21.82 -3.29
C GLU A 119 34.86 -21.25 -4.66
N GLN A 120 35.87 -20.83 -5.47
CA GLN A 120 35.65 -20.29 -6.83
C GLN A 120 35.01 -21.34 -7.73
N LYS A 121 35.47 -22.62 -7.63
CA LYS A 121 34.95 -23.76 -8.40
C LYS A 121 33.53 -24.07 -7.96
N TYR A 122 33.22 -23.88 -6.65
CA TYR A 122 31.87 -24.09 -6.11
C TYR A 122 30.91 -23.03 -6.69
N ILE A 123 31.35 -21.75 -6.74
CA ILE A 123 30.56 -20.67 -7.35
C ILE A 123 30.32 -21.00 -8.84
N LEU A 124 31.40 -21.44 -9.56
CA LEU A 124 31.28 -21.83 -10.96
C LEU A 124 30.28 -22.96 -11.12
N SER A 125 30.31 -23.97 -10.19
CA SER A 125 29.36 -25.11 -10.24
C SER A 125 27.91 -24.61 -10.16
N LYS A 126 27.67 -23.57 -9.34
CA LYS A 126 26.35 -22.98 -9.14
C LYS A 126 25.96 -22.13 -10.35
N LEU A 127 26.93 -21.44 -10.99
CA LEU A 127 26.68 -20.72 -12.26
C LEU A 127 26.40 -21.71 -13.39
N ASN A 128 27.06 -22.90 -13.34
CA ASN A 128 26.86 -23.97 -14.32
C ASN A 128 25.42 -24.45 -14.27
N ALA A 129 24.92 -24.73 -13.04
CA ALA A 129 23.56 -25.21 -12.79
C ALA A 129 22.53 -24.15 -13.16
N ALA A 130 22.82 -22.87 -12.85
CA ALA A 130 21.87 -21.77 -13.15
C ALA A 130 21.68 -21.62 -14.67
N GLU A 131 22.79 -21.51 -15.42
CA GLU A 131 22.75 -21.36 -16.88
C GLU A 131 22.24 -22.62 -17.60
N ALA A 132 22.59 -23.83 -17.08
CA ALA A 132 22.09 -25.08 -17.68
C ALA A 132 20.58 -25.20 -17.55
N PHE A 133 20.04 -24.75 -16.41
CA PHE A 133 18.61 -24.77 -16.15
C PHE A 133 17.86 -23.80 -17.11
N GLU A 134 18.40 -22.56 -17.27
CA GLU A 134 17.82 -21.55 -18.17
C GLU A 134 17.85 -22.00 -19.62
N THR A 135 18.95 -22.66 -20.04
CA THR A 135 19.10 -23.17 -21.41
C THR A 135 18.03 -24.22 -21.63
N PHE A 136 17.85 -25.13 -20.66
CA PHE A 136 16.83 -26.16 -20.76
C PHE A 136 15.43 -25.53 -20.94
N LEU A 137 15.05 -24.63 -20.02
CA LEU A 137 13.77 -23.96 -19.99
C LEU A 137 13.45 -23.24 -21.33
N GLN A 138 14.42 -22.47 -21.85
CA GLN A 138 14.28 -21.71 -23.10
C GLN A 138 14.31 -22.60 -24.35
N THR A 139 14.88 -23.82 -24.28
CA THR A 139 14.99 -24.75 -25.41
C THR A 139 13.82 -25.73 -25.46
N LYS A 140 13.40 -26.27 -24.30
CA LYS A 140 12.33 -27.25 -24.30
C LYS A 140 10.94 -26.68 -24.44
N TYR A 141 10.68 -25.55 -23.83
CA TYR A 141 9.32 -25.02 -23.83
C TYR A 141 9.18 -23.65 -24.48
N VAL A 142 7.92 -23.32 -24.82
CA VAL A 142 7.55 -22.03 -25.41
C VAL A 142 6.99 -21.18 -24.23
N GLY A 143 7.10 -19.87 -24.36
CA GLY A 143 6.60 -18.94 -23.36
C GLY A 143 7.35 -18.90 -22.05
N GLN A 144 8.64 -19.24 -22.04
CA GLN A 144 9.44 -19.22 -20.80
C GLN A 144 10.33 -17.97 -20.72
N LYS A 145 10.47 -17.23 -21.84
CA LYS A 145 11.28 -16.00 -21.96
C LYS A 145 10.94 -14.97 -20.88
N ARG A 146 9.65 -14.76 -20.57
CA ARG A 146 9.21 -13.79 -19.56
C ARG A 146 9.74 -14.08 -18.14
N PHE A 147 10.03 -15.36 -17.85
CA PHE A 147 10.50 -15.79 -16.52
C PHE A 147 11.99 -16.04 -16.50
N SER A 148 12.70 -15.65 -17.60
CA SER A 148 14.11 -15.93 -17.74
C SER A 148 14.99 -15.18 -16.73
N LEU A 149 15.99 -15.89 -16.22
CA LEU A 149 16.99 -15.38 -15.28
C LEU A 149 18.29 -15.04 -16.05
N GLU A 150 18.30 -15.19 -17.41
CA GLU A 150 19.48 -14.88 -18.24
C GLU A 150 19.90 -13.43 -18.06
N GLY A 151 21.16 -13.24 -17.65
CA GLY A 151 21.70 -11.92 -17.32
C GLY A 151 21.64 -11.63 -15.83
N ALA A 152 21.02 -12.52 -15.02
CA ALA A 152 20.89 -12.35 -13.58
C ALA A 152 21.20 -13.67 -12.83
N GLU A 153 21.88 -14.61 -13.51
CA GLU A 153 22.20 -15.94 -12.99
C GLU A 153 22.99 -15.93 -11.69
N THR A 154 23.78 -14.87 -11.46
CA THR A 154 24.60 -14.71 -10.24
C THR A 154 23.70 -14.67 -8.95
N VAL A 155 22.36 -14.49 -9.08
CA VAL A 155 21.46 -14.54 -7.91
C VAL A 155 21.45 -15.99 -7.32
N ILE A 156 21.75 -17.03 -8.13
CA ILE A 156 21.79 -18.42 -7.66
C ILE A 156 23.02 -18.61 -6.70
N PRO A 157 24.31 -18.36 -7.08
CA PRO A 157 25.38 -18.47 -6.08
C PRO A 157 25.20 -17.47 -4.94
N MET A 158 24.56 -16.30 -5.19
CA MET A 158 24.29 -15.32 -4.12
C MET A 158 23.34 -15.90 -3.06
N MET A 159 22.19 -16.46 -3.50
CA MET A 159 21.17 -17.07 -2.62
C MET A 159 21.76 -18.27 -1.88
N ASP A 160 22.60 -19.04 -2.59
CA ASP A 160 23.26 -20.20 -2.05
C ASP A 160 24.19 -19.77 -0.92
N ALA A 161 24.92 -18.63 -1.10
CA ALA A 161 25.83 -18.06 -0.10
C ALA A 161 25.04 -17.57 1.12
N VAL A 162 23.84 -16.97 0.90
CA VAL A 162 22.96 -16.53 2.01
C VAL A 162 22.59 -17.78 2.88
N ILE A 163 22.05 -18.82 2.23
CA ILE A 163 21.59 -20.02 2.93
C ILE A 163 22.77 -20.74 3.64
N ASP A 164 23.90 -20.90 2.95
CA ASP A 164 25.12 -21.50 3.53
C ASP A 164 25.60 -20.72 4.76
N GLN A 165 25.51 -19.38 4.73
CA GLN A 165 25.93 -18.55 5.87
C GLN A 165 24.95 -18.74 7.03
N CYS A 166 23.62 -18.89 6.74
CA CYS A 166 22.60 -19.14 7.78
C CYS A 166 22.86 -20.50 8.44
N ALA A 167 23.24 -21.52 7.64
CA ALA A 167 23.60 -22.86 8.12
C ALA A 167 24.87 -22.78 8.94
N GLU A 168 25.81 -21.90 8.55
CA GLU A 168 27.06 -21.66 9.29
C GLU A 168 26.76 -21.11 10.70
N HIS A 169 25.69 -20.29 10.85
CA HIS A 169 25.28 -19.75 12.17
C HIS A 169 24.46 -20.81 12.94
N GLY A 170 24.21 -21.95 12.33
CA GLY A 170 23.49 -23.06 12.96
C GLY A 170 22.01 -22.81 13.07
N LEU A 171 21.44 -22.04 12.12
CA LEU A 171 20.02 -21.71 12.12
C LEU A 171 19.19 -22.89 11.58
N ASP A 172 17.91 -22.86 11.86
CA ASP A 172 16.94 -23.92 11.57
C ASP A 172 16.30 -23.89 10.19
N GLU A 173 15.95 -22.69 9.68
CA GLU A 173 15.28 -22.63 8.38
C GLU A 173 15.43 -21.27 7.70
N VAL A 174 15.49 -21.29 6.37
CA VAL A 174 15.42 -20.09 5.54
C VAL A 174 14.11 -20.21 4.76
N VAL A 175 13.25 -19.19 4.82
CA VAL A 175 11.98 -19.22 4.07
C VAL A 175 12.07 -18.11 3.03
N ILE A 176 11.90 -18.48 1.76
CA ILE A 176 12.00 -17.58 0.62
C ILE A 176 10.63 -17.16 0.12
N ALA A 177 10.51 -15.90 -0.28
CA ALA A 177 9.38 -15.34 -1.04
C ALA A 177 9.99 -14.65 -2.22
N MET A 178 9.37 -14.80 -3.37
CA MET A 178 9.93 -14.20 -4.58
C MET A 178 8.88 -14.10 -5.67
N PRO A 179 9.13 -13.26 -6.70
CA PRO A 179 8.21 -13.26 -7.86
C PRO A 179 8.64 -14.36 -8.84
N HIS A 180 8.06 -14.39 -10.04
CA HIS A 180 8.27 -15.41 -11.10
C HIS A 180 9.70 -15.53 -11.63
N ARG A 181 10.40 -14.41 -11.87
CA ARG A 181 11.72 -14.49 -12.53
C ARG A 181 12.68 -15.42 -11.80
N GLY A 182 13.08 -16.50 -12.48
CA GLY A 182 14.02 -17.47 -11.94
C GLY A 182 13.45 -18.43 -10.90
N ARG A 183 12.12 -18.44 -10.70
CA ARG A 183 11.51 -19.30 -9.68
C ARG A 183 11.80 -20.79 -9.86
N LEU A 184 11.68 -21.34 -11.09
CA LEU A 184 11.92 -22.75 -11.29
C LEU A 184 13.40 -23.04 -11.15
N ASN A 185 14.25 -22.04 -11.46
CA ASN A 185 15.69 -22.13 -11.29
C ASN A 185 16.00 -22.25 -9.79
N VAL A 186 15.38 -21.38 -8.98
CA VAL A 186 15.49 -21.37 -7.52
C VAL A 186 14.97 -22.72 -6.93
N LEU A 187 13.81 -23.21 -7.39
CA LEU A 187 13.22 -24.48 -6.97
C LEU A 187 14.24 -25.64 -7.06
N ALA A 188 14.89 -25.75 -8.24
CA ALA A 188 15.86 -26.75 -8.59
C ALA A 188 17.22 -26.55 -7.94
N ASN A 189 17.75 -25.34 -7.99
CA ASN A 189 19.14 -25.12 -7.60
C ASN A 189 19.34 -24.54 -6.19
N ILE A 190 18.26 -24.13 -5.54
CA ILE A 190 18.33 -23.58 -4.20
C ILE A 190 17.51 -24.49 -3.26
N VAL A 191 16.20 -24.69 -3.54
CA VAL A 191 15.34 -25.53 -2.71
C VAL A 191 15.74 -27.04 -2.86
N GLY A 192 16.21 -27.43 -4.05
CA GLY A 192 16.65 -28.79 -4.33
C GLY A 192 15.53 -29.73 -4.77
N LYS A 193 14.47 -29.19 -5.41
CA LYS A 193 13.36 -30.03 -5.87
C LYS A 193 13.73 -30.77 -7.16
N PRO A 194 13.38 -32.07 -7.31
CA PRO A 194 13.74 -32.78 -8.54
C PRO A 194 12.95 -32.25 -9.74
N TYR A 195 13.56 -32.41 -10.94
CA TYR A 195 13.02 -31.99 -12.22
C TYR A 195 11.68 -32.67 -12.52
N SER A 196 11.52 -33.95 -12.14
CA SER A 196 10.28 -34.72 -12.35
C SER A 196 9.10 -34.09 -11.62
N GLN A 197 9.35 -33.39 -10.48
CA GLN A 197 8.29 -32.66 -9.75
C GLN A 197 8.10 -31.28 -10.33
N ILE A 198 9.21 -30.53 -10.56
CA ILE A 198 9.13 -29.18 -11.12
C ILE A 198 8.40 -29.16 -12.48
N PHE A 199 8.73 -30.11 -13.36
CA PHE A 199 8.20 -30.16 -14.73
C PHE A 199 7.04 -31.14 -14.93
N SER A 200 6.49 -31.71 -13.85
CA SER A 200 5.35 -32.62 -13.87
C SER A 200 4.14 -31.95 -14.57
N GLU A 201 3.64 -32.55 -15.67
CA GLU A 201 2.47 -32.06 -16.44
C GLU A 201 2.57 -30.56 -16.77
N PHE A 202 3.80 -30.09 -17.02
CA PHE A 202 4.15 -28.72 -17.33
C PHE A 202 3.37 -28.18 -18.52
N GLU A 203 2.94 -26.92 -18.41
CA GLU A 203 2.19 -26.21 -19.42
C GLU A 203 3.03 -25.07 -20.00
N SER A 214 1.90 -15.50 -16.70
CA SER A 214 1.92 -16.23 -15.43
C SER A 214 2.40 -17.70 -15.56
N GLY A 215 2.21 -18.27 -16.76
CA GLY A 215 2.60 -19.63 -17.12
C GLY A 215 2.02 -20.73 -16.25
N ASP A 216 2.80 -21.80 -16.04
CA ASP A 216 2.43 -22.98 -15.24
C ASP A 216 2.21 -22.59 -13.76
N VAL A 217 1.30 -23.32 -13.08
CA VAL A 217 0.93 -23.14 -11.66
C VAL A 217 2.19 -23.31 -10.75
N LYS A 218 3.18 -24.12 -11.18
CA LYS A 218 4.42 -24.35 -10.42
C LYS A 218 5.20 -23.06 -10.19
N TYR A 219 4.91 -21.97 -10.96
CA TYR A 219 5.52 -20.66 -10.75
C TYR A 219 4.96 -19.97 -9.50
N HIS A 220 3.86 -20.51 -8.95
CA HIS A 220 3.16 -19.96 -7.78
C HIS A 220 3.20 -20.85 -6.54
N LEU A 221 3.53 -22.15 -6.67
CA LEU A 221 3.44 -23.10 -5.55
C LEU A 221 4.56 -22.98 -4.52
N GLY A 222 4.24 -23.43 -3.31
CA GLY A 222 5.18 -23.48 -2.21
C GLY A 222 6.01 -24.72 -2.34
N ALA A 223 7.17 -24.77 -1.66
CA ALA A 223 8.08 -25.93 -1.67
C ALA A 223 8.93 -25.97 -0.42
N THR A 224 9.39 -27.17 -0.03
CA THR A 224 10.29 -27.38 1.11
C THR A 224 11.40 -28.34 0.67
N GLY A 225 12.57 -28.14 1.21
CA GLY A 225 13.74 -28.96 0.95
C GLY A 225 14.78 -28.82 2.06
N THR A 226 15.86 -29.58 1.97
CA THR A 226 16.94 -29.58 2.95
C THR A 226 18.22 -29.18 2.22
N TYR A 227 18.89 -28.16 2.73
CA TYR A 227 20.13 -27.68 2.17
C TYR A 227 21.26 -28.26 3.00
N ILE A 228 22.25 -28.84 2.36
CA ILE A 228 23.43 -29.43 2.98
C ILE A 228 24.64 -28.58 2.64
N GLN A 229 25.37 -28.08 3.67
CA GLN A 229 26.58 -27.31 3.40
C GLN A 229 27.62 -28.13 2.63
N MET A 230 28.19 -27.51 1.61
CA MET A 230 29.24 -28.13 0.80
C MET A 230 30.53 -28.23 1.63
N PHE A 231 30.89 -27.16 2.38
CA PHE A 231 32.16 -27.17 3.13
C PHE A 231 32.00 -27.28 4.67
N GLY A 232 30.83 -27.01 5.22
CA GLY A 232 30.59 -27.06 6.66
C GLY A 232 29.85 -28.30 7.14
N ASP A 233 29.56 -28.38 8.45
CA ASP A 233 28.94 -29.53 9.13
C ASP A 233 27.44 -29.46 9.25
N ASN A 234 26.81 -28.39 8.77
CA ASN A 234 25.40 -28.24 9.01
C ASN A 234 24.50 -28.37 7.79
N ASP A 235 23.23 -28.64 8.09
CA ASP A 235 22.11 -28.70 7.20
C ASP A 235 21.13 -27.64 7.68
N ILE A 236 20.29 -27.16 6.76
CA ILE A 236 19.29 -26.15 7.10
C ILE A 236 18.10 -26.37 6.20
N GLU A 237 16.89 -26.26 6.74
CA GLU A 237 15.68 -26.39 5.95
C GLU A 237 15.54 -25.14 5.09
N VAL A 238 15.11 -25.32 3.86
CA VAL A 238 14.90 -24.21 2.92
C VAL A 238 13.51 -24.37 2.39
N SER A 239 12.72 -23.30 2.44
CA SER A 239 11.36 -23.40 1.95
C SER A 239 11.03 -22.16 1.13
N LEU A 240 9.98 -22.26 0.31
CA LEU A 240 9.54 -21.23 -0.62
C LEU A 240 8.06 -21.10 -0.48
N THR A 241 7.59 -19.89 -0.18
CA THR A 241 6.17 -19.73 0.05
C THR A 241 5.43 -19.49 -1.29
N ALA A 242 4.12 -19.81 -1.32
CA ALA A 242 3.30 -19.61 -2.52
C ALA A 242 3.03 -18.11 -2.69
N ASN A 243 2.69 -17.66 -3.91
CA ASN A 243 2.40 -16.21 -4.11
C ASN A 243 1.58 -16.01 -5.36
N PRO A 244 0.82 -14.90 -5.48
CA PRO A 244 0.10 -14.64 -6.72
C PRO A 244 1.04 -13.89 -7.69
N SER A 245 0.51 -13.39 -8.82
CA SER A 245 1.33 -12.58 -9.75
C SER A 245 1.49 -11.15 -9.25
N HIS A 246 0.62 -10.72 -8.27
CA HIS A 246 0.68 -9.39 -7.67
C HIS A 246 2.03 -9.20 -7.04
N LEU A 247 2.88 -8.42 -7.69
CA LEU A 247 4.25 -8.22 -7.19
C LEU A 247 4.23 -7.62 -5.80
N GLU A 248 5.12 -8.13 -4.92
CA GLU A 248 5.37 -7.70 -3.54
C GLU A 248 4.22 -8.04 -2.56
N ALA A 249 3.02 -8.51 -3.03
CA ALA A 249 1.92 -8.80 -2.08
C ALA A 249 2.32 -9.88 -1.02
N VAL A 250 3.23 -10.81 -1.39
CA VAL A 250 3.66 -11.89 -0.52
C VAL A 250 4.61 -11.41 0.60
N ASP A 251 5.20 -10.18 0.46
CA ASP A 251 6.19 -9.68 1.43
C ASP A 251 5.69 -9.82 2.90
N PRO A 252 4.49 -9.28 3.30
CA PRO A 252 4.04 -9.45 4.69
C PRO A 252 3.59 -10.90 5.01
N VAL A 253 3.23 -11.69 3.98
CA VAL A 253 2.83 -13.09 4.20
C VAL A 253 4.09 -13.87 4.63
N LEU A 254 5.22 -13.59 3.94
CA LEU A 254 6.51 -14.20 4.28
C LEU A 254 6.84 -13.95 5.76
N GLU A 255 6.71 -12.70 6.20
CA GLU A 255 7.03 -12.28 7.58
C GLU A 255 6.17 -13.02 8.63
N GLY A 256 4.86 -13.15 8.34
CA GLY A 256 3.94 -13.84 9.25
C GLY A 256 4.29 -15.30 9.42
N LEU A 257 4.53 -15.98 8.28
CA LEU A 257 4.94 -17.39 8.22
C LEU A 257 6.21 -17.56 9.03
N VAL A 258 7.23 -16.72 8.79
CA VAL A 258 8.50 -16.81 9.51
C VAL A 258 8.24 -16.62 11.01
N ARG A 259 7.47 -15.58 11.38
CA ARG A 259 7.17 -15.35 12.78
C ARG A 259 6.48 -16.56 13.43
N ALA A 260 5.48 -17.15 12.76
CA ALA A 260 4.76 -18.33 13.31
C ALA A 260 5.71 -19.50 13.55
N LYS A 261 6.62 -19.79 12.58
CA LYS A 261 7.64 -20.83 12.71
C LYS A 261 8.63 -20.49 13.86
N GLN A 262 8.96 -19.21 14.02
CA GLN A 262 9.86 -18.81 15.14
C GLN A 262 9.19 -19.01 16.49
N ASP A 263 7.91 -18.66 16.61
CA ASP A 263 7.18 -18.86 17.89
C ASP A 263 7.13 -20.36 18.21
N LEU A 264 6.96 -21.22 17.17
CA LEU A 264 6.92 -22.67 17.33
C LEU A 264 8.23 -23.22 17.87
N LEU A 265 9.34 -22.75 17.33
CA LEU A 265 10.68 -23.19 17.69
C LEU A 265 11.20 -22.51 18.94
N ASP A 266 10.35 -21.71 19.64
CA ASP A 266 10.71 -21.00 20.87
C ASP A 266 11.96 -20.12 20.64
N THR A 267 12.02 -19.48 19.46
CA THR A 267 13.13 -18.63 19.08
C THR A 267 12.58 -17.26 18.73
N GLY A 268 13.34 -16.23 19.02
CA GLY A 268 12.89 -14.88 18.69
C GLY A 268 12.14 -14.15 19.78
N GLU A 269 11.26 -13.20 19.37
CA GLU A 269 10.53 -12.30 20.28
C GLU A 269 9.76 -13.03 21.38
N GLU A 270 9.00 -14.07 21.01
CA GLU A 270 8.20 -14.88 21.93
C GLU A 270 8.90 -16.24 22.25
N GLY A 271 10.24 -16.22 22.27
CA GLY A 271 11.05 -17.40 22.53
C GLY A 271 12.05 -17.22 23.66
N SER A 272 12.57 -18.34 24.20
CA SER A 272 13.55 -18.33 25.28
C SER A 272 14.95 -17.96 24.77
N ASP A 273 15.22 -18.07 23.45
CA ASP A 273 16.52 -17.64 22.91
C ASP A 273 16.33 -16.43 21.97
N ASN A 274 17.41 -15.69 21.70
CA ASN A 274 17.35 -14.52 20.81
C ASN A 274 18.04 -14.81 19.47
N ARG A 275 17.97 -16.05 18.98
CA ARG A 275 18.61 -16.42 17.71
C ARG A 275 17.76 -16.09 16.48
N PHE A 276 16.40 -15.97 16.58
CA PHE A 276 15.53 -15.72 15.37
C PHE A 276 15.96 -16.68 14.23
N SER A 277 16.10 -17.96 14.61
CA SER A 277 16.67 -19.09 13.89
C SER A 277 15.88 -19.50 12.61
N VAL A 278 14.82 -18.76 12.25
CA VAL A 278 14.07 -18.90 11.00
C VAL A 278 14.29 -17.55 10.28
N VAL A 279 14.93 -17.60 9.09
CA VAL A 279 15.30 -16.42 8.34
C VAL A 279 14.41 -16.14 7.12
N PRO A 280 13.81 -14.94 7.06
CA PRO A 280 13.13 -14.55 5.81
C PRO A 280 14.17 -14.17 4.73
N LEU A 281 14.07 -14.77 3.52
CA LEU A 281 14.91 -14.38 2.36
C LEU A 281 13.93 -13.81 1.36
N MET A 282 13.89 -12.46 1.19
CA MET A 282 12.87 -11.86 0.34
C MET A 282 13.45 -11.35 -0.98
N LEU A 283 12.97 -11.92 -2.10
CA LEU A 283 13.46 -11.44 -3.39
C LEU A 283 12.49 -10.44 -3.97
N HIS A 284 13.03 -9.54 -4.83
CA HIS A 284 12.24 -8.47 -5.47
C HIS A 284 12.81 -8.10 -6.79
N GLY A 285 12.04 -7.31 -7.54
CA GLY A 285 12.43 -6.67 -8.78
C GLY A 285 12.60 -5.20 -8.48
N ASP A 286 13.43 -4.50 -9.28
CA ASP A 286 13.75 -3.08 -9.09
C ASP A 286 12.53 -2.16 -9.22
N ALA A 287 11.68 -2.32 -10.25
CA ALA A 287 10.54 -1.41 -10.39
C ALA A 287 9.47 -1.63 -9.28
N ALA A 288 9.19 -2.91 -8.92
CA ALA A 288 8.19 -3.27 -7.89
C ALA A 288 8.62 -2.85 -6.50
N PHE A 289 9.92 -3.00 -6.17
CA PHE A 289 10.41 -2.65 -4.84
C PHE A 289 10.21 -1.17 -4.56
N ALA A 290 10.37 -0.32 -5.56
CA ALA A 290 10.21 1.13 -5.41
C ALA A 290 8.75 1.61 -5.52
N GLY A 291 7.92 0.92 -6.30
CA GLY A 291 6.56 1.39 -6.51
C GLY A 291 5.47 0.83 -5.63
N GLN A 292 5.67 -0.37 -5.04
CA GLN A 292 4.59 -1.00 -4.26
C GLN A 292 4.65 -0.59 -2.77
N GLY A 293 3.58 0.06 -2.30
CA GLY A 293 3.46 0.53 -0.92
C GLY A 293 3.58 -0.56 0.13
N VAL A 294 3.20 -1.81 -0.20
CA VAL A 294 3.29 -2.92 0.75
C VAL A 294 4.78 -3.17 1.20
N VAL A 295 5.75 -2.75 0.38
CA VAL A 295 7.17 -2.87 0.70
C VAL A 295 7.44 -2.04 1.96
N ALA A 296 7.03 -0.73 1.95
CA ALA A 296 7.22 0.18 3.11
C ALA A 296 6.47 -0.31 4.35
N GLU A 297 5.22 -0.77 4.17
CA GLU A 297 4.38 -1.32 5.24
C GLU A 297 5.04 -2.53 5.93
N THR A 298 5.68 -3.41 5.15
CA THR A 298 6.36 -4.61 5.62
C THR A 298 7.69 -4.24 6.31
N LEU A 299 8.46 -3.27 5.77
CA LEU A 299 9.70 -2.80 6.43
C LEU A 299 9.36 -2.20 7.77
N ASN A 300 8.21 -1.53 7.84
CA ASN A 300 7.75 -0.88 9.07
C ASN A 300 7.47 -1.90 10.21
N LEU A 301 7.26 -3.19 9.89
CA LEU A 301 7.02 -4.25 10.89
C LEU A 301 8.31 -4.81 11.47
N ALA A 302 9.44 -4.59 10.79
CA ALA A 302 10.73 -5.20 11.03
C ALA A 302 11.22 -5.19 12.48
N LEU A 303 10.87 -4.14 13.29
CA LEU A 303 11.35 -4.12 14.68
C LEU A 303 10.20 -4.09 15.68
N LEU A 304 8.94 -4.28 15.21
CA LEU A 304 7.78 -4.27 16.11
C LEU A 304 7.75 -5.57 16.92
N ARG A 305 7.37 -5.45 18.17
CA ARG A 305 7.28 -6.59 19.10
C ARG A 305 6.34 -7.69 18.57
N GLY A 306 5.20 -7.32 17.99
CA GLY A 306 4.27 -8.31 17.45
C GLY A 306 4.59 -8.86 16.08
N TYR A 307 5.56 -8.25 15.37
CA TYR A 307 5.81 -8.63 13.96
C TYR A 307 7.26 -8.91 13.60
N ARG A 308 8.22 -8.42 14.39
CA ARG A 308 9.64 -8.62 14.09
C ARG A 308 9.99 -10.13 13.95
N THR A 309 10.85 -10.41 12.95
CA THR A 309 11.37 -11.73 12.61
C THR A 309 12.91 -11.74 12.74
N GLY A 310 13.49 -10.74 13.40
CA GLY A 310 14.94 -10.65 13.65
C GLY A 310 15.77 -10.27 12.44
N GLY A 311 15.13 -9.63 11.44
CA GLY A 311 15.77 -9.15 10.24
C GLY A 311 15.55 -10.03 9.02
N THR A 312 15.14 -9.40 7.93
CA THR A 312 14.95 -10.04 6.63
C THR A 312 16.15 -9.78 5.75
N ILE A 313 16.54 -10.77 4.98
CA ILE A 313 17.59 -10.60 3.95
C ILE A 313 16.85 -10.25 2.65
N HIS A 314 17.04 -9.06 2.11
CA HIS A 314 16.39 -8.72 0.85
C HIS A 314 17.39 -8.81 -0.30
N ILE A 315 16.94 -9.42 -1.40
CA ILE A 315 17.69 -9.45 -2.64
C ILE A 315 16.82 -8.79 -3.72
N VAL A 316 17.30 -7.65 -4.25
CA VAL A 316 16.66 -7.00 -5.39
C VAL A 316 17.43 -7.42 -6.67
N VAL A 317 16.72 -8.11 -7.58
CA VAL A 317 17.24 -8.53 -8.89
C VAL A 317 17.05 -7.28 -9.75
N ASN A 318 18.06 -6.39 -9.71
CA ASN A 318 17.96 -5.09 -10.37
C ASN A 318 18.53 -5.14 -11.79
N ASN A 319 17.65 -5.46 -12.74
CA ASN A 319 18.00 -5.59 -14.15
C ASN A 319 17.78 -4.25 -14.88
N GLN A 320 17.60 -3.17 -14.07
CA GLN A 320 17.55 -1.77 -14.50
C GLN A 320 16.48 -1.52 -15.55
N ILE A 321 15.35 -2.22 -15.40
CA ILE A 321 14.21 -2.15 -16.31
C ILE A 321 13.01 -2.78 -15.60
N GLY A 322 11.81 -2.33 -15.97
CA GLY A 322 10.56 -2.89 -15.48
C GLY A 322 9.67 -3.06 -16.67
N PHE A 323 9.76 -4.22 -17.35
CA PHE A 323 9.02 -4.53 -18.58
C PHE A 323 9.56 -3.60 -19.70
N THR A 324 8.83 -2.53 -20.07
CA THR A 324 9.34 -1.59 -21.08
C THR A 324 9.76 -0.26 -20.41
N THR A 325 9.55 -0.15 -19.07
CA THR A 325 9.76 1.10 -18.36
C THR A 325 11.20 1.27 -17.82
N ALA A 326 11.78 2.43 -18.12
CA ALA A 326 13.12 2.81 -17.68
C ALA A 326 13.06 3.24 -16.19
N PRO A 327 14.16 3.06 -15.42
CA PRO A 327 14.13 3.45 -13.99
C PRO A 327 13.69 4.88 -13.68
N THR A 328 13.93 5.84 -14.60
CA THR A 328 13.57 7.25 -14.40
C THR A 328 12.05 7.45 -14.32
N ASP A 329 11.24 6.51 -14.89
CA ASP A 329 9.78 6.61 -14.78
C ASP A 329 9.26 5.71 -13.65
N SER A 330 10.15 4.97 -12.99
CA SER A 330 9.76 4.03 -11.96
C SER A 330 9.95 4.52 -10.54
N ARG A 331 10.91 5.45 -10.32
CA ARG A 331 11.24 5.92 -8.99
C ARG A 331 11.79 7.33 -9.01
N SER A 332 11.68 7.99 -7.86
CA SER A 332 12.11 9.36 -7.63
C SER A 332 13.41 9.44 -6.82
N SER A 333 14.19 8.36 -6.80
CA SER A 333 15.44 8.32 -6.04
C SER A 333 16.54 7.64 -6.81
N GLU A 334 17.80 7.85 -6.37
CA GLU A 334 18.98 7.27 -6.98
C GLU A 334 18.85 5.73 -7.11
N TYR A 335 18.45 5.05 -6.03
CA TYR A 335 18.36 3.59 -5.99
C TYR A 335 16.93 3.08 -5.76
N CYS A 336 16.65 1.87 -6.27
CA CYS A 336 15.34 1.21 -6.12
C CYS A 336 15.15 0.78 -4.69
N THR A 337 16.25 0.72 -3.92
CA THR A 337 16.32 0.23 -2.54
C THR A 337 16.19 1.33 -1.47
N ASP A 338 16.11 2.61 -1.87
CA ASP A 338 16.10 3.76 -0.97
C ASP A 338 14.99 3.71 0.09
N VAL A 339 13.86 3.01 -0.17
CA VAL A 339 12.77 2.84 0.81
C VAL A 339 13.30 2.16 2.10
N ALA A 340 14.26 1.21 1.97
CA ALA A 340 14.86 0.48 3.13
C ALA A 340 15.58 1.42 4.12
N LYS A 341 15.88 2.68 3.70
CA LYS A 341 16.49 3.70 4.56
C LYS A 341 15.49 4.12 5.65
N MET A 342 14.19 3.85 5.41
CA MET A 342 13.07 4.07 6.33
C MET A 342 13.41 3.47 7.70
N ILE A 343 14.02 2.24 7.72
CA ILE A 343 14.33 1.55 8.97
C ILE A 343 15.85 1.45 9.24
N GLY A 344 16.66 2.31 8.60
CA GLY A 344 18.10 2.33 8.79
C GLY A 344 18.81 1.01 8.47
N ALA A 345 18.34 0.31 7.43
CA ALA A 345 18.94 -0.93 6.96
C ALA A 345 20.21 -0.62 6.14
N PRO A 346 21.31 -1.39 6.30
CA PRO A 346 22.46 -1.17 5.40
C PRO A 346 22.09 -1.63 3.99
N ILE A 347 22.59 -0.94 2.98
CA ILE A 347 22.30 -1.31 1.57
C ILE A 347 23.62 -1.55 0.83
N PHE A 348 23.71 -2.69 0.16
CA PHE A 348 24.85 -3.15 -0.63
C PHE A 348 24.47 -3.28 -2.09
N HIS A 349 24.98 -2.37 -2.92
CA HIS A 349 24.75 -2.38 -4.36
C HIS A 349 25.89 -3.20 -4.93
N VAL A 350 25.60 -4.29 -5.60
CA VAL A 350 26.71 -5.14 -6.04
C VAL A 350 26.60 -5.49 -7.53
N ASN A 351 27.76 -5.53 -8.20
CA ASN A 351 27.89 -5.88 -9.61
C ASN A 351 27.61 -7.38 -9.85
N GLY A 352 26.48 -7.67 -10.51
CA GLY A 352 26.06 -9.04 -10.88
C GLY A 352 27.04 -9.80 -11.76
N ASP A 353 28.00 -9.10 -12.42
CA ASP A 353 29.03 -9.74 -13.23
C ASP A 353 30.21 -10.20 -12.35
N ASP A 354 30.15 -9.89 -11.03
CA ASP A 354 31.17 -10.33 -10.09
C ASP A 354 30.53 -11.29 -9.09
N PRO A 355 30.53 -12.62 -9.39
CA PRO A 355 29.91 -13.57 -8.45
C PRO A 355 30.64 -13.70 -7.11
N GLU A 356 31.95 -13.39 -7.04
CA GLU A 356 32.69 -13.44 -5.77
C GLU A 356 32.22 -12.30 -4.89
N ALA A 357 32.11 -11.06 -5.44
CA ALA A 357 31.62 -9.91 -4.68
C ALA A 357 30.18 -10.18 -4.24
N CYS A 358 29.34 -10.76 -5.13
CA CYS A 358 27.95 -11.11 -4.81
C CYS A 358 27.85 -12.09 -3.65
N ALA A 359 28.66 -13.20 -3.66
CA ALA A 359 28.64 -14.20 -2.57
C ALA A 359 29.13 -13.60 -1.25
N TRP A 360 30.18 -12.75 -1.30
CA TRP A 360 30.78 -12.07 -0.15
C TRP A 360 29.76 -11.12 0.50
N VAL A 361 29.04 -10.34 -0.32
CA VAL A 361 28.02 -9.42 0.17
C VAL A 361 26.88 -10.23 0.86
N ALA A 362 26.51 -11.37 0.27
CA ALA A 362 25.48 -12.25 0.83
C ALA A 362 25.86 -12.75 2.22
N ARG A 363 27.16 -13.13 2.43
CA ARG A 363 27.64 -13.65 3.72
C ARG A 363 27.69 -12.54 4.78
N LEU A 364 28.17 -11.35 4.37
CA LEU A 364 28.25 -10.16 5.22
C LEU A 364 26.82 -9.73 5.67
N ALA A 365 25.82 -9.81 4.75
CA ALA A 365 24.43 -9.46 5.05
C ALA A 365 23.89 -10.39 6.15
N VAL A 366 24.14 -11.71 6.02
CA VAL A 366 23.69 -12.67 7.04
C VAL A 366 24.37 -12.34 8.37
N ASP A 367 25.71 -12.09 8.36
CA ASP A 367 26.43 -11.75 9.58
C ASP A 367 25.83 -10.50 10.26
N PHE A 368 25.52 -9.44 9.48
CA PHE A 368 24.93 -8.23 10.03
C PHE A 368 23.55 -8.52 10.60
N ARG A 369 22.73 -9.30 9.90
CA ARG A 369 21.38 -9.65 10.37
C ARG A 369 21.53 -10.40 11.70
N GLN A 370 22.50 -11.34 11.82
CA GLN A 370 22.71 -12.09 13.06
C GLN A 370 23.17 -11.22 14.21
N ALA A 371 24.05 -10.24 13.92
CA ALA A 371 24.59 -9.37 14.96
C ALA A 371 23.55 -8.37 15.48
N PHE A 372 22.74 -7.77 14.61
CA PHE A 372 21.85 -6.69 15.03
C PHE A 372 20.35 -6.97 14.88
N LYS A 373 19.94 -8.17 14.39
CA LYS A 373 18.52 -8.57 14.25
C LYS A 373 17.73 -7.53 13.47
N LYS A 374 18.33 -7.07 12.36
CA LYS A 374 17.74 -6.04 11.52
C LYS A 374 17.93 -6.39 10.05
N ASP A 375 17.03 -5.87 9.23
CA ASP A 375 17.00 -5.99 7.78
C ASP A 375 18.30 -5.51 7.13
N VAL A 376 18.71 -6.21 6.05
CA VAL A 376 19.84 -5.94 5.16
C VAL A 376 19.30 -6.04 3.74
N VAL A 377 19.68 -5.08 2.89
CA VAL A 377 19.21 -5.08 1.51
C VAL A 377 20.41 -5.21 0.56
N ILE A 378 20.31 -6.17 -0.36
CA ILE A 378 21.30 -6.43 -1.40
C ILE A 378 20.65 -6.05 -2.73
N ASP A 379 21.20 -5.02 -3.37
CA ASP A 379 20.77 -4.55 -4.68
C ASP A 379 21.68 -5.23 -5.72
N MET A 380 21.22 -6.28 -6.39
CA MET A 380 22.12 -6.93 -7.34
C MET A 380 21.92 -6.34 -8.74
N LEU A 381 22.91 -5.58 -9.21
CA LEU A 381 22.80 -4.94 -10.53
C LEU A 381 23.16 -5.94 -11.59
N CYS A 382 22.24 -6.13 -12.52
CA CYS A 382 22.33 -7.12 -13.59
C CYS A 382 21.58 -6.59 -14.82
N TYR A 383 21.16 -7.48 -15.73
CA TYR A 383 20.41 -7.07 -16.91
C TYR A 383 19.39 -8.16 -17.27
N ARG A 384 18.48 -7.84 -18.19
CA ARG A 384 17.45 -8.77 -18.64
C ARG A 384 17.84 -9.14 -20.06
N ARG A 385 18.46 -10.31 -20.24
CA ARG A 385 18.96 -10.73 -21.56
C ARG A 385 17.88 -10.71 -22.63
N ARG A 386 16.71 -11.29 -22.34
CA ARG A 386 15.62 -11.38 -23.30
C ARG A 386 14.57 -10.30 -23.05
N GLY A 387 13.56 -10.25 -23.92
CA GLY A 387 12.42 -9.37 -23.79
C GLY A 387 11.50 -9.90 -22.72
N HIS A 388 10.61 -9.03 -22.19
CA HIS A 388 9.67 -9.39 -21.12
C HIS A 388 8.54 -10.31 -21.63
N ASN A 389 8.37 -10.47 -22.95
CA ASN A 389 7.35 -11.35 -23.51
C ASN A 389 7.86 -12.00 -24.81
N GLU A 390 7.18 -13.08 -25.26
CA GLU A 390 7.54 -13.77 -26.52
C GLU A 390 7.24 -12.86 -27.70
N GLY A 391 8.06 -12.96 -28.75
CA GLY A 391 7.93 -12.13 -29.96
C GLY A 391 8.23 -10.65 -29.76
N ASP A 392 8.33 -10.20 -28.48
CA ASP A 392 8.61 -8.81 -28.11
C ASP A 392 10.11 -8.49 -28.25
N ASP A 393 10.45 -7.57 -29.17
CA ASP A 393 11.83 -7.12 -29.35
C ASP A 393 12.01 -5.89 -28.43
N PRO A 394 12.78 -6.03 -27.31
CA PRO A 394 12.90 -4.89 -26.36
C PRO A 394 13.70 -3.69 -26.91
N SER A 395 14.31 -3.81 -28.09
CA SER A 395 15.00 -2.67 -28.71
C SER A 395 13.98 -1.67 -29.24
N MET A 396 12.68 -2.07 -29.34
CA MET A 396 11.60 -1.18 -29.76
C MET A 396 11.51 0.03 -28.83
N THR A 397 11.64 -0.23 -27.48
CA THR A 397 11.51 0.84 -26.48
C THR A 397 12.83 1.19 -25.78
N GLN A 398 13.80 0.25 -25.77
CA GLN A 398 15.12 0.43 -25.14
C GLN A 398 16.22 0.06 -26.17
N PRO A 399 16.31 0.75 -27.34
CA PRO A 399 17.33 0.36 -28.32
C PRO A 399 18.76 0.37 -27.78
N TYR A 400 19.15 1.43 -27.02
CA TYR A 400 20.52 1.59 -26.50
C TYR A 400 20.92 0.48 -25.51
N MET A 401 20.06 0.20 -24.53
CA MET A 401 20.33 -0.84 -23.52
C MET A 401 20.52 -2.20 -24.19
N TYR A 402 19.67 -2.53 -25.17
CA TYR A 402 19.73 -3.83 -25.82
C TYR A 402 20.84 -3.95 -26.83
N ASP A 403 21.36 -2.83 -27.37
CA ASP A 403 22.55 -2.91 -28.23
C ASP A 403 23.78 -3.25 -27.35
N VAL A 404 23.78 -2.77 -26.09
CA VAL A 404 24.85 -3.06 -25.14
C VAL A 404 24.74 -4.53 -24.67
N ILE A 405 23.51 -4.99 -24.28
CA ILE A 405 23.24 -6.37 -23.81
C ILE A 405 23.68 -7.40 -24.87
N ASP A 406 23.44 -7.12 -26.16
CA ASP A 406 23.83 -8.00 -27.27
C ASP A 406 25.35 -8.25 -27.31
N THR A 407 26.19 -7.36 -26.70
CA THR A 407 27.65 -7.54 -26.67
C THR A 407 28.10 -8.34 -25.43
N LYS A 408 27.23 -8.46 -24.41
CA LYS A 408 27.56 -9.14 -23.16
C LYS A 408 27.67 -10.63 -23.33
N ARG A 409 28.75 -11.21 -22.78
CA ARG A 409 28.95 -12.64 -22.71
C ARG A 409 28.26 -13.14 -21.46
N GLY A 410 27.84 -14.41 -21.46
CA GLY A 410 27.19 -15.03 -20.31
C GLY A 410 28.03 -14.94 -19.04
N SER A 411 27.36 -14.87 -17.89
CA SER A 411 28.00 -14.77 -16.56
C SER A 411 28.98 -15.94 -16.33
N ARG A 412 28.57 -17.17 -16.69
CA ARG A 412 29.35 -18.40 -16.52
C ARG A 412 30.61 -18.37 -17.40
N LYS A 413 30.47 -18.08 -18.72
CA LYS A 413 31.61 -18.02 -19.65
C LYS A 413 32.59 -16.95 -19.20
N ALA A 414 32.07 -15.77 -18.78
CA ALA A 414 32.84 -14.62 -18.29
C ALA A 414 33.63 -14.98 -17.02
N TYR A 415 32.98 -15.70 -16.07
CA TYR A 415 33.64 -16.10 -14.83
C TYR A 415 34.66 -17.22 -15.08
N THR A 416 34.36 -18.15 -16.02
CA THR A 416 35.28 -19.23 -16.39
C THR A 416 36.56 -18.63 -16.99
N GLU A 417 36.40 -17.66 -17.93
CA GLU A 417 37.48 -16.97 -18.63
C GLU A 417 38.34 -16.15 -17.67
N ALA A 418 37.70 -15.50 -16.69
CA ALA A 418 38.37 -14.68 -15.67
C ALA A 418 39.26 -15.55 -14.79
N LEU A 419 38.78 -16.77 -14.43
CA LEU A 419 39.55 -17.70 -13.60
C LEU A 419 40.80 -18.18 -14.35
N ILE A 420 40.66 -18.44 -15.67
CA ILE A 420 41.78 -18.85 -16.54
C ILE A 420 42.81 -17.70 -16.65
N GLY A 421 42.35 -16.50 -17.01
CA GLY A 421 43.17 -15.29 -17.18
C GLY A 421 44.04 -14.96 -15.99
N ARG A 422 43.46 -15.04 -14.77
CA ARG A 422 44.10 -14.80 -13.48
C ARG A 422 44.96 -16.00 -13.05
N GLY A 423 44.83 -17.12 -13.74
CA GLY A 423 45.58 -18.33 -13.42
C GLY A 423 45.08 -19.04 -12.17
N ASP A 424 43.82 -18.78 -11.78
CA ASP A 424 43.18 -19.42 -10.62
C ASP A 424 42.88 -20.87 -10.93
N ILE A 425 42.57 -21.17 -12.20
CA ILE A 425 42.30 -22.53 -12.64
C ILE A 425 43.12 -22.79 -13.90
N SER A 426 43.48 -24.05 -14.11
CA SER A 426 44.21 -24.49 -15.30
C SER A 426 43.21 -24.74 -16.43
N MET A 427 43.74 -25.01 -17.64
CA MET A 427 42.92 -25.31 -18.82
C MET A 427 42.24 -26.68 -18.66
N LYS A 428 42.95 -27.61 -17.98
CA LYS A 428 42.46 -28.94 -17.61
C LYS A 428 41.22 -28.76 -16.66
N GLU A 429 41.29 -27.84 -15.71
CA GLU A 429 40.18 -27.56 -14.79
C GLU A 429 39.05 -26.82 -15.51
N ALA A 430 39.37 -25.98 -16.52
CA ALA A 430 38.34 -25.30 -17.33
C ALA A 430 37.55 -26.35 -18.11
N GLU A 431 38.25 -27.39 -18.65
CA GLU A 431 37.64 -28.51 -19.36
C GLU A 431 36.74 -29.29 -18.39
N ASP A 432 37.22 -29.53 -17.13
CA ASP A 432 36.43 -30.15 -16.06
C ASP A 432 35.13 -29.40 -15.85
N ALA A 433 35.21 -28.06 -15.79
CA ALA A 433 34.07 -27.15 -15.58
C ALA A 433 33.10 -27.20 -16.76
N LEU A 434 33.65 -27.28 -18.01
CA LEU A 434 32.85 -27.36 -19.22
C LEU A 434 32.08 -28.68 -19.28
N ARG A 435 32.77 -29.81 -18.94
CA ARG A 435 32.18 -31.14 -18.87
C ARG A 435 31.06 -31.13 -17.83
N ASP A 436 31.34 -30.51 -16.67
CA ASP A 436 30.36 -30.36 -15.59
C ASP A 436 29.12 -29.65 -16.13
N TYR A 437 29.30 -28.46 -16.78
CA TYR A 437 28.19 -27.70 -17.39
C TYR A 437 27.35 -28.56 -18.36
N GLN A 438 28.02 -29.29 -19.29
CA GLN A 438 27.39 -30.16 -20.27
C GLN A 438 26.55 -31.24 -19.57
N GLY A 439 27.10 -31.80 -18.47
CA GLY A 439 26.43 -32.77 -17.62
C GLY A 439 25.25 -32.18 -16.88
N GLN A 440 25.34 -30.90 -16.46
CA GLN A 440 24.22 -30.20 -15.77
C GLN A 440 23.02 -30.05 -16.77
N LEU A 441 23.35 -29.78 -18.05
CA LEU A 441 22.43 -29.65 -19.16
C LEU A 441 21.75 -31.01 -19.41
N GLU A 442 22.55 -32.08 -19.50
CA GLU A 442 22.04 -33.43 -19.74
C GLU A 442 21.16 -33.93 -18.60
N ALA A 443 21.51 -33.63 -17.35
CA ALA A 443 20.77 -34.04 -16.15
C ALA A 443 19.30 -33.61 -16.21
N VAL A 444 19.04 -32.35 -16.65
CA VAL A 444 17.69 -31.83 -16.70
C VAL A 444 16.93 -32.36 -17.99
N PHE A 445 17.56 -32.38 -19.18
CA PHE A 445 16.94 -32.87 -20.42
C PHE A 445 16.53 -34.36 -20.31
N ASN A 446 17.44 -35.21 -19.74
CA ASN A 446 17.20 -36.64 -19.60
C ASN A 446 16.05 -36.96 -18.65
N GLU A 447 16.01 -36.32 -17.46
CA GLU A 447 14.97 -36.54 -16.47
C GLU A 447 13.58 -36.16 -17.01
N VAL A 448 13.47 -34.99 -17.68
CA VAL A 448 12.21 -34.51 -18.23
C VAL A 448 11.72 -35.45 -19.35
N ARG A 449 12.64 -35.90 -20.23
CA ARG A 449 12.34 -36.85 -21.29
C ARG A 449 11.80 -38.19 -20.69
N GLU A 450 12.37 -38.64 -19.56
CA GLU A 450 11.94 -39.84 -18.85
C GLU A 450 10.60 -39.61 -18.16
N LEU A 451 10.39 -38.43 -17.57
CA LEU A 451 9.15 -38.06 -16.92
C LEU A 451 8.01 -38.05 -17.95
N GLU A 452 8.28 -37.47 -19.14
CA GLU A 452 7.36 -37.38 -20.27
C GLU A 452 6.94 -38.77 -20.78
N LYS A 453 7.85 -39.76 -20.69
CA LYS A 453 7.60 -41.14 -21.07
C LYS A 453 6.54 -41.75 -20.12
N HIS A 454 6.68 -41.49 -18.80
CA HIS A 454 5.78 -41.97 -17.74
C HIS A 454 4.60 -41.02 -17.53
N PRO A 469 -13.00 -33.05 9.00
CA PRO A 469 -13.97 -32.07 9.52
C PRO A 469 -14.62 -32.52 10.85
N SER A 470 -13.89 -32.39 11.98
CA SER A 470 -14.39 -32.84 13.30
C SER A 470 -15.48 -31.92 13.82
N LYS A 471 -16.52 -32.54 14.41
CA LYS A 471 -17.69 -31.84 14.93
C LYS A 471 -17.94 -32.24 16.40
N LEU A 472 -16.89 -32.15 17.21
CA LEU A 472 -17.00 -32.43 18.65
C LEU A 472 -17.56 -31.21 19.35
N ALA A 473 -18.00 -31.38 20.61
CA ALA A 473 -18.63 -30.37 21.43
C ALA A 473 -17.67 -29.18 21.69
N THR A 474 -18.22 -27.96 21.56
CA THR A 474 -17.55 -26.68 21.79
C THR A 474 -17.97 -26.14 23.17
N ALA A 475 -18.94 -26.81 23.80
CA ALA A 475 -19.43 -26.49 25.16
C ALA A 475 -18.30 -26.66 26.15
N VAL A 476 -18.31 -25.88 27.21
CA VAL A 476 -17.32 -26.01 28.29
C VAL A 476 -18.10 -26.13 29.59
N ASP A 477 -17.47 -26.60 30.67
CA ASP A 477 -18.20 -26.72 31.93
C ASP A 477 -18.17 -25.37 32.69
N LYS A 478 -19.02 -25.21 33.73
CA LYS A 478 -19.09 -24.01 34.57
C LYS A 478 -17.72 -23.59 35.14
N ALA A 479 -16.92 -24.59 35.59
CA ALA A 479 -15.58 -24.37 36.19
C ALA A 479 -14.66 -23.63 35.21
N MET A 480 -14.75 -23.96 33.93
CA MET A 480 -13.97 -23.33 32.87
C MET A 480 -14.36 -21.84 32.77
N LEU A 481 -15.67 -21.52 32.75
CA LEU A 481 -16.14 -20.13 32.70
C LEU A 481 -15.68 -19.36 33.94
N GLN A 482 -15.80 -19.99 35.12
CA GLN A 482 -15.45 -19.38 36.40
C GLN A 482 -13.95 -19.10 36.49
N ARG A 483 -13.12 -20.01 35.99
CA ARG A 483 -11.66 -19.88 35.96
C ARG A 483 -11.25 -18.66 35.10
N ILE A 484 -11.92 -18.45 33.94
CA ILE A 484 -11.61 -17.31 33.05
C ILE A 484 -12.09 -16.00 33.70
N GLY A 485 -13.23 -16.05 34.38
CA GLY A 485 -13.75 -14.92 35.12
C GLY A 485 -12.82 -14.53 36.27
N ASP A 486 -12.40 -15.53 37.09
CA ASP A 486 -11.49 -15.35 38.24
C ASP A 486 -10.13 -14.81 37.83
N ALA A 487 -9.62 -15.19 36.62
CA ALA A 487 -8.35 -14.73 36.06
C ALA A 487 -8.30 -13.19 35.96
N HIS A 488 -9.45 -12.57 35.67
CA HIS A 488 -9.56 -11.12 35.56
C HIS A 488 -9.31 -10.42 36.90
N LEU A 489 -9.49 -11.12 38.05
CA LEU A 489 -9.24 -10.55 39.39
C LEU A 489 -7.96 -11.11 40.03
N ALA A 490 -7.28 -12.10 39.40
CA ALA A 490 -6.04 -12.66 39.94
C ALA A 490 -4.85 -11.75 39.54
N LEU A 491 -4.89 -10.52 40.02
CA LEU A 491 -3.91 -9.47 39.71
C LEU A 491 -2.57 -9.69 40.38
N PRO A 492 -1.45 -9.34 39.71
CA PRO A 492 -0.13 -9.47 40.38
C PRO A 492 -0.07 -8.66 41.66
N GLU A 493 0.78 -9.07 42.62
CA GLU A 493 0.97 -8.36 43.88
C GLU A 493 1.41 -6.92 43.60
N GLY A 494 0.75 -5.96 44.23
CA GLY A 494 1.04 -4.54 44.06
C GLY A 494 0.51 -3.89 42.80
N PHE A 495 -0.21 -4.65 41.94
CA PHE A 495 -0.77 -4.09 40.71
C PHE A 495 -1.87 -3.04 41.02
N THR A 496 -1.78 -1.84 40.42
CA THR A 496 -2.78 -0.79 40.59
C THR A 496 -3.65 -0.73 39.33
N VAL A 497 -4.91 -1.20 39.41
CA VAL A 497 -5.84 -1.20 38.26
C VAL A 497 -6.41 0.20 38.08
N HIS A 498 -6.61 0.65 36.84
CA HIS A 498 -7.25 1.95 36.58
C HIS A 498 -8.69 1.89 37.16
N PRO A 499 -9.17 2.96 37.84
CA PRO A 499 -10.52 2.92 38.45
C PRO A 499 -11.68 2.65 37.48
N ARG A 500 -11.53 2.97 36.19
CA ARG A 500 -12.57 2.72 35.18
C ARG A 500 -12.44 1.30 34.57
N VAL A 501 -11.34 0.59 34.88
CA VAL A 501 -11.10 -0.76 34.35
C VAL A 501 -11.55 -1.80 35.42
N ARG A 502 -11.29 -1.53 36.70
CA ARG A 502 -11.68 -2.39 37.83
C ARG A 502 -13.16 -2.90 37.71
N PRO A 503 -14.22 -2.09 37.40
CA PRO A 503 -15.57 -2.65 37.30
C PRO A 503 -15.74 -3.67 36.17
N VAL A 504 -14.94 -3.54 35.09
CA VAL A 504 -14.98 -4.49 33.95
C VAL A 504 -14.49 -5.86 34.42
N LEU A 505 -13.38 -5.89 35.19
CA LEU A 505 -12.79 -7.11 35.75
C LEU A 505 -13.78 -7.81 36.68
N GLU A 506 -14.41 -7.04 37.59
CA GLU A 506 -15.39 -7.55 38.55
C GLU A 506 -16.66 -8.02 37.84
N LYS A 507 -17.13 -7.29 36.79
CA LYS A 507 -18.31 -7.68 36.01
C LYS A 507 -18.05 -9.04 35.30
N ARG A 508 -16.79 -9.29 34.87
CA ARG A 508 -16.47 -10.55 34.19
C ARG A 508 -16.52 -11.72 35.17
N ARG A 509 -16.09 -11.53 36.42
CA ARG A 509 -16.20 -12.60 37.40
C ARG A 509 -17.69 -12.84 37.67
N GLU A 510 -18.47 -11.74 37.78
CA GLU A 510 -19.92 -11.79 38.02
C GLU A 510 -20.63 -12.54 36.88
N MET A 511 -20.31 -12.21 35.62
CA MET A 511 -20.90 -12.86 34.44
C MET A 511 -20.56 -14.34 34.36
N ALA A 512 -19.30 -14.70 34.66
CA ALA A 512 -18.80 -16.09 34.65
C ALA A 512 -19.57 -16.99 35.60
N TYR A 513 -20.07 -16.44 36.73
CA TYR A 513 -20.79 -17.22 37.75
C TYR A 513 -22.29 -17.05 37.66
N GLU A 514 -22.78 -15.91 37.13
CA GLU A 514 -24.19 -15.59 37.20
C GLU A 514 -24.88 -15.37 35.86
N GLY A 515 -24.15 -15.23 34.78
CA GLY A 515 -24.82 -15.08 33.50
C GLY A 515 -24.85 -13.68 32.94
N ARG A 516 -25.76 -13.45 31.97
CA ARG A 516 -25.85 -12.21 31.19
C ARG A 516 -24.46 -11.90 30.61
N ILE A 517 -23.83 -12.93 29.98
CA ILE A 517 -22.50 -12.78 29.40
C ILE A 517 -22.63 -11.91 28.15
N ASP A 518 -21.84 -10.81 28.10
CA ASP A 518 -21.86 -9.87 26.98
C ASP A 518 -20.93 -10.36 25.89
N TRP A 519 -20.95 -9.72 24.70
CA TRP A 519 -20.16 -10.11 23.54
C TRP A 519 -18.67 -10.14 23.85
N ALA A 520 -18.12 -9.04 24.40
CA ALA A 520 -16.67 -8.92 24.67
C ALA A 520 -16.17 -10.03 25.60
N PHE A 521 -16.94 -10.38 26.66
CA PHE A 521 -16.53 -11.46 27.57
C PHE A 521 -16.64 -12.82 26.92
N ALA A 522 -17.71 -13.08 26.12
CA ALA A 522 -17.90 -14.35 25.40
C ALA A 522 -16.70 -14.63 24.48
N GLU A 523 -16.17 -13.59 23.83
CA GLU A 523 -14.97 -13.71 22.99
C GLU A 523 -13.77 -14.22 23.81
N LEU A 524 -13.54 -13.61 24.99
CA LEU A 524 -12.41 -13.95 25.85
C LEU A 524 -12.61 -15.32 26.49
N LEU A 525 -13.89 -15.72 26.66
CA LEU A 525 -14.24 -17.03 27.16
C LEU A 525 -13.82 -18.07 26.13
N ALA A 526 -14.10 -17.78 24.83
CA ALA A 526 -13.70 -18.68 23.71
C ALA A 526 -12.18 -18.80 23.66
N LEU A 527 -11.48 -17.66 23.58
CA LEU A 527 -10.02 -17.62 23.48
C LEU A 527 -9.35 -18.24 24.71
N GLY A 528 -9.85 -17.93 25.90
CA GLY A 528 -9.35 -18.43 27.18
C GLY A 528 -9.45 -19.92 27.35
N SER A 529 -10.61 -20.51 26.96
CA SER A 529 -10.87 -21.97 27.06
C SER A 529 -9.95 -22.73 26.07
N LEU A 530 -9.70 -22.16 24.89
CA LEU A 530 -8.77 -22.71 23.89
C LEU A 530 -7.34 -22.71 24.43
N ILE A 531 -6.90 -21.60 25.09
CA ILE A 531 -5.56 -21.53 25.72
C ILE A 531 -5.46 -22.60 26.85
N ALA A 532 -6.53 -22.76 27.67
CA ALA A 532 -6.58 -23.77 28.76
C ALA A 532 -6.51 -25.19 28.21
N GLU A 533 -6.98 -25.39 26.96
CA GLU A 533 -6.92 -26.70 26.27
C GLU A 533 -5.60 -26.91 25.52
N GLY A 534 -4.65 -25.98 25.63
CA GLY A 534 -3.32 -26.08 25.03
C GLY A 534 -3.11 -25.41 23.69
N LYS A 535 -4.05 -24.56 23.26
CA LYS A 535 -3.94 -23.90 21.96
C LYS A 535 -3.22 -22.55 22.04
N LEU A 536 -2.38 -22.26 21.05
CA LEU A 536 -1.75 -20.95 20.88
C LEU A 536 -2.81 -20.04 20.23
N VAL A 537 -3.06 -18.88 20.84
CA VAL A 537 -4.02 -17.91 20.33
C VAL A 537 -3.25 -16.62 20.06
N ARG A 538 -3.30 -16.13 18.81
CA ARG A 538 -2.69 -14.88 18.39
C ARG A 538 -3.83 -13.96 17.94
N LEU A 539 -3.96 -12.81 18.62
CA LEU A 539 -5.01 -11.78 18.36
C LEU A 539 -4.34 -10.44 18.17
N SER A 540 -4.65 -9.75 17.07
CA SER A 540 -4.04 -8.45 16.81
C SER A 540 -4.92 -7.59 15.92
N GLY A 541 -4.57 -6.32 15.86
CA GLY A 541 -5.29 -5.31 15.09
C GLY A 541 -5.09 -3.96 15.72
N GLN A 542 -5.68 -2.93 15.12
CA GLN A 542 -5.51 -1.57 15.60
C GLN A 542 -6.28 -1.39 16.91
N ASP A 543 -5.52 -1.07 17.97
CA ASP A 543 -5.96 -0.85 19.35
C ASP A 543 -6.72 -2.08 19.91
N THR A 544 -6.32 -3.28 19.44
CA THR A 544 -7.00 -4.54 19.76
C THR A 544 -6.80 -4.97 21.24
N GLN A 545 -5.71 -4.56 21.92
CA GLN A 545 -5.46 -4.92 23.31
C GLN A 545 -6.58 -4.40 24.24
N ARG A 546 -6.99 -3.11 24.06
CA ARG A 546 -8.06 -2.51 24.83
C ARG A 546 -9.42 -2.72 24.12
N GLY A 547 -9.41 -2.63 22.80
CA GLY A 547 -10.59 -2.70 21.96
C GLY A 547 -10.98 -1.30 21.52
N THR A 548 -11.27 -1.11 20.21
CA THR A 548 -11.72 0.17 19.64
C THR A 548 -12.89 0.79 20.45
N PHE A 549 -13.82 -0.05 20.90
CA PHE A 549 -15.03 0.38 21.61
C PHE A 549 -14.87 0.17 23.12
N THR A 550 -13.59 0.17 23.62
CA THR A 550 -13.18 0.07 25.03
C THR A 550 -13.84 -1.14 25.70
N GLN A 551 -13.96 -2.23 24.96
CA GLN A 551 -14.71 -3.38 25.45
C GLN A 551 -13.85 -4.58 25.77
N ARG A 552 -12.64 -4.71 25.17
CA ARG A 552 -11.91 -5.97 25.31
C ARG A 552 -11.10 -6.07 26.57
N HIS A 553 -10.16 -5.12 26.79
CA HIS A 553 -9.25 -5.12 27.95
C HIS A 553 -8.54 -6.49 28.07
N ALA A 554 -7.97 -6.96 26.96
CA ALA A 554 -7.17 -8.19 26.90
C ALA A 554 -5.85 -7.94 27.66
N VAL A 555 -5.43 -6.67 27.71
CA VAL A 555 -4.24 -6.20 28.43
C VAL A 555 -4.71 -5.02 29.26
N ILE A 556 -4.34 -5.00 30.55
CA ILE A 556 -4.69 -3.92 31.46
C ILE A 556 -3.37 -3.28 31.93
N VAL A 557 -3.37 -1.94 32.08
CA VAL A 557 -2.17 -1.17 32.35
C VAL A 557 -2.19 -0.61 33.78
N ASP A 558 -1.13 -0.90 34.52
CA ASP A 558 -0.95 -0.44 35.90
C ASP A 558 -0.98 1.10 35.91
N ARG A 559 -1.89 1.70 36.71
CA ARG A 559 -2.14 3.14 36.81
C ARG A 559 -0.91 3.94 37.31
N LYS A 560 0.00 3.30 38.05
CA LYS A 560 1.17 3.96 38.62
C LYS A 560 2.49 3.63 37.92
N THR A 561 2.63 2.45 37.31
CA THR A 561 3.92 2.05 36.72
C THR A 561 3.89 1.80 35.20
N GLY A 562 2.71 1.67 34.63
CA GLY A 562 2.57 1.37 33.20
C GLY A 562 2.79 -0.10 32.87
N GLU A 563 3.09 -0.96 33.87
CA GLU A 563 3.29 -2.39 33.68
C GLU A 563 2.02 -3.04 33.16
N GLU A 564 2.17 -4.03 32.29
CA GLU A 564 1.05 -4.71 31.67
C GLU A 564 0.74 -6.04 32.33
N PHE A 565 -0.55 -6.39 32.38
CA PHE A 565 -1.09 -7.65 32.89
C PHE A 565 -2.11 -8.16 31.87
N THR A 566 -1.97 -9.46 31.49
CA THR A 566 -2.81 -10.12 30.51
C THR A 566 -3.59 -11.25 31.21
N PRO A 567 -4.83 -10.98 31.64
CA PRO A 567 -5.60 -12.03 32.37
C PRO A 567 -5.67 -13.41 31.68
N LEU A 568 -5.82 -13.49 30.33
CA LEU A 568 -5.94 -14.81 29.69
C LEU A 568 -4.65 -15.63 29.68
N GLN A 569 -3.48 -15.00 29.92
CA GLN A 569 -2.20 -15.72 29.96
C GLN A 569 -2.15 -16.67 31.17
N LEU A 570 -2.93 -16.38 32.24
CA LEU A 570 -3.01 -17.23 33.43
C LEU A 570 -3.64 -18.60 33.08
N LEU A 571 -4.34 -18.69 31.93
CA LEU A 571 -4.96 -19.93 31.49
C LEU A 571 -3.95 -20.86 30.78
N ALA A 572 -2.72 -20.36 30.52
CA ALA A 572 -1.64 -21.17 29.94
C ALA A 572 -1.02 -22.11 30.99
N THR A 573 -1.49 -22.01 32.25
CA THR A 573 -1.02 -22.81 33.38
C THR A 573 -2.21 -23.49 34.03
N ASN A 574 -2.14 -24.82 34.20
CA ASN A 574 -3.20 -25.62 34.84
C ASN A 574 -3.27 -25.29 36.34
N PRO A 575 -4.38 -25.59 37.05
CA PRO A 575 -4.42 -25.34 38.51
C PRO A 575 -3.24 -25.96 39.28
N ASP A 576 -2.76 -27.15 38.86
CA ASP A 576 -1.63 -27.86 39.50
C ASP A 576 -0.24 -27.24 39.18
N GLY A 577 -0.19 -26.20 38.33
CA GLY A 577 1.05 -25.51 37.99
C GLY A 577 1.73 -25.92 36.70
N THR A 578 1.31 -27.05 36.09
CA THR A 578 1.91 -27.52 34.82
C THR A 578 1.40 -26.69 33.64
N PRO A 579 2.21 -26.46 32.58
CA PRO A 579 1.70 -25.69 31.44
C PRO A 579 0.73 -26.51 30.61
N THR A 580 -0.20 -25.82 29.93
CA THR A 580 -1.20 -26.44 29.06
C THR A 580 -0.59 -26.60 27.65
N GLY A 581 0.44 -25.80 27.36
CA GLY A 581 1.06 -25.72 26.04
C GLY A 581 0.47 -24.55 25.27
N GLY A 582 -0.61 -23.98 25.80
CA GLY A 582 -1.31 -22.83 25.22
C GLY A 582 -0.59 -21.52 25.51
N LYS A 583 -0.96 -20.45 24.79
CA LYS A 583 -0.36 -19.12 24.94
C LYS A 583 -1.30 -18.04 24.40
N PHE A 584 -1.24 -16.83 24.96
CA PHE A 584 -2.02 -15.68 24.46
C PHE A 584 -1.06 -14.63 23.94
N LEU A 585 -1.05 -14.44 22.62
CA LEU A 585 -0.19 -13.46 21.98
C LEU A 585 -1.09 -12.34 21.46
N VAL A 586 -1.22 -11.26 22.21
CA VAL A 586 -2.15 -10.20 21.82
C VAL A 586 -1.37 -8.92 21.58
N TYR A 587 -1.61 -8.26 20.45
CA TYR A 587 -0.87 -7.05 20.10
C TYR A 587 -1.72 -5.96 19.50
N ASN A 588 -1.25 -4.73 19.62
CA ASN A 588 -1.75 -3.56 18.92
C ASN A 588 -0.94 -3.53 17.65
N SER A 589 -1.59 -3.54 16.49
CA SER A 589 -0.83 -3.53 15.23
C SER A 589 -0.36 -2.13 14.89
N ALA A 590 0.42 -2.05 13.82
CA ALA A 590 0.80 -0.79 13.18
C ALA A 590 -0.47 -0.27 12.45
N LEU A 591 -0.47 1.00 12.01
CA LEU A 591 -1.65 1.52 11.32
C LEU A 591 -1.56 1.11 9.82
N SER A 592 -1.71 -0.20 9.62
CA SER A 592 -1.67 -0.87 8.33
CA SER A 592 -1.67 -0.87 8.33
C SER A 592 -2.83 -1.83 8.22
N GLU A 593 -3.27 -2.11 7.00
CA GLU A 593 -4.33 -3.10 6.75
C GLU A 593 -3.70 -4.15 5.83
N PHE A 594 -3.06 -3.72 4.73
CA PHE A 594 -2.44 -4.61 3.75
C PHE A 594 -1.35 -5.50 4.45
N ALA A 595 -0.31 -4.89 5.06
CA ALA A 595 0.76 -5.67 5.69
C ALA A 595 0.27 -6.50 6.89
N ALA A 596 -0.57 -5.91 7.79
CA ALA A 596 -1.13 -6.59 8.96
C ALA A 596 -2.02 -7.80 8.61
N VAL A 597 -2.95 -7.68 7.65
CA VAL A 597 -3.81 -8.82 7.20
C VAL A 597 -2.94 -9.90 6.51
N GLY A 598 -1.97 -9.46 5.69
CA GLY A 598 -1.02 -10.35 5.04
C GLY A 598 -0.23 -11.16 6.07
N PHE A 599 0.22 -10.49 7.13
CA PHE A 599 1.01 -11.12 8.19
C PHE A 599 0.22 -12.20 8.90
N GLU A 600 -1.04 -11.89 9.26
CA GLU A 600 -1.92 -12.81 9.98
C GLU A 600 -2.31 -14.01 9.12
N TYR A 601 -2.52 -13.81 7.82
CA TYR A 601 -2.73 -14.93 6.88
C TYR A 601 -1.47 -15.82 6.88
N GLY A 602 -0.30 -15.17 6.74
CA GLY A 602 0.99 -15.84 6.73
C GLY A 602 1.24 -16.64 8.00
N TYR A 603 0.89 -16.06 9.13
CA TYR A 603 1.08 -16.67 10.46
C TYR A 603 0.26 -17.98 10.54
N SER A 604 -1.02 -17.95 10.11
CA SER A 604 -1.88 -19.13 10.18
CA SER A 604 -1.88 -19.15 10.19
C SER A 604 -1.33 -20.25 9.27
N VAL A 605 -0.74 -19.87 8.10
CA VAL A 605 -0.10 -20.83 7.18
C VAL A 605 1.13 -21.45 7.88
N GLY A 606 1.90 -20.62 8.58
CA GLY A 606 3.09 -21.09 9.29
C GLY A 606 2.83 -22.00 10.46
N ASN A 607 1.72 -21.77 11.18
CA ASN A 607 1.32 -22.61 12.33
C ASN A 607 -0.15 -22.96 12.20
N PRO A 608 -0.48 -24.07 11.51
CA PRO A 608 -1.90 -24.45 11.33
C PRO A 608 -2.65 -24.76 12.62
N ASP A 609 -1.94 -25.04 13.74
CA ASP A 609 -2.56 -25.36 15.01
C ASP A 609 -2.89 -24.09 15.83
N ALA A 610 -2.49 -22.92 15.34
CA ALA A 610 -2.74 -21.65 16.03
C ALA A 610 -4.12 -21.14 15.70
N MET A 611 -4.74 -20.43 16.66
CA MET A 611 -5.95 -19.65 16.48
C MET A 611 -5.44 -18.25 16.14
N VAL A 612 -5.65 -17.77 14.90
CA VAL A 612 -5.12 -16.47 14.44
C VAL A 612 -6.26 -15.56 14.04
N LEU A 613 -6.36 -14.40 14.71
CA LEU A 613 -7.43 -13.45 14.49
C LEU A 613 -6.86 -12.10 14.24
N TRP A 614 -7.36 -11.44 13.19
CA TRP A 614 -7.02 -10.06 12.85
C TRP A 614 -8.27 -9.30 12.95
N GLU A 615 -8.19 -8.16 13.63
CA GLU A 615 -9.35 -7.33 13.84
C GLU A 615 -9.21 -5.98 13.16
N ALA A 616 -10.22 -5.64 12.35
CA ALA A 616 -10.26 -4.31 11.70
C ALA A 616 -10.78 -3.28 12.73
N GLN A 617 -10.31 -2.02 12.66
CA GLN A 617 -10.81 -0.98 13.58
C GLN A 617 -12.32 -0.88 13.33
N PHE A 618 -12.70 -0.72 12.05
CA PHE A 618 -14.05 -0.79 11.50
C PHE A 618 -13.88 -1.66 10.28
N GLY A 619 -14.86 -2.50 9.94
CA GLY A 619 -14.73 -3.38 8.79
C GLY A 619 -14.52 -2.61 7.51
N ASP A 620 -14.91 -1.32 7.48
CA ASP A 620 -14.79 -0.41 6.34
C ASP A 620 -13.33 -0.16 5.91
N PHE A 621 -12.35 -0.43 6.79
CA PHE A 621 -10.95 -0.18 6.41
C PHE A 621 -10.28 -1.48 5.87
N VAL A 622 -10.98 -2.65 5.86
CA VAL A 622 -10.36 -3.90 5.34
C VAL A 622 -10.17 -3.82 3.80
N ASN A 623 -10.87 -2.88 3.10
CA ASN A 623 -10.64 -2.70 1.65
C ASN A 623 -9.16 -2.24 1.38
N GLY A 624 -8.42 -1.79 2.41
CA GLY A 624 -6.98 -1.48 2.31
C GLY A 624 -6.16 -2.75 2.11
N ALA A 625 -6.70 -3.91 2.52
CA ALA A 625 -6.04 -5.23 2.37
C ALA A 625 -6.73 -6.09 1.28
N GLN A 626 -7.40 -5.45 0.30
CA GLN A 626 -8.14 -6.16 -0.75
C GLN A 626 -7.29 -7.19 -1.51
N SER A 627 -6.01 -6.89 -1.75
CA SER A 627 -5.07 -7.77 -2.47
C SER A 627 -4.80 -9.06 -1.67
N ILE A 628 -4.76 -8.98 -0.34
CA ILE A 628 -4.57 -10.18 0.48
C ILE A 628 -5.86 -10.99 0.47
N ILE A 629 -7.03 -10.32 0.61
CA ILE A 629 -8.31 -11.01 0.62
C ILE A 629 -8.49 -11.77 -0.69
N ASP A 630 -8.36 -11.05 -1.81
CA ASP A 630 -8.52 -11.60 -3.16
C ASP A 630 -7.46 -12.62 -3.55
N GLU A 631 -6.19 -12.32 -3.27
CA GLU A 631 -5.14 -13.19 -3.80
C GLU A 631 -4.72 -14.31 -2.86
N PHE A 632 -4.94 -14.18 -1.56
CA PHE A 632 -4.48 -15.19 -0.61
C PHE A 632 -5.61 -15.84 0.17
N ILE A 633 -6.32 -15.06 1.01
CA ILE A 633 -7.32 -15.59 1.93
C ILE A 633 -8.42 -16.38 1.22
N SER A 634 -9.11 -15.73 0.29
CA SER A 634 -10.27 -16.34 -0.36
C SER A 634 -9.90 -17.41 -1.37
N SER A 635 -8.67 -17.37 -1.92
CA SER A 635 -8.34 -18.18 -3.12
C SER A 635 -7.13 -19.12 -3.06
N GLY A 636 -6.23 -18.93 -2.11
CA GLY A 636 -5.00 -19.74 -1.99
C GLY A 636 -5.16 -21.25 -1.94
N GLU A 637 -6.24 -21.74 -1.32
CA GLU A 637 -6.45 -23.19 -1.25
C GLU A 637 -6.74 -23.77 -2.63
N ALA A 638 -7.68 -23.17 -3.38
CA ALA A 638 -8.01 -23.66 -4.73
C ALA A 638 -6.86 -23.47 -5.69
N LYS A 639 -6.11 -22.35 -5.59
CA LYS A 639 -4.99 -22.14 -6.53
C LYS A 639 -3.75 -22.95 -6.18
N TRP A 640 -3.37 -23.00 -4.92
CA TRP A 640 -2.07 -23.60 -4.60
C TRP A 640 -2.12 -24.79 -3.62
N GLY A 641 -3.29 -25.16 -3.15
CA GLY A 641 -3.39 -26.18 -2.11
C GLY A 641 -2.85 -25.63 -0.78
N GLN A 642 -2.66 -24.31 -0.66
CA GLN A 642 -2.16 -23.68 0.57
C GLN A 642 -3.34 -23.35 1.49
N LEU A 643 -3.32 -23.88 2.71
CA LEU A 643 -4.39 -23.76 3.66
C LEU A 643 -4.12 -22.73 4.72
N SER A 644 -5.18 -22.02 5.11
CA SER A 644 -5.11 -20.99 6.15
C SER A 644 -6.36 -21.00 7.00
N ASP A 645 -6.20 -20.86 8.33
CA ASP A 645 -7.34 -20.81 9.28
C ASP A 645 -7.50 -19.40 9.84
N VAL A 646 -6.96 -18.39 9.17
CA VAL A 646 -7.01 -17.02 9.66
C VAL A 646 -8.47 -16.52 9.84
N VAL A 647 -8.70 -15.77 10.92
CA VAL A 647 -9.97 -15.16 11.28
C VAL A 647 -9.89 -13.66 11.01
N LEU A 648 -10.87 -13.11 10.30
CA LEU A 648 -10.97 -11.68 10.12
C LEU A 648 -12.19 -11.20 10.93
N LEU A 649 -11.96 -10.29 11.86
CA LEU A 649 -13.03 -9.70 12.69
C LEU A 649 -13.31 -8.31 12.12
N LEU A 650 -14.53 -8.11 11.59
CA LEU A 650 -14.92 -6.87 10.90
C LEU A 650 -16.10 -6.14 11.56
N PRO A 651 -15.84 -5.12 12.41
CA PRO A 651 -16.94 -4.39 13.06
C PRO A 651 -17.83 -3.76 11.98
N HIS A 652 -19.13 -4.10 12.05
CA HIS A 652 -20.12 -3.82 11.05
C HIS A 652 -21.46 -3.46 11.69
N GLY A 653 -22.22 -2.58 11.02
CA GLY A 653 -23.57 -2.20 11.48
C GLY A 653 -23.94 -0.78 11.15
N HIS A 654 -25.21 -0.58 10.72
CA HIS A 654 -25.74 0.74 10.41
C HIS A 654 -26.13 1.45 11.69
N GLU A 655 -25.36 2.49 12.07
CA GLU A 655 -25.59 3.23 13.32
C GLU A 655 -25.56 4.75 13.12
N GLY A 656 -25.50 5.21 11.87
CA GLY A 656 -25.48 6.63 11.54
C GLY A 656 -24.14 7.31 11.67
N GLN A 657 -23.04 6.54 11.65
CA GLN A 657 -21.68 7.11 11.77
C GLN A 657 -21.02 7.33 10.39
N GLY A 658 -21.78 7.19 9.32
CA GLY A 658 -21.23 7.47 8.00
C GLY A 658 -20.76 6.31 7.18
N PRO A 659 -20.42 6.56 5.91
CA PRO A 659 -20.09 5.46 4.99
C PRO A 659 -18.76 4.73 5.22
N ASP A 660 -17.86 5.25 6.09
CA ASP A 660 -16.60 4.61 6.45
C ASP A 660 -16.62 4.02 7.87
N HIS A 661 -17.78 4.09 8.56
CA HIS A 661 -17.94 3.53 9.91
C HIS A 661 -19.27 2.75 9.97
N THR A 662 -19.60 2.02 8.88
CA THR A 662 -20.85 1.27 8.79
C THR A 662 -20.70 -0.16 8.24
N SER A 663 -19.87 -0.38 7.20
CA SER A 663 -19.87 -1.68 6.55
C SER A 663 -18.52 -2.33 6.30
N GLY A 664 -18.48 -3.64 6.60
CA GLY A 664 -17.36 -4.51 6.29
C GLY A 664 -17.54 -5.15 4.92
N ARG A 665 -18.54 -4.67 4.14
CA ARG A 665 -18.92 -5.13 2.79
C ARG A 665 -19.16 -6.65 2.72
N ILE A 666 -20.16 -7.12 3.48
CA ILE A 666 -20.62 -8.53 3.48
C ILE A 666 -20.75 -9.03 2.02
N GLU A 667 -21.35 -8.20 1.13
CA GLU A 667 -21.62 -8.53 -0.27
C GLU A 667 -20.36 -8.89 -1.04
N ARG A 668 -19.20 -8.26 -0.75
CA ARG A 668 -17.96 -8.55 -1.44
C ARG A 668 -17.41 -9.92 -1.01
N PHE A 669 -17.47 -10.20 0.28
CA PHE A 669 -17.02 -11.49 0.81
C PHE A 669 -17.94 -12.61 0.31
N LEU A 670 -19.27 -12.36 0.26
CA LEU A 670 -20.21 -13.38 -0.28
C LEU A 670 -19.97 -13.62 -1.76
N GLN A 671 -19.63 -12.56 -2.52
CA GLN A 671 -19.33 -12.65 -3.96
C GLN A 671 -18.03 -13.51 -4.20
N LEU A 672 -17.02 -13.33 -3.33
CA LEU A 672 -15.76 -14.07 -3.40
C LEU A 672 -15.90 -15.56 -3.04
N TRP A 673 -16.83 -15.86 -2.14
CA TRP A 673 -17.06 -17.22 -1.66
C TRP A 673 -17.41 -18.18 -2.80
N ALA A 674 -16.94 -19.41 -2.66
CA ALA A 674 -17.25 -20.63 -3.41
C ALA A 674 -17.04 -21.78 -2.45
N GLU A 675 -17.79 -22.89 -2.66
CA GLU A 675 -17.82 -24.01 -1.72
C GLU A 675 -16.46 -24.41 -1.18
N GLY A 676 -16.36 -24.44 0.12
CA GLY A 676 -15.17 -24.85 0.85
C GLY A 676 -14.05 -23.83 0.92
N SER A 677 -14.30 -22.58 0.49
CA SER A 677 -13.18 -21.64 0.54
C SER A 677 -13.13 -20.93 1.88
N MET A 678 -14.26 -20.41 2.39
CA MET A 678 -14.34 -19.64 3.67
C MET A 678 -15.62 -19.89 4.43
N THR A 679 -15.62 -19.56 5.71
CA THR A 679 -16.83 -19.51 6.51
C THR A 679 -17.10 -18.01 6.74
N ILE A 680 -18.33 -17.57 6.47
CA ILE A 680 -18.71 -16.16 6.62
C ILE A 680 -19.87 -16.10 7.62
N ALA A 681 -19.70 -15.31 8.69
CA ALA A 681 -20.75 -15.26 9.70
C ALA A 681 -21.04 -13.87 10.22
N MET A 682 -22.29 -13.69 10.68
CA MET A 682 -22.72 -12.48 11.39
C MET A 682 -23.53 -12.91 12.63
N PRO A 683 -22.86 -13.36 13.72
CA PRO A 683 -23.59 -13.81 14.93
C PRO A 683 -24.33 -12.66 15.63
N SER A 684 -25.48 -12.98 16.20
CA SER A 684 -26.33 -12.02 16.89
C SER A 684 -26.22 -12.16 18.39
N THR A 685 -25.69 -13.28 18.89
CA THR A 685 -25.59 -13.47 20.35
C THR A 685 -24.16 -13.75 20.80
N PRO A 686 -23.78 -13.34 22.02
CA PRO A 686 -22.41 -13.62 22.53
C PRO A 686 -22.08 -15.13 22.56
N ALA A 687 -23.02 -15.99 22.99
CA ALA A 687 -22.79 -17.45 23.04
C ALA A 687 -22.59 -18.02 21.65
N ASN A 688 -23.34 -17.53 20.62
CA ASN A 688 -23.16 -18.07 19.27
C ASN A 688 -21.80 -17.67 18.71
N TYR A 689 -21.33 -16.46 19.02
CA TYR A 689 -19.96 -16.04 18.65
C TYR A 689 -18.93 -16.94 19.37
N PHE A 690 -19.15 -17.21 20.64
CA PHE A 690 -18.25 -18.08 21.44
C PHE A 690 -18.09 -19.46 20.77
N HIS A 691 -19.23 -20.06 20.34
CA HIS A 691 -19.23 -21.38 19.76
C HIS A 691 -18.63 -21.37 18.37
N LEU A 692 -18.87 -20.32 17.59
CA LEU A 692 -18.30 -20.14 16.25
C LEU A 692 -16.78 -20.15 16.33
N LEU A 693 -16.18 -19.38 17.27
CA LEU A 693 -14.72 -19.35 17.43
C LEU A 693 -14.17 -20.69 17.88
N ARG A 694 -14.84 -21.35 18.85
CA ARG A 694 -14.37 -22.64 19.34
C ARG A 694 -14.51 -23.72 18.27
N ARG A 695 -15.61 -23.71 17.47
CA ARG A 695 -15.77 -24.65 16.34
C ARG A 695 -14.62 -24.43 15.33
N HIS A 696 -14.34 -23.17 15.00
CA HIS A 696 -13.27 -22.80 14.07
C HIS A 696 -11.90 -23.28 14.55
N GLY A 697 -11.64 -23.15 15.85
CA GLY A 697 -10.37 -23.54 16.42
C GLY A 697 -10.21 -25.02 16.64
N LYS A 698 -11.31 -25.78 16.76
CA LYS A 698 -11.24 -27.21 17.10
C LYS A 698 -11.64 -28.18 15.97
N ASP A 699 -12.09 -27.67 14.81
CA ASP A 699 -12.59 -28.55 13.73
C ASP A 699 -11.48 -29.34 12.98
N GLY A 700 -10.21 -28.97 13.16
CA GLY A 700 -9.09 -29.61 12.45
C GLY A 700 -9.10 -29.35 10.95
N ILE A 701 -9.78 -28.27 10.54
CA ILE A 701 -9.90 -27.79 9.15
C ILE A 701 -9.22 -26.43 9.08
N GLN A 702 -8.43 -26.20 8.03
CA GLN A 702 -7.75 -24.94 7.81
C GLN A 702 -8.51 -24.19 6.73
N ARG A 703 -9.43 -23.30 7.18
CA ARG A 703 -10.28 -22.51 6.29
C ARG A 703 -10.51 -21.14 6.91
N PRO A 704 -10.30 -20.02 6.17
CA PRO A 704 -10.53 -18.70 6.78
C PRO A 704 -11.96 -18.48 7.23
N LEU A 705 -12.10 -17.74 8.35
CA LEU A 705 -13.37 -17.35 8.92
C LEU A 705 -13.51 -15.80 8.86
N ILE A 706 -14.63 -15.32 8.31
CA ILE A 706 -14.93 -13.88 8.20
C ILE A 706 -16.08 -13.59 9.14
N VAL A 707 -15.85 -12.73 10.16
CA VAL A 707 -16.89 -12.43 11.16
C VAL A 707 -17.23 -10.96 11.11
N PHE A 708 -18.51 -10.67 10.88
CA PHE A 708 -19.03 -9.30 10.95
C PHE A 708 -19.48 -9.11 12.40
N THR A 709 -18.67 -8.36 13.15
CA THR A 709 -18.80 -8.17 14.58
C THR A 709 -19.55 -6.86 14.93
N PRO A 710 -20.07 -6.74 16.17
CA PRO A 710 -20.85 -5.55 16.53
C PRO A 710 -20.04 -4.38 17.05
N LYS A 711 -20.73 -3.23 17.19
CA LYS A 711 -20.23 -1.98 17.72
C LYS A 711 -21.19 -1.56 18.85
N SER A 712 -22.36 -0.97 18.56
CA SER A 712 -23.32 -0.63 19.63
C SER A 712 -23.95 -1.91 20.23
N MET A 713 -24.04 -3.00 19.46
CA MET A 713 -24.63 -4.26 19.97
C MET A 713 -23.75 -4.86 21.09
N LEU A 714 -22.48 -4.38 21.23
CA LEU A 714 -21.59 -4.79 22.33
C LEU A 714 -22.21 -4.43 23.67
N ARG A 715 -22.93 -3.27 23.73
CA ARG A 715 -23.55 -2.77 24.95
C ARG A 715 -25.09 -2.88 24.92
N ASN A 716 -25.63 -3.72 24.03
CA ASN A 716 -27.06 -3.96 23.98
C ASN A 716 -27.38 -4.99 25.06
N LYS A 717 -28.19 -4.57 26.04
CA LYS A 717 -28.58 -5.34 27.21
C LYS A 717 -29.41 -6.55 26.83
N ALA A 718 -30.10 -6.53 25.67
CA ALA A 718 -30.86 -7.70 25.21
C ALA A 718 -29.91 -8.69 24.56
N ALA A 719 -28.72 -8.23 24.11
CA ALA A 719 -27.76 -9.08 23.40
C ALA A 719 -26.75 -9.71 24.37
N VAL A 720 -27.27 -10.46 25.35
CA VAL A 720 -26.49 -11.14 26.41
C VAL A 720 -26.88 -12.61 26.41
N SER A 721 -26.00 -13.49 26.90
CA SER A 721 -26.24 -14.92 26.92
C SER A 721 -26.24 -15.52 28.32
N ASP A 722 -26.99 -16.62 28.49
CA ASP A 722 -27.09 -17.38 29.74
C ASP A 722 -25.92 -18.36 29.84
N ILE A 723 -25.57 -18.81 31.07
CA ILE A 723 -24.49 -19.78 31.29
C ILE A 723 -24.76 -21.08 30.48
N ARG A 724 -26.03 -21.57 30.47
CA ARG A 724 -26.46 -22.79 29.74
C ARG A 724 -26.13 -22.70 28.25
N ASP A 725 -26.13 -21.49 27.68
CA ASP A 725 -25.77 -21.31 26.26
C ASP A 725 -24.30 -21.65 26.01
N PHE A 726 -23.42 -21.55 27.02
CA PHE A 726 -22.00 -21.89 26.90
C PHE A 726 -21.73 -23.32 27.31
N THR A 727 -22.48 -23.82 28.29
CA THR A 727 -22.25 -25.15 28.84
C THR A 727 -23.08 -26.27 28.21
N GLU A 728 -24.23 -25.97 27.60
CA GLU A 728 -25.14 -27.03 27.10
C GLU A 728 -25.57 -26.84 25.66
N SER A 729 -24.95 -25.91 24.95
CA SER A 729 -25.34 -25.66 23.56
C SER A 729 -24.12 -25.79 22.62
N LYS A 730 -24.27 -25.33 21.38
CA LYS A 730 -23.25 -25.36 20.33
C LYS A 730 -23.54 -24.23 19.34
N PHE A 731 -22.72 -24.09 18.31
CA PHE A 731 -22.95 -23.09 17.29
C PHE A 731 -24.24 -23.42 16.56
N ARG A 732 -25.11 -22.40 16.40
CA ARG A 732 -26.40 -22.52 15.72
C ARG A 732 -26.35 -21.64 14.47
N SER A 733 -26.28 -22.28 13.33
CA SER A 733 -26.18 -21.64 12.02
C SER A 733 -27.47 -20.83 11.70
N VAL A 734 -28.60 -21.28 12.22
CA VAL A 734 -29.91 -20.62 12.05
C VAL A 734 -30.48 -20.47 13.45
N LEU A 735 -31.04 -19.29 13.80
CA LEU A 735 -31.63 -19.11 15.13
C LEU A 735 -33.06 -18.63 15.07
N GLU A 736 -33.91 -19.25 15.87
CA GLU A 736 -35.31 -18.86 16.05
C GLU A 736 -35.44 -17.95 17.27
N GLU A 737 -36.59 -17.29 17.42
CA GLU A 737 -36.87 -16.46 18.60
C GLU A 737 -37.04 -17.37 19.81
N PRO A 738 -36.46 -17.01 20.98
CA PRO A 738 -36.60 -17.88 22.18
C PRO A 738 -38.05 -18.22 22.58
N MET A 739 -39.06 -17.42 22.19
CA MET A 739 -40.45 -17.70 22.58
C MET A 739 -40.94 -18.99 21.91
N TYR A 740 -40.36 -19.39 20.77
CA TYR A 740 -40.73 -20.63 20.08
C TYR A 740 -39.88 -21.82 20.54
N THR A 741 -38.60 -21.60 20.81
CA THR A 741 -37.70 -22.69 21.24
C THR A 741 -37.78 -22.98 22.74
N ASP A 742 -37.91 -21.94 23.58
CA ASP A 742 -37.89 -22.01 25.05
C ASP A 742 -39.19 -21.56 25.69
N GLY A 743 -39.98 -20.77 24.98
CA GLY A 743 -41.23 -20.23 25.53
C GLY A 743 -42.48 -20.92 25.08
N GLU A 744 -43.59 -20.18 25.17
CA GLU A 744 -44.91 -20.70 24.81
C GLU A 744 -45.48 -20.06 23.54
N GLY A 745 -44.59 -19.52 22.70
CA GLY A 745 -44.96 -18.95 21.41
C GLY A 745 -45.58 -19.98 20.49
N ASP A 746 -46.57 -19.57 19.70
CA ASP A 746 -47.24 -20.49 18.79
C ASP A 746 -46.82 -20.16 17.35
N ARG A 747 -45.94 -21.01 16.78
CA ARG A 747 -45.43 -20.93 15.42
C ARG A 747 -46.54 -21.02 14.35
N ASN A 748 -47.65 -21.72 14.67
CA ASN A 748 -48.80 -21.89 13.76
C ASN A 748 -49.57 -20.58 13.51
N LYS A 749 -49.41 -19.58 14.40
CA LYS A 749 -50.07 -18.28 14.23
C LYS A 749 -49.33 -17.39 13.24
N VAL A 750 -48.10 -17.76 12.84
CA VAL A 750 -47.24 -16.96 11.96
C VAL A 750 -47.67 -17.05 10.49
N THR A 751 -47.93 -15.87 9.88
CA THR A 751 -48.28 -15.75 8.45
C THR A 751 -47.22 -14.94 7.70
N ARG A 752 -46.35 -14.20 8.41
CA ARG A 752 -45.29 -13.44 7.77
C ARG A 752 -43.95 -13.78 8.40
N LEU A 753 -43.02 -14.25 7.59
CA LEU A 753 -41.71 -14.59 8.11
C LEU A 753 -40.65 -13.55 7.69
N LEU A 754 -39.90 -13.04 8.68
CA LEU A 754 -38.81 -12.08 8.48
C LEU A 754 -37.49 -12.80 8.67
N LEU A 755 -36.76 -12.95 7.59
CA LEU A 755 -35.48 -13.61 7.60
C LEU A 755 -34.44 -12.51 7.63
N THR A 756 -33.48 -12.60 8.56
CA THR A 756 -32.49 -11.53 8.74
C THR A 756 -31.18 -12.06 9.30
N SER A 757 -30.25 -11.15 9.58
CA SER A 757 -28.95 -11.46 10.19
C SER A 757 -28.45 -10.25 10.96
N GLY A 758 -27.81 -10.49 12.09
CA GLY A 758 -27.19 -9.44 12.90
C GLY A 758 -28.12 -8.66 13.80
N LYS A 759 -27.63 -7.49 14.25
CA LYS A 759 -28.25 -6.61 15.24
C LYS A 759 -29.67 -6.12 14.90
N ILE A 760 -30.06 -5.99 13.61
CA ILE A 760 -31.43 -5.54 13.29
C ILE A 760 -32.48 -6.51 13.91
N TYR A 761 -32.09 -7.76 14.20
CA TYR A 761 -32.96 -8.74 14.86
C TYR A 761 -33.61 -8.14 16.11
N TYR A 762 -32.80 -7.50 17.00
CA TYR A 762 -33.27 -6.93 18.26
C TYR A 762 -34.29 -5.81 18.06
N GLU A 763 -34.10 -5.00 17.00
CA GLU A 763 -35.05 -3.91 16.70
C GLU A 763 -36.34 -4.52 16.15
N LEU A 764 -36.21 -5.57 15.33
CA LEU A 764 -37.40 -6.25 14.81
C LEU A 764 -38.16 -6.91 15.94
N ALA A 765 -37.44 -7.62 16.85
CA ALA A 765 -38.05 -8.34 18.00
C ALA A 765 -38.77 -7.38 18.95
N ALA A 766 -38.14 -6.23 19.29
CA ALA A 766 -38.73 -5.20 20.19
C ALA A 766 -39.99 -4.59 19.56
N ARG A 767 -40.05 -4.43 18.22
CA ARG A 767 -41.23 -3.88 17.53
C ARG A 767 -42.37 -4.94 17.55
N LYS A 768 -42.00 -6.23 17.45
CA LYS A 768 -42.95 -7.35 17.54
C LYS A 768 -43.54 -7.42 18.97
N ALA A 769 -42.67 -7.28 20.00
CA ALA A 769 -43.12 -7.33 21.40
C ALA A 769 -44.05 -6.15 21.71
N LYS A 770 -43.67 -4.92 21.30
CA LYS A 770 -44.45 -3.70 21.50
C LYS A 770 -45.88 -3.83 20.96
N GLU A 771 -46.04 -4.37 19.75
CA GLU A 771 -47.32 -4.51 19.05
C GLU A 771 -47.97 -5.90 19.19
N ASN A 772 -47.38 -6.80 20.03
CA ASN A 772 -47.84 -8.18 20.27
C ASN A 772 -48.15 -8.88 18.94
N ARG A 773 -47.21 -8.79 17.97
CA ARG A 773 -47.38 -9.33 16.62
C ARG A 773 -47.09 -10.83 16.57
N GLU A 774 -48.09 -11.63 16.92
CA GLU A 774 -48.00 -13.10 16.93
C GLU A 774 -47.99 -13.66 15.51
N ASP A 775 -48.47 -12.87 14.55
CA ASP A 775 -48.57 -13.24 13.14
C ASP A 775 -47.19 -13.13 12.40
N VAL A 776 -46.17 -12.57 13.07
CA VAL A 776 -44.84 -12.34 12.48
C VAL A 776 -43.75 -13.10 13.25
N ALA A 777 -42.85 -13.81 12.51
CA ALA A 777 -41.69 -14.47 13.12
C ALA A 777 -40.40 -13.96 12.51
N ILE A 778 -39.33 -13.95 13.31
CA ILE A 778 -38.01 -13.48 12.86
C ILE A 778 -37.03 -14.62 12.96
N VAL A 779 -36.47 -15.04 11.82
CA VAL A 779 -35.49 -16.12 11.77
C VAL A 779 -34.12 -15.51 11.42
N ARG A 780 -33.09 -15.84 12.19
CA ARG A 780 -31.75 -15.31 11.91
C ARG A 780 -30.86 -16.30 11.19
N ILE A 781 -30.16 -15.82 10.17
CA ILE A 781 -29.17 -16.65 9.49
C ILE A 781 -27.84 -16.19 10.08
N GLU A 782 -27.27 -17.01 10.98
CA GLU A 782 -26.03 -16.71 11.72
C GLU A 782 -24.80 -17.01 10.87
N GLN A 783 -24.88 -18.09 10.07
CA GLN A 783 -23.81 -18.49 9.16
C GLN A 783 -24.25 -18.13 7.75
N LEU A 784 -23.67 -17.07 7.17
CA LEU A 784 -24.05 -16.58 5.83
C LEU A 784 -23.49 -17.48 4.71
N ALA A 785 -22.29 -18.07 4.94
CA ALA A 785 -21.64 -18.99 4.00
C ALA A 785 -20.78 -19.99 4.77
N PRO A 786 -20.86 -21.31 4.47
CA PRO A 786 -21.79 -21.95 3.51
C PRO A 786 -23.22 -21.82 4.03
N LEU A 787 -24.17 -21.63 3.11
CA LEU A 787 -25.58 -21.48 3.44
C LEU A 787 -26.05 -22.75 4.16
N PRO A 788 -26.58 -22.63 5.40
CA PRO A 788 -27.05 -23.82 6.11
C PRO A 788 -28.42 -24.24 5.56
N ARG A 789 -28.41 -24.74 4.32
CA ARG A 789 -29.57 -25.15 3.53
C ARG A 789 -30.54 -26.06 4.30
N ARG A 790 -30.05 -27.22 4.81
CA ARG A 790 -30.91 -28.23 5.45
C ARG A 790 -31.47 -27.72 6.79
N ARG A 791 -30.65 -27.00 7.56
CA ARG A 791 -31.09 -26.42 8.82
C ARG A 791 -32.14 -25.29 8.55
N LEU A 792 -31.94 -24.46 7.51
CA LEU A 792 -32.86 -23.38 7.15
C LEU A 792 -34.21 -23.98 6.68
N ALA A 793 -34.20 -25.04 5.87
CA ALA A 793 -35.41 -25.72 5.38
C ALA A 793 -36.21 -26.35 6.54
N GLU A 794 -35.51 -27.03 7.48
CA GLU A 794 -36.13 -27.66 8.66
C GLU A 794 -36.76 -26.62 9.59
N THR A 795 -36.15 -25.44 9.68
CA THR A 795 -36.63 -24.34 10.51
C THR A 795 -37.90 -23.75 9.89
N LEU A 796 -37.87 -23.42 8.58
CA LEU A 796 -39.04 -22.84 7.90
C LEU A 796 -40.24 -23.77 7.88
N ASP A 797 -40.01 -25.11 7.84
CA ASP A 797 -41.12 -26.08 7.87
C ASP A 797 -41.89 -26.01 9.19
N ARG A 798 -41.30 -25.39 10.23
CA ARG A 798 -41.99 -25.31 11.53
C ARG A 798 -43.03 -24.18 11.56
N TYR A 799 -43.15 -23.40 10.47
CA TYR A 799 -44.09 -22.28 10.34
C TYR A 799 -45.02 -22.61 9.16
N PRO A 800 -46.00 -23.53 9.34
CA PRO A 800 -46.79 -24.00 8.17
C PRO A 800 -47.73 -22.98 7.54
N ASN A 801 -48.15 -21.96 8.29
CA ASN A 801 -49.13 -21.01 7.79
C ASN A 801 -48.50 -19.74 7.21
N VAL A 802 -47.19 -19.74 6.93
CA VAL A 802 -46.49 -18.58 6.35
C VAL A 802 -46.98 -18.34 4.91
N LYS A 803 -47.44 -17.11 4.64
CA LYS A 803 -47.96 -16.73 3.32
C LYS A 803 -46.98 -15.80 2.59
N GLU A 804 -46.04 -15.19 3.31
CA GLU A 804 -45.05 -14.29 2.70
C GLU A 804 -43.76 -14.29 3.49
N LYS A 805 -42.65 -14.19 2.77
CA LYS A 805 -41.32 -14.17 3.35
C LYS A 805 -40.56 -12.97 2.89
N PHE A 806 -39.81 -12.33 3.83
CA PHE A 806 -38.98 -11.17 3.51
C PHE A 806 -37.59 -11.31 4.07
N TRP A 807 -36.60 -10.93 3.25
CA TRP A 807 -35.22 -10.82 3.71
C TRP A 807 -35.11 -9.36 4.17
N VAL A 808 -34.88 -9.17 5.46
CA VAL A 808 -34.76 -7.84 6.05
C VAL A 808 -33.29 -7.56 6.32
N GLN A 809 -32.79 -6.39 5.87
CA GLN A 809 -31.41 -5.98 6.13
C GLN A 809 -31.29 -4.46 6.23
N GLU A 810 -30.28 -4.01 6.94
CA GLU A 810 -29.96 -2.60 7.10
C GLU A 810 -29.30 -2.03 5.87
N GLU A 811 -28.56 -2.86 5.16
CA GLU A 811 -27.71 -2.41 4.06
C GLU A 811 -28.49 -1.98 2.85
N PRO A 812 -27.90 -1.08 2.02
CA PRO A 812 -28.51 -0.76 0.71
C PRO A 812 -28.81 -2.03 -0.10
N ALA A 813 -29.84 -2.00 -0.96
CA ALA A 813 -30.31 -3.14 -1.77
C ALA A 813 -29.20 -3.82 -2.61
N ASN A 814 -28.16 -3.06 -3.04
CA ASN A 814 -27.05 -3.61 -3.83
C ASN A 814 -25.92 -4.10 -2.90
N GLN A 815 -26.15 -4.05 -1.58
CA GLN A 815 -25.13 -4.49 -0.60
C GLN A 815 -25.75 -5.47 0.40
N GLY A 816 -24.95 -5.88 1.39
CA GLY A 816 -25.39 -6.84 2.39
C GLY A 816 -25.56 -8.22 1.81
N ALA A 817 -26.44 -9.02 2.39
CA ALA A 817 -26.59 -10.39 1.89
C ALA A 817 -27.61 -10.50 0.75
N TRP A 818 -28.49 -9.48 0.53
CA TRP A 818 -29.51 -9.56 -0.53
C TRP A 818 -28.95 -9.88 -1.94
N PRO A 819 -27.91 -9.21 -2.52
CA PRO A 819 -27.50 -9.60 -3.88
C PRO A 819 -27.23 -11.10 -4.04
N SER A 820 -26.60 -11.78 -3.08
CA SER A 820 -26.37 -13.22 -3.25
C SER A 820 -27.59 -14.06 -2.81
N PHE A 821 -28.24 -13.75 -1.66
CA PHE A 821 -29.41 -14.48 -1.13
C PHE A 821 -30.65 -14.35 -2.00
N GLY A 822 -30.90 -13.16 -2.56
CA GLY A 822 -32.02 -12.88 -3.46
C GLY A 822 -31.94 -13.77 -4.69
N LEU A 823 -30.72 -14.08 -5.11
CA LEU A 823 -30.48 -14.94 -6.26
C LEU A 823 -30.38 -16.41 -5.85
N THR A 824 -29.63 -16.75 -4.79
CA THR A 824 -29.39 -18.14 -4.41
C THR A 824 -30.54 -18.83 -3.67
N LEU A 825 -31.19 -18.18 -2.68
CA LEU A 825 -32.27 -18.81 -1.87
C LEU A 825 -33.42 -19.36 -2.75
N PRO A 826 -34.00 -18.63 -3.73
CA PRO A 826 -35.09 -19.23 -4.54
C PRO A 826 -34.62 -20.41 -5.39
N GLU A 827 -33.31 -20.52 -5.64
CA GLU A 827 -32.80 -21.63 -6.44
C GLU A 827 -32.46 -22.87 -5.59
N ILE A 828 -31.75 -22.70 -4.45
CA ILE A 828 -31.37 -23.84 -3.61
C ILE A 828 -32.58 -24.35 -2.80
N LEU A 829 -33.55 -23.47 -2.46
CA LEU A 829 -34.74 -23.88 -1.71
C LEU A 829 -36.00 -23.33 -2.39
N PRO A 830 -36.33 -23.82 -3.62
CA PRO A 830 -37.50 -23.28 -4.35
C PRO A 830 -38.86 -23.47 -3.68
N ASP A 831 -39.04 -24.51 -2.83
CA ASP A 831 -40.34 -24.72 -2.19
C ASP A 831 -40.51 -23.81 -0.97
N HIS A 832 -39.42 -23.14 -0.53
CA HIS A 832 -39.43 -22.21 0.60
C HIS A 832 -39.25 -20.74 0.18
N PHE A 833 -38.40 -20.47 -0.83
CA PHE A 833 -38.06 -19.10 -1.12
C PHE A 833 -38.51 -18.54 -2.47
N THR A 834 -39.41 -19.23 -3.19
CA THR A 834 -39.94 -18.63 -4.41
C THR A 834 -40.93 -17.56 -3.94
N GLY A 835 -40.76 -16.33 -4.43
CA GLY A 835 -41.58 -15.19 -4.03
C GLY A 835 -40.95 -14.38 -2.93
N LEU A 836 -39.74 -14.76 -2.48
CA LEU A 836 -39.00 -14.06 -1.42
C LEU A 836 -38.80 -12.60 -1.83
N LYS A 837 -39.18 -11.68 -0.97
CA LYS A 837 -39.03 -10.25 -1.23
C LYS A 837 -37.99 -9.63 -0.31
N ARG A 838 -37.51 -8.47 -0.68
CA ARG A 838 -36.49 -7.74 0.05
C ARG A 838 -37.06 -6.53 0.77
N ILE A 839 -36.61 -6.30 2.00
CA ILE A 839 -36.87 -5.08 2.77
C ILE A 839 -35.48 -4.57 3.17
N SER A 840 -35.10 -3.41 2.63
CA SER A 840 -33.78 -2.85 2.91
C SER A 840 -33.73 -1.37 2.59
N ARG A 841 -32.55 -0.77 2.79
CA ARG A 841 -32.27 0.58 2.37
C ARG A 841 -32.21 0.55 0.86
N ARG A 842 -32.47 1.69 0.22
CA ARG A 842 -32.40 1.79 -1.23
C ARG A 842 -30.96 1.54 -1.70
N ALA A 843 -30.77 1.13 -2.98
CA ALA A 843 -29.43 0.93 -3.54
C ALA A 843 -28.61 2.26 -3.47
N MET A 844 -27.33 2.18 -3.09
CA MET A 844 -26.48 3.36 -2.92
C MET A 844 -25.08 3.12 -3.45
N SER A 845 -24.41 4.19 -3.94
CA SER A 845 -23.02 4.13 -4.42
C SER A 845 -22.02 4.12 -3.26
N ALA A 846 -22.49 4.29 -2.04
CA ALA A 846 -21.68 4.25 -0.82
C ALA A 846 -22.34 3.30 0.19
N PRO A 847 -21.64 2.83 1.24
CA PRO A 847 -22.28 1.90 2.20
C PRO A 847 -23.48 2.48 2.99
N SER A 848 -23.56 3.81 3.11
CA SER A 848 -24.63 4.51 3.83
C SER A 848 -24.69 5.97 3.42
N SER A 849 -25.65 6.69 3.99
CA SER A 849 -25.76 8.13 3.88
C SER A 849 -24.71 8.72 4.84
N GLY A 850 -24.31 9.96 4.63
CA GLY A 850 -23.35 10.63 5.50
C GLY A 850 -24.04 11.38 6.64
N SER A 851 -25.38 11.33 6.70
CA SER A 851 -26.21 12.01 7.70
C SER A 851 -26.81 11.01 8.72
N SER A 852 -26.61 11.25 10.03
CA SER A 852 -27.17 10.40 11.08
C SER A 852 -28.69 10.54 11.13
N LYS A 853 -29.23 11.73 10.75
CA LYS A 853 -30.68 11.96 10.72
C LYS A 853 -31.34 11.15 9.61
N VAL A 854 -30.68 11.10 8.41
CA VAL A 854 -31.16 10.32 7.28
C VAL A 854 -31.10 8.84 7.68
N HIS A 855 -29.97 8.41 8.32
CA HIS A 855 -29.84 7.04 8.82
C HIS A 855 -31.05 6.62 9.65
N ALA A 856 -31.41 7.46 10.69
CA ALA A 856 -32.50 7.18 11.64
C ALA A 856 -33.83 7.08 10.93
N VAL A 857 -34.10 7.96 9.94
CA VAL A 857 -35.33 7.95 9.13
C VAL A 857 -35.40 6.64 8.32
N GLU A 858 -34.29 6.24 7.67
CA GLU A 858 -34.21 5.01 6.88
C GLU A 858 -34.38 3.77 7.76
N GLN A 859 -33.77 3.76 8.96
CA GLN A 859 -33.87 2.63 9.89
C GLN A 859 -35.33 2.39 10.30
N GLN A 860 -36.06 3.48 10.64
CA GLN A 860 -37.47 3.41 11.05
C GLN A 860 -38.36 2.91 9.92
N GLU A 861 -38.05 3.34 8.67
CA GLU A 861 -38.74 2.96 7.43
C GLU A 861 -38.68 1.42 7.20
N ILE A 862 -37.51 0.80 7.47
CA ILE A 862 -37.32 -0.66 7.34
C ILE A 862 -38.26 -1.39 8.35
N LEU A 863 -38.26 -0.94 9.63
CA LEU A 863 -39.09 -1.51 10.72
C LEU A 863 -40.58 -1.37 10.39
N ASP A 864 -40.99 -0.17 9.93
CA ASP A 864 -42.36 0.13 9.53
C ASP A 864 -42.78 -0.75 8.35
N THR A 865 -41.88 -0.96 7.37
CA THR A 865 -42.19 -1.81 6.21
C THR A 865 -42.31 -3.28 6.64
N ALA A 866 -41.41 -3.75 7.51
CA ALA A 866 -41.39 -5.13 8.01
C ALA A 866 -42.67 -5.50 8.76
N PHE A 867 -43.30 -4.51 9.45
CA PHE A 867 -44.51 -4.71 10.24
C PHE A 867 -45.75 -4.00 9.67
N GLY A 868 -45.67 -3.55 8.41
CA GLY A 868 -46.75 -2.83 7.74
C GLY A 868 -47.92 -3.68 7.33
N SER B 11 36.19 -57.35 -1.02
CA SER B 11 34.87 -56.68 -0.95
C SER B 11 34.79 -55.68 0.23
N ALA B 12 34.33 -54.44 -0.04
CA ALA B 12 34.15 -53.37 0.95
C ALA B 12 32.79 -52.70 0.79
N LEU B 13 32.45 -51.79 1.74
CA LEU B 13 31.16 -51.08 1.76
C LEU B 13 31.31 -49.56 1.82
N LEU B 14 30.35 -48.85 1.22
CA LEU B 14 30.21 -47.39 1.30
C LEU B 14 28.87 -47.08 1.89
N VAL B 15 28.83 -46.36 3.01
CA VAL B 15 27.56 -45.96 3.62
C VAL B 15 27.43 -44.45 3.50
N VAL B 16 26.28 -43.96 3.02
CA VAL B 16 26.09 -42.52 2.92
C VAL B 16 25.77 -41.98 4.32
N LYS B 17 26.60 -41.05 4.84
CA LYS B 17 26.38 -40.42 6.14
C LYS B 17 25.70 -39.05 6.02
N ARG B 18 25.88 -38.33 4.88
CA ARG B 18 25.27 -37.02 4.60
C ARG B 18 24.81 -36.99 3.16
N GLY B 19 23.57 -36.55 2.97
CA GLY B 19 22.96 -36.49 1.65
C GLY B 19 21.51 -36.92 1.70
N PRO B 20 20.73 -36.59 0.65
CA PRO B 20 19.30 -36.99 0.62
C PRO B 20 19.08 -38.50 0.76
N ASN B 21 20.09 -39.31 0.39
CA ASN B 21 20.00 -40.78 0.46
C ASN B 21 20.78 -41.33 1.66
N ALA B 22 20.95 -40.54 2.74
CA ALA B 22 21.67 -40.93 3.95
C ALA B 22 21.19 -42.29 4.45
N GLY B 23 22.14 -43.13 4.83
CA GLY B 23 21.88 -44.48 5.31
C GLY B 23 22.04 -45.54 4.26
N SER B 24 21.92 -45.15 2.96
CA SER B 24 22.10 -46.04 1.81
C SER B 24 23.50 -46.65 1.84
N ARG B 25 23.57 -47.93 1.45
CA ARG B 25 24.77 -48.74 1.41
C ARG B 25 25.10 -49.17 0.00
N PHE B 26 26.38 -49.15 -0.37
CA PHE B 26 26.84 -49.58 -1.69
C PHE B 26 27.99 -50.54 -1.52
N LEU B 27 27.86 -51.71 -2.13
CA LEU B 27 28.91 -52.73 -2.08
C LEU B 27 29.97 -52.45 -3.13
N LEU B 28 31.24 -52.51 -2.72
CA LEU B 28 32.39 -52.37 -3.61
C LEU B 28 32.98 -53.75 -3.80
N ASP B 29 32.63 -54.43 -4.91
CA ASP B 29 33.04 -55.81 -5.15
C ASP B 29 33.36 -56.08 -6.62
N GLN B 30 33.72 -55.02 -7.36
CA GLN B 30 34.07 -55.13 -8.77
C GLN B 30 35.33 -54.26 -9.01
N PRO B 31 36.07 -54.45 -10.15
CA PRO B 31 37.30 -53.67 -10.38
C PRO B 31 37.06 -52.15 -10.38
N THR B 32 36.00 -51.65 -11.05
CA THR B 32 35.66 -50.21 -11.06
C THR B 32 34.21 -50.00 -10.66
N THR B 33 33.98 -49.06 -9.74
CA THR B 33 32.66 -48.66 -9.28
C THR B 33 32.55 -47.16 -9.51
N SER B 34 31.76 -46.74 -10.51
CA SER B 34 31.61 -45.31 -10.82
C SER B 34 30.67 -44.62 -9.82
N ALA B 35 31.03 -43.41 -9.41
CA ALA B 35 30.26 -42.56 -8.51
C ALA B 35 30.14 -41.19 -9.14
N GLY B 36 28.90 -40.80 -9.47
CA GLY B 36 28.64 -39.51 -10.11
C GLY B 36 27.18 -39.24 -10.35
N ARG B 37 26.90 -38.17 -11.12
CA ARG B 37 25.54 -37.74 -11.44
C ARG B 37 24.97 -38.44 -12.69
N HIS B 38 25.82 -39.10 -13.48
CA HIS B 38 25.34 -39.85 -14.65
C HIS B 38 24.32 -40.91 -14.17
N PRO B 39 23.10 -40.96 -14.75
CA PRO B 39 22.11 -41.95 -14.26
C PRO B 39 22.58 -43.41 -14.38
N ASP B 40 23.61 -43.68 -15.21
CA ASP B 40 24.14 -45.04 -15.36
C ASP B 40 25.28 -45.34 -14.34
N SER B 41 25.59 -44.42 -13.42
CA SER B 41 26.65 -44.63 -12.41
C SER B 41 26.34 -45.84 -11.52
N ASP B 42 27.40 -46.52 -11.03
CA ASP B 42 27.22 -47.65 -10.13
C ASP B 42 26.70 -47.12 -8.81
N ILE B 43 27.14 -45.90 -8.45
CA ILE B 43 26.69 -45.15 -7.28
C ILE B 43 26.20 -43.82 -7.84
N PHE B 44 24.88 -43.74 -8.09
CA PHE B 44 24.23 -42.56 -8.63
C PHE B 44 24.05 -41.53 -7.50
N LEU B 45 24.80 -40.43 -7.58
CA LEU B 45 24.78 -39.35 -6.58
C LEU B 45 24.15 -38.12 -7.25
N ASP B 46 22.83 -38.01 -7.09
CA ASP B 46 22.01 -37.02 -7.78
C ASP B 46 21.94 -35.66 -7.06
N ASP B 47 22.88 -34.77 -7.42
CA ASP B 47 22.94 -33.40 -6.91
C ASP B 47 23.77 -32.52 -7.84
N VAL B 48 23.38 -31.22 -7.97
CA VAL B 48 24.07 -30.22 -8.80
C VAL B 48 25.58 -30.10 -8.41
N THR B 49 25.95 -30.41 -7.15
CA THR B 49 27.35 -30.34 -6.66
C THR B 49 28.20 -31.54 -7.13
N VAL B 50 27.54 -32.53 -7.74
CA VAL B 50 28.21 -33.72 -8.25
C VAL B 50 28.26 -33.65 -9.78
N SER B 51 29.46 -33.74 -10.35
CA SER B 51 29.65 -33.75 -11.79
C SER B 51 29.15 -35.07 -12.38
N ARG B 52 28.74 -35.05 -13.67
CA ARG B 52 28.24 -36.21 -14.40
C ARG B 52 29.17 -37.43 -14.19
N ARG B 53 30.49 -37.22 -14.33
CA ARG B 53 31.55 -38.20 -14.04
C ARG B 53 32.34 -37.58 -12.96
N HIS B 54 32.34 -38.19 -11.78
CA HIS B 54 32.94 -37.49 -10.65
C HIS B 54 34.12 -38.25 -10.12
N ALA B 55 33.86 -39.44 -9.56
CA ALA B 55 34.88 -40.30 -9.00
C ALA B 55 34.67 -41.77 -9.40
N GLU B 56 35.67 -42.59 -9.13
CA GLU B 56 35.65 -44.03 -9.32
C GLU B 56 36.31 -44.69 -8.14
N PHE B 57 35.76 -45.82 -7.72
CA PHE B 57 36.34 -46.66 -6.67
C PHE B 57 36.93 -47.84 -7.40
N ARG B 58 38.27 -47.94 -7.41
CA ARG B 58 39.02 -48.96 -8.15
C ARG B 58 39.65 -49.96 -7.21
N LEU B 59 39.26 -51.23 -7.35
CA LEU B 59 39.76 -52.34 -6.55
C LEU B 59 40.76 -53.15 -7.37
N GLU B 60 41.91 -53.45 -6.75
CA GLU B 60 43.02 -54.19 -7.32
C GLU B 60 43.78 -54.85 -6.18
N GLY B 61 43.77 -56.18 -6.14
CA GLY B 61 44.46 -56.99 -5.13
C GLY B 61 44.09 -56.69 -3.69
N GLY B 62 42.80 -56.67 -3.40
CA GLY B 62 42.25 -56.41 -2.06
C GLY B 62 42.35 -54.97 -1.60
N GLU B 63 43.02 -54.12 -2.40
CA GLU B 63 43.26 -52.70 -2.16
C GLU B 63 42.22 -51.86 -2.92
N PHE B 64 41.52 -50.98 -2.19
CA PHE B 64 40.50 -50.09 -2.76
C PHE B 64 41.06 -48.70 -2.87
N GLN B 65 40.83 -48.08 -4.01
CA GLN B 65 41.33 -46.74 -4.28
C GLN B 65 40.23 -45.84 -4.80
N VAL B 66 40.20 -44.57 -4.35
CA VAL B 66 39.26 -43.59 -4.88
C VAL B 66 40.04 -42.72 -5.86
N VAL B 67 39.44 -42.46 -7.04
CA VAL B 67 40.10 -41.68 -8.08
C VAL B 67 39.14 -40.59 -8.56
N ASP B 68 39.60 -39.31 -8.58
CA ASP B 68 38.79 -38.23 -9.14
C ASP B 68 38.99 -38.28 -10.66
N VAL B 69 37.89 -38.38 -11.42
CA VAL B 69 38.00 -38.49 -12.87
C VAL B 69 37.64 -37.15 -13.59
N GLY B 70 38.08 -36.02 -13.03
CA GLY B 70 37.87 -34.69 -13.62
C GLY B 70 36.59 -33.97 -13.21
N SER B 71 36.17 -34.11 -11.95
CA SER B 71 34.98 -33.40 -11.46
C SER B 71 35.28 -31.92 -11.25
N LEU B 72 34.23 -31.10 -11.14
CA LEU B 72 34.44 -29.67 -10.87
C LEU B 72 34.72 -29.43 -9.37
N ASN B 73 33.92 -30.03 -8.45
CA ASN B 73 34.05 -29.76 -7.01
C ASN B 73 35.07 -30.65 -6.29
N GLY B 74 35.73 -31.54 -7.01
CA GLY B 74 36.76 -32.40 -6.45
C GLY B 74 36.26 -33.57 -5.62
N THR B 75 37.19 -34.34 -5.10
CA THR B 75 36.95 -35.51 -4.24
C THR B 75 37.82 -35.33 -3.03
N TYR B 76 37.20 -35.46 -1.85
CA TYR B 76 37.93 -35.33 -0.58
C TYR B 76 37.96 -36.65 0.13
N VAL B 77 39.09 -36.93 0.78
CA VAL B 77 39.30 -38.10 1.63
C VAL B 77 39.76 -37.55 2.96
N ASN B 78 38.96 -37.76 4.01
CA ASN B 78 39.17 -37.25 5.36
C ASN B 78 39.41 -35.74 5.33
N ARG B 79 38.52 -35.05 4.59
CA ARG B 79 38.41 -33.59 4.42
C ARG B 79 39.66 -32.96 3.76
N GLU B 80 40.41 -33.77 2.99
CA GLU B 80 41.60 -33.34 2.26
C GLU B 80 41.39 -33.62 0.78
N PRO B 81 41.62 -32.64 -0.13
CA PRO B 81 41.39 -32.89 -1.57
C PRO B 81 42.37 -33.90 -2.15
N VAL B 82 41.89 -34.83 -2.98
CA VAL B 82 42.75 -35.86 -3.60
C VAL B 82 42.46 -36.03 -5.10
N ASP B 83 43.50 -36.49 -5.81
CA ASP B 83 43.43 -36.90 -7.20
C ASP B 83 43.14 -38.39 -7.19
N SER B 84 43.84 -39.10 -6.28
CA SER B 84 43.72 -40.53 -6.02
C SER B 84 44.19 -40.82 -4.59
N ALA B 85 43.55 -41.79 -3.92
CA ALA B 85 43.96 -42.20 -2.57
C ALA B 85 43.60 -43.65 -2.29
N VAL B 86 44.51 -44.37 -1.62
CA VAL B 86 44.30 -45.74 -1.15
C VAL B 86 43.39 -45.60 0.07
N LEU B 87 42.21 -46.24 0.04
CA LEU B 87 41.25 -46.14 1.13
C LEU B 87 41.54 -47.12 2.25
N ALA B 88 41.23 -46.72 3.47
CA ALA B 88 41.38 -47.54 4.68
C ALA B 88 40.10 -47.44 5.49
N ASN B 89 39.72 -48.54 6.15
CA ASN B 89 38.52 -48.67 7.00
C ASN B 89 38.26 -47.40 7.83
N GLY B 90 37.04 -46.89 7.73
CA GLY B 90 36.63 -45.70 8.46
C GLY B 90 36.83 -44.36 7.78
N ASP B 91 37.51 -44.33 6.60
CA ASP B 91 37.76 -43.08 5.86
C ASP B 91 36.47 -42.46 5.35
N GLU B 92 36.41 -41.11 5.44
CA GLU B 92 35.27 -40.36 4.91
C GLU B 92 35.61 -39.83 3.51
N VAL B 93 34.76 -40.13 2.53
CA VAL B 93 34.91 -39.67 1.15
C VAL B 93 33.82 -38.64 0.90
N GLN B 94 34.20 -37.48 0.37
CA GLN B 94 33.24 -36.43 0.04
C GLN B 94 33.19 -36.24 -1.48
N ILE B 95 31.97 -36.39 -2.04
CA ILE B 95 31.67 -36.23 -3.46
C ILE B 95 30.51 -35.25 -3.53
N GLY B 96 30.82 -34.01 -3.88
CA GLY B 96 29.85 -32.92 -3.84
C GLY B 96 29.43 -32.77 -2.39
N LYS B 97 28.13 -32.65 -2.14
CA LYS B 97 27.60 -32.49 -0.79
C LYS B 97 27.49 -33.87 -0.07
N PHE B 98 27.65 -34.98 -0.81
CA PHE B 98 27.56 -36.32 -0.23
C PHE B 98 28.83 -36.66 0.57
N ARG B 99 28.64 -37.27 1.75
CA ARG B 99 29.69 -37.79 2.62
C ARG B 99 29.41 -39.24 2.79
N LEU B 100 30.40 -40.06 2.42
CA LEU B 100 30.32 -41.51 2.50
C LEU B 100 31.44 -42.04 3.39
N VAL B 101 31.17 -43.08 4.17
CA VAL B 101 32.20 -43.73 4.99
C VAL B 101 32.52 -45.06 4.31
N PHE B 102 33.83 -45.36 4.16
CA PHE B 102 34.35 -46.58 3.57
C PHE B 102 34.59 -47.60 4.69
N LEU B 103 33.96 -48.77 4.61
CA LEU B 103 34.12 -49.82 5.65
C LEU B 103 34.61 -51.12 5.04
N THR B 104 35.36 -51.92 5.83
CA THR B 104 35.93 -53.21 5.43
C THR B 104 35.10 -54.35 6.06
N ASP C 2 48.13 13.85 22.67
CA ASP C 2 47.43 14.32 21.48
C ASP C 2 47.90 15.73 21.09
N SER C 3 48.28 15.88 19.82
CA SER C 3 48.74 17.14 19.24
C SER C 3 47.57 17.92 18.62
N ILE C 4 47.88 19.12 18.04
CA ILE C 4 46.92 19.98 17.35
C ILE C 4 46.30 19.23 16.16
N GLU C 5 47.10 18.36 15.50
CA GLU C 5 46.67 17.51 14.38
C GLU C 5 45.59 16.53 14.83
N ASP C 6 45.77 15.93 16.04
CA ASP C 6 44.82 14.98 16.62
C ASP C 6 43.57 15.71 17.12
N LYS C 7 43.77 16.93 17.67
CA LYS C 7 42.71 17.78 18.21
C LYS C 7 41.76 18.23 17.07
N ASN C 8 42.33 18.66 15.92
CA ASN C 8 41.63 19.08 14.70
C ASN C 8 40.71 18.00 14.17
N ALA C 9 41.26 16.77 14.03
CA ALA C 9 40.56 15.58 13.56
C ALA C 9 39.32 15.31 14.39
N ARG C 10 39.40 15.53 15.71
CA ARG C 10 38.26 15.30 16.59
C ARG C 10 37.24 16.44 16.49
N VAL C 11 37.70 17.68 16.25
CA VAL C 11 36.82 18.85 16.10
C VAL C 11 35.98 18.70 14.82
N ILE C 12 36.63 18.32 13.69
CA ILE C 12 35.93 18.11 12.42
C ILE C 12 34.98 16.94 12.56
N GLU C 13 35.35 15.89 13.32
CA GLU C 13 34.46 14.76 13.54
C GLU C 13 33.26 15.18 14.42
N LEU C 14 33.48 16.10 15.40
CA LEU C 14 32.44 16.63 16.30
C LEU C 14 31.43 17.47 15.49
N ILE C 15 31.93 18.33 14.56
CA ILE C 15 31.10 19.17 13.66
C ILE C 15 30.19 18.24 12.83
N ALA C 16 30.78 17.17 12.25
CA ALA C 16 30.04 16.18 11.46
C ALA C 16 29.02 15.43 12.33
N ALA C 17 29.39 15.10 13.59
CA ALA C 17 28.49 14.38 14.51
C ALA C 17 27.22 15.21 14.81
N TYR C 18 27.35 16.54 14.99
CA TYR C 18 26.17 17.41 15.23
C TYR C 18 25.31 17.55 13.98
N ARG C 19 25.94 17.67 12.81
CA ARG C 19 25.25 17.79 11.55
C ARG C 19 24.48 16.52 11.23
N ASN C 20 25.09 15.34 11.51
CA ASN C 20 24.46 14.05 11.25
C ASN C 20 23.47 13.61 12.30
N ARG C 21 23.80 13.81 13.60
CA ARG C 21 23.01 13.23 14.69
C ARG C 21 22.55 14.19 15.81
N GLY C 22 22.81 15.50 15.67
CA GLY C 22 22.38 16.47 16.68
C GLY C 22 20.88 16.42 16.95
N HIS C 23 20.10 16.08 15.92
CA HIS C 23 18.62 15.96 15.98
C HIS C 23 18.18 14.95 17.04
N LEU C 24 19.00 13.91 17.33
CA LEU C 24 18.71 12.90 18.35
C LEU C 24 18.74 13.47 19.76
N MET C 25 19.42 14.62 19.95
CA MET C 25 19.57 15.31 21.24
C MET C 25 18.73 16.57 21.33
N ALA C 26 18.09 17.02 20.23
CA ALA C 26 17.32 18.26 20.25
C ALA C 26 16.12 18.20 21.23
N ASP C 27 15.75 19.36 21.79
CA ASP C 27 14.63 19.50 22.71
C ASP C 27 13.32 19.67 21.90
N ILE C 28 12.88 18.61 21.24
CA ILE C 28 11.72 18.65 20.35
C ILE C 28 10.41 18.20 20.99
N ASP C 29 10.45 17.42 22.07
CA ASP C 29 9.25 16.87 22.71
C ASP C 29 8.68 17.86 23.76
N PRO C 30 7.48 18.46 23.56
CA PRO C 30 6.92 19.38 24.58
C PRO C 30 6.53 18.69 25.90
N LEU C 31 6.44 17.36 25.92
CA LEU C 31 6.10 16.57 27.10
C LEU C 31 7.32 16.07 27.85
N ARG C 32 8.51 16.02 27.18
CA ARG C 32 9.78 15.52 27.72
C ARG C 32 9.59 14.15 28.41
N LEU C 33 8.86 13.24 27.74
CA LEU C 33 8.53 11.90 28.26
C LEU C 33 9.79 11.04 28.49
N ASP C 34 10.72 11.04 27.53
CA ASP C 34 11.97 10.29 27.61
C ASP C 34 13.02 11.13 28.35
N ASN C 35 13.27 10.80 29.62
CA ASN C 35 14.24 11.52 30.46
C ASN C 35 15.67 11.26 29.98
N THR C 36 15.96 9.99 29.61
CA THR C 36 17.26 9.47 29.15
C THR C 36 17.73 10.11 27.82
N ARG C 37 16.87 10.93 27.16
CA ARG C 37 17.15 11.61 25.88
C ARG C 37 18.41 12.47 25.95
N PHE C 38 18.61 13.19 27.07
CA PHE C 38 19.77 14.06 27.26
C PHE C 38 20.77 13.44 28.24
N LEU C 51 38.76 15.31 23.31
CA LEU C 51 38.60 16.72 23.65
C LEU C 51 38.17 16.91 25.11
N THR C 52 38.79 17.89 25.80
CA THR C 52 38.57 18.22 27.22
C THR C 52 38.10 19.67 27.40
N LEU C 53 37.77 20.06 28.65
CA LEU C 53 37.31 21.41 29.00
C LEU C 53 38.36 22.49 28.67
N TRP C 54 39.66 22.14 28.72
CA TRP C 54 40.78 23.04 28.43
C TRP C 54 40.85 23.38 26.92
N ASP C 55 40.26 22.52 26.07
CA ASP C 55 40.23 22.66 24.61
C ASP C 55 39.20 23.70 24.16
N LEU C 56 38.25 24.09 25.03
CA LEU C 56 37.18 25.04 24.73
C LEU C 56 37.69 26.39 24.19
N ASP C 57 38.83 26.89 24.69
CA ASP C 57 39.37 28.19 24.28
C ASP C 57 40.44 28.08 23.19
N ARG C 58 40.73 26.85 22.74
CA ARG C 58 41.67 26.60 21.65
C ARG C 58 40.95 26.85 20.30
N GLU C 59 41.63 27.54 19.36
CA GLU C 59 41.08 27.89 18.04
C GLU C 59 41.30 26.77 17.04
N PHE C 60 40.37 26.61 16.09
CA PHE C 60 40.39 25.57 15.06
C PHE C 60 39.89 26.11 13.72
N LYS C 61 40.50 25.66 12.60
CA LYS C 61 40.11 26.07 11.25
C LYS C 61 38.81 25.37 10.84
N VAL C 62 37.84 26.16 10.35
CA VAL C 62 36.50 25.71 9.93
C VAL C 62 36.17 26.41 8.60
N VAL C 68 36.74 29.98 5.36
CA VAL C 68 38.04 29.54 5.86
C VAL C 68 38.35 30.34 7.15
N GLN C 69 37.42 30.22 8.11
CA GLN C 69 37.43 30.88 9.41
C GLN C 69 38.30 30.11 10.43
N ARG C 70 38.48 30.74 11.60
CA ARG C 70 39.13 30.24 12.80
C ARG C 70 38.14 30.49 13.93
N LYS C 71 37.80 29.45 14.70
CA LYS C 71 36.83 29.59 15.78
C LYS C 71 37.24 28.81 17.00
N LYS C 72 36.95 29.34 18.20
CA LYS C 72 37.16 28.63 19.46
C LYS C 72 36.18 27.47 19.53
N LEU C 73 36.55 26.36 20.20
CA LEU C 73 35.69 25.20 20.33
C LEU C 73 34.37 25.58 21.05
N ARG C 74 34.42 26.45 22.08
CA ARG C 74 33.19 26.88 22.75
C ARG C 74 32.22 27.58 21.77
N ASP C 75 32.76 28.35 20.78
CA ASP C 75 31.98 29.07 19.78
C ASP C 75 31.44 28.11 18.74
N ILE C 76 32.24 27.07 18.39
CA ILE C 76 31.80 26.03 17.44
C ILE C 76 30.61 25.30 18.08
N LEU C 77 30.79 24.87 19.36
CA LEU C 77 29.75 24.15 20.12
C LEU C 77 28.48 24.96 20.22
N SER C 78 28.60 26.27 20.51
CA SER C 78 27.48 27.20 20.63
C SER C 78 26.65 27.28 19.33
N VAL C 79 27.32 27.41 18.15
CA VAL C 79 26.64 27.46 16.84
C VAL C 79 25.94 26.11 16.59
N LEU C 80 26.65 25.00 16.82
CA LEU C 80 26.12 23.65 16.61
C LEU C 80 24.92 23.32 17.52
N ARG C 81 24.99 23.67 18.81
CA ARG C 81 23.89 23.40 19.74
C ARG C 81 22.67 24.26 19.42
N ASP C 82 22.86 25.54 19.01
CA ASP C 82 21.77 26.43 18.60
C ASP C 82 21.13 25.99 17.31
N ALA C 83 21.94 25.50 16.36
CA ALA C 83 21.43 25.03 15.07
C ALA C 83 20.74 23.67 15.17
N TYR C 84 21.32 22.73 15.93
CA TYR C 84 20.83 21.36 15.90
C TYR C 84 20.24 20.77 17.18
N CYS C 85 20.39 21.45 18.32
CA CYS C 85 20.01 20.82 19.58
C CYS C 85 19.02 21.66 20.44
N ARG C 86 18.37 22.67 19.85
CA ARG C 86 17.36 23.44 20.58
C ARG C 86 15.95 22.90 20.24
N HIS C 87 15.02 23.71 19.72
CA HIS C 87 13.65 23.24 19.49
C HIS C 87 13.42 22.67 18.10
N VAL C 88 14.49 22.62 17.27
CA VAL C 88 14.46 22.13 15.89
C VAL C 88 15.51 21.05 15.70
N GLY C 89 15.07 19.88 15.29
CA GLY C 89 15.93 18.76 14.95
C GLY C 89 15.99 18.69 13.43
N VAL C 90 17.18 18.90 12.84
CA VAL C 90 17.37 18.89 11.38
C VAL C 90 18.03 17.58 10.90
N GLU C 91 17.39 16.92 9.95
CA GLU C 91 17.89 15.74 9.25
C GLU C 91 18.07 16.10 7.79
N TYR C 92 19.32 16.18 7.32
CA TYR C 92 19.60 16.58 5.94
C TYR C 92 20.86 15.95 5.38
N THR C 93 21.74 15.31 6.20
CA THR C 93 22.99 14.79 5.64
C THR C 93 22.77 13.52 4.81
N HIS C 94 21.56 12.93 4.86
CA HIS C 94 21.20 11.80 4.02
C HIS C 94 20.99 12.27 2.54
N ILE C 95 20.72 13.57 2.30
CA ILE C 95 20.49 14.14 0.95
C ILE C 95 21.75 13.93 0.08
N LEU C 96 21.58 13.33 -1.11
CA LEU C 96 22.70 12.99 -1.99
C LEU C 96 23.25 14.17 -2.78
N GLU C 97 22.42 15.22 -2.99
CA GLU C 97 22.80 16.44 -3.71
C GLU C 97 23.58 17.36 -2.75
N PRO C 98 24.91 17.56 -2.95
CA PRO C 98 25.67 18.39 -1.98
C PRO C 98 25.24 19.85 -1.92
N GLU C 99 24.72 20.41 -3.04
CA GLU C 99 24.26 21.80 -3.05
C GLU C 99 23.01 21.98 -2.13
N GLN C 100 22.19 20.95 -2.00
CA GLN C 100 20.99 20.95 -1.15
C GLN C 100 21.39 20.89 0.33
N GLN C 101 22.44 20.10 0.64
CA GLN C 101 22.99 20.02 2.01
C GLN C 101 23.58 21.36 2.43
N ARG C 102 24.30 22.02 1.51
CA ARG C 102 24.96 23.31 1.74
C ARG C 102 23.91 24.41 1.98
N TRP C 103 22.83 24.41 1.18
CA TRP C 103 21.71 25.36 1.29
C TRP C 103 21.10 25.30 2.70
N ILE C 104 20.84 24.08 3.23
CA ILE C 104 20.25 23.89 4.56
C ILE C 104 21.25 24.36 5.62
N GLN C 105 22.49 23.87 5.53
CA GLN C 105 23.61 24.22 6.41
C GLN C 105 23.76 25.72 6.59
N GLU C 106 23.73 26.51 5.48
CA GLU C 106 23.87 27.97 5.51
C GLU C 106 22.71 28.67 6.23
N ARG C 107 21.49 28.13 6.13
CA ARG C 107 20.32 28.78 6.74
C ARG C 107 20.09 28.35 8.19
N VAL C 108 20.63 27.19 8.57
CA VAL C 108 20.49 26.61 9.90
C VAL C 108 21.71 27.00 10.80
N GLU C 109 22.92 27.07 10.25
CA GLU C 109 24.14 27.36 11.04
C GLU C 109 24.47 28.87 11.17
N THR C 110 23.45 29.72 11.17
CA THR C 110 23.58 31.17 11.33
C THR C 110 22.79 31.62 12.56
N LYS C 111 23.22 32.76 13.13
CA LYS C 111 22.54 33.42 14.25
C LYS C 111 21.22 33.95 13.68
N HIS C 112 20.12 33.60 14.31
CA HIS C 112 18.83 34.02 13.75
C HIS C 112 18.33 35.30 14.41
N ASP C 113 17.72 36.14 13.57
CA ASP C 113 17.08 37.39 13.96
C ASP C 113 15.78 37.03 14.67
N LYS C 114 15.60 37.48 15.93
CA LYS C 114 14.38 37.21 16.70
C LYS C 114 13.16 37.79 15.96
N PRO C 115 11.97 37.15 15.95
CA PRO C 115 10.82 37.77 15.25
C PRO C 115 10.47 39.12 15.86
N THR C 116 9.97 40.06 15.05
CA THR C 116 9.57 41.38 15.58
C THR C 116 8.35 41.18 16.49
N VAL C 117 8.04 42.16 17.35
CA VAL C 117 6.88 42.12 18.27
C VAL C 117 5.58 41.94 17.44
N ALA C 118 5.47 42.63 16.29
CA ALA C 118 4.31 42.54 15.39
C ALA C 118 4.13 41.10 14.91
N GLU C 119 5.24 40.42 14.57
CA GLU C 119 5.19 39.01 14.13
C GLU C 119 4.77 38.10 15.29
N GLN C 120 5.35 38.31 16.49
CA GLN C 120 5.00 37.53 17.69
C GLN C 120 3.51 37.70 18.07
N LYS C 121 3.00 38.95 17.97
CA LYS C 121 1.61 39.28 18.25
C LYS C 121 0.69 38.67 17.20
N TYR C 122 1.18 38.57 15.93
CA TYR C 122 0.42 37.94 14.84
C TYR C 122 0.29 36.43 15.12
N ILE C 123 1.39 35.77 15.56
CA ILE C 123 1.38 34.36 15.93
C ILE C 123 0.39 34.16 17.09
N LEU C 124 0.46 35.05 18.12
CA LEU C 124 -0.45 35.00 19.26
C LEU C 124 -1.91 35.14 18.78
N SER C 125 -2.18 36.06 17.82
CA SER C 125 -3.53 36.26 17.28
C SER C 125 -4.04 34.98 16.63
N LYS C 126 -3.17 34.22 15.95
CA LYS C 126 -3.50 32.94 15.31
C LYS C 126 -3.72 31.86 16.37
N LEU C 127 -2.90 31.86 17.45
CA LEU C 127 -3.11 30.93 18.57
C LEU C 127 -4.42 31.25 19.29
N ASN C 128 -4.80 32.56 19.34
CA ASN C 128 -6.05 33.01 19.96
C ASN C 128 -7.22 32.42 19.18
N ALA C 129 -7.19 32.54 17.83
CA ALA C 129 -8.22 32.05 16.92
C ALA C 129 -8.30 30.51 16.96
N ALA C 130 -7.13 29.82 17.02
CA ALA C 130 -7.10 28.35 17.06
C ALA C 130 -7.78 27.84 18.34
N GLU C 131 -7.36 28.35 19.51
CA GLU C 131 -7.91 27.92 20.81
C GLU C 131 -9.36 28.37 21.01
N ALA C 132 -9.74 29.57 20.50
CA ALA C 132 -11.12 30.04 20.61
C ALA C 132 -12.07 29.15 19.80
N PHE C 133 -11.61 28.69 18.63
CA PHE C 133 -12.39 27.80 17.77
C PHE C 133 -12.60 26.43 18.46
N GLU C 134 -11.52 25.86 19.06
CA GLU C 134 -11.58 24.57 19.77
C GLU C 134 -12.49 24.64 20.98
N THR C 135 -12.44 25.77 21.72
CA THR C 135 -13.28 25.96 22.90
C THR C 135 -14.73 25.98 22.45
N PHE C 136 -15.03 26.70 21.37
CA PHE C 136 -16.38 26.77 20.82
C PHE C 136 -16.89 25.35 20.48
N LEU C 137 -16.12 24.62 19.66
CA LEU C 137 -16.43 23.28 19.17
C LEU C 137 -16.71 22.30 20.34
N GLN C 138 -15.84 22.28 21.35
CA GLN C 138 -15.95 21.40 22.51
C GLN C 138 -17.06 21.82 23.49
N THR C 139 -17.52 23.09 23.45
CA THR C 139 -18.56 23.61 24.35
C THR C 139 -19.95 23.53 23.73
N LYS C 140 -20.08 23.92 22.47
CA LYS C 140 -21.36 23.98 21.77
C LYS C 140 -21.89 22.59 21.37
N TYR C 141 -21.01 21.66 20.93
CA TYR C 141 -21.46 20.36 20.41
C TYR C 141 -20.92 19.16 21.16
N VAL C 142 -21.60 18.01 20.97
CA VAL C 142 -21.24 16.71 21.51
C VAL C 142 -20.48 15.95 20.41
N GLY C 143 -19.60 15.05 20.81
CA GLY C 143 -18.81 14.23 19.91
C GLY C 143 -17.78 14.95 19.06
N GLN C 144 -17.23 16.06 19.57
CA GLN C 144 -16.19 16.80 18.82
C GLN C 144 -14.79 16.52 19.35
N LYS C 145 -14.68 15.86 20.55
CA LYS C 145 -13.42 15.49 21.22
C LYS C 145 -12.48 14.72 20.30
N ARG C 146 -12.99 13.78 19.50
CA ARG C 146 -12.16 12.97 18.59
C ARG C 146 -11.43 13.80 17.52
N PHE C 147 -11.99 14.96 17.15
CA PHE C 147 -11.43 15.83 16.11
C PHE C 147 -10.67 17.02 16.71
N SER C 148 -10.46 17.01 18.05
CA SER C 148 -9.85 18.12 18.74
C SER C 148 -8.39 18.35 18.36
N LEU C 149 -8.04 19.62 18.23
CA LEU C 149 -6.71 20.10 17.94
C LEU C 149 -5.99 20.57 19.24
N GLU C 150 -6.65 20.47 20.42
CA GLU C 150 -6.05 20.89 21.71
C GLU C 150 -4.78 20.14 21.97
N GLY C 151 -3.71 20.89 22.21
CA GLY C 151 -2.36 20.37 22.37
C GLY C 151 -1.55 20.39 21.08
N ALA C 152 -2.19 20.74 19.93
CA ALA C 152 -1.55 20.81 18.62
C ALA C 152 -1.94 22.08 17.86
N GLU C 153 -2.44 23.08 18.58
CA GLU C 153 -2.92 24.37 18.04
C GLU C 153 -1.88 25.12 17.24
N THR C 154 -0.59 24.92 17.54
CA THR C 154 0.53 25.56 16.84
C THR C 154 0.55 25.18 15.32
N VAL C 155 -0.20 24.13 14.89
CA VAL C 155 -0.28 23.77 13.46
C VAL C 155 -1.00 24.92 12.68
N ILE C 156 -1.86 25.73 13.36
CA ILE C 156 -2.57 26.85 12.72
C ILE C 156 -1.54 27.97 12.37
N PRO C 157 -0.76 28.59 13.31
CA PRO C 157 0.25 29.57 12.85
C PRO C 157 1.28 28.93 11.92
N MET C 158 1.58 27.60 12.07
CA MET C 158 2.53 26.92 11.17
C MET C 158 2.01 26.90 9.72
N MET C 159 0.74 26.46 9.53
CA MET C 159 0.10 26.38 8.22
C MET C 159 -0.03 27.77 7.60
N ASP C 160 -0.36 28.76 8.46
CA ASP C 160 -0.49 30.14 8.06
C ASP C 160 0.85 30.66 7.54
N ALA C 161 1.97 30.28 8.21
CA ALA C 161 3.32 30.68 7.80
C ALA C 161 3.70 30.01 6.46
N VAL C 162 3.28 28.74 6.24
CA VAL C 162 3.49 28.05 4.96
C VAL C 162 2.81 28.84 3.83
N ILE C 163 1.51 29.14 4.00
CA ILE C 163 0.71 29.83 2.98
C ILE C 163 1.24 31.25 2.72
N ASP C 164 1.55 31.99 3.79
CA ASP C 164 2.13 33.34 3.70
C ASP C 164 3.46 33.33 2.93
N GLN C 165 4.30 32.29 3.15
CA GLN C 165 5.58 32.19 2.45
C GLN C 165 5.35 31.89 0.98
N CYS C 166 4.32 31.06 0.64
CA CYS C 166 3.96 30.74 -0.75
C CYS C 166 3.49 32.03 -1.47
N ALA C 167 2.68 32.86 -0.78
CA ALA C 167 2.21 34.16 -1.26
C ALA C 167 3.38 35.11 -1.43
N GLU C 168 4.38 35.03 -0.53
CA GLU C 168 5.60 35.83 -0.62
C GLU C 168 6.38 35.48 -1.92
N HIS C 169 6.35 34.20 -2.38
CA HIS C 169 7.00 33.79 -3.63
C HIS C 169 6.12 34.13 -4.84
N GLY C 170 4.94 34.69 -4.59
CA GLY C 170 4.01 35.11 -5.64
C GLY C 170 3.33 33.95 -6.34
N LEU C 171 3.12 32.83 -5.61
CA LEU C 171 2.50 31.64 -6.17
C LEU C 171 0.98 31.82 -6.24
N ASP C 172 0.33 30.97 -7.03
CA ASP C 172 -1.09 31.03 -7.38
C ASP C 172 -2.04 30.35 -6.41
N GLU C 173 -1.68 29.16 -5.87
CA GLU C 173 -2.59 28.43 -5.01
C GLU C 173 -1.88 27.42 -4.13
N VAL C 174 -2.43 27.20 -2.94
CA VAL C 174 -1.98 26.16 -2.04
C VAL C 174 -3.15 25.20 -1.91
N VAL C 175 -2.96 23.91 -2.28
CA VAL C 175 -4.05 22.95 -2.17
C VAL C 175 -3.71 22.01 -1.00
N ILE C 176 -4.62 21.96 0.00
CA ILE C 176 -4.48 21.18 1.23
C ILE C 176 -5.23 19.85 1.17
N ALA C 177 -4.61 18.82 1.75
CA ALA C 177 -5.24 17.53 2.02
C ALA C 177 -4.90 17.21 3.43
N MET C 178 -5.89 16.75 4.18
CA MET C 178 -5.66 16.46 5.58
C MET C 178 -6.67 15.47 6.12
N PRO C 179 -6.38 14.85 7.29
CA PRO C 179 -7.41 14.03 7.94
C PRO C 179 -8.33 14.94 8.77
N HIS C 180 -9.20 14.35 9.60
CA HIS C 180 -10.21 15.03 10.42
C HIS C 180 -9.65 15.99 11.49
N ARG C 181 -8.59 15.61 12.21
CA ARG C 181 -8.11 16.42 13.34
C ARG C 181 -7.84 17.88 12.96
N GLY C 182 -8.61 18.79 13.55
CA GLY C 182 -8.46 20.22 13.29
C GLY C 182 -9.00 20.71 11.96
N ARG C 183 -9.77 19.88 11.22
CA ARG C 183 -10.30 20.27 9.90
C ARG C 183 -11.19 21.50 9.93
N LEU C 184 -12.14 21.57 10.87
CA LEU C 184 -13.04 22.72 10.97
C LEU C 184 -12.25 23.95 11.39
N ASN C 185 -11.21 23.74 12.21
CA ASN C 185 -10.32 24.81 12.66
C ASN C 185 -9.59 25.37 11.46
N VAL C 186 -9.05 24.48 10.59
CA VAL C 186 -8.34 24.83 9.37
C VAL C 186 -9.30 25.57 8.41
N LEU C 187 -10.54 25.09 8.25
CA LEU C 187 -11.53 25.70 7.39
C LEU C 187 -11.76 27.18 7.77
N ALA C 188 -11.96 27.44 9.07
CA ALA C 188 -12.18 28.79 9.54
C ALA C 188 -10.92 29.64 9.53
N ASN C 189 -9.82 29.12 10.10
CA ASN C 189 -8.64 29.95 10.38
C ASN C 189 -7.54 29.92 9.32
N ILE C 190 -7.64 29.02 8.34
CA ILE C 190 -6.65 28.92 7.26
C ILE C 190 -7.38 29.19 5.94
N VAL C 191 -8.44 28.43 5.60
CA VAL C 191 -9.18 28.59 4.34
C VAL C 191 -10.00 29.91 4.38
N GLY C 192 -10.48 30.29 5.57
CA GLY C 192 -11.22 31.53 5.77
C GLY C 192 -12.71 31.42 5.49
N LYS C 193 -13.29 30.22 5.67
CA LYS C 193 -14.73 30.01 5.45
C LYS C 193 -15.56 30.61 6.59
N PRO C 194 -16.69 31.31 6.30
CA PRO C 194 -17.51 31.86 7.40
C PRO C 194 -18.09 30.77 8.30
N TYR C 195 -18.29 31.10 9.60
CA TYR C 195 -18.84 30.18 10.60
C TYR C 195 -20.23 29.69 10.23
N SER C 196 -21.00 30.54 9.53
CA SER C 196 -22.37 30.28 9.09
C SER C 196 -22.41 29.19 8.02
N GLN C 197 -21.33 29.05 7.23
CA GLN C 197 -21.23 27.99 6.22
C GLN C 197 -20.66 26.70 6.82
N ILE C 198 -19.62 26.80 7.68
CA ILE C 198 -19.00 25.66 8.35
C ILE C 198 -20.02 24.90 9.21
N PHE C 199 -20.81 25.63 10.03
CA PHE C 199 -21.74 24.99 10.95
C PHE C 199 -23.17 24.87 10.43
N SER C 200 -23.44 25.32 9.19
CA SER C 200 -24.76 25.21 8.54
C SER C 200 -25.33 23.79 8.71
N GLU C 201 -26.49 23.66 9.39
CA GLU C 201 -27.21 22.39 9.64
C GLU C 201 -26.27 21.28 10.23
N PHE C 202 -25.35 21.68 11.13
CA PHE C 202 -24.34 20.82 11.76
C PHE C 202 -24.97 19.80 12.72
N GLU C 203 -24.54 18.54 12.64
CA GLU C 203 -25.02 17.46 13.50
C GLU C 203 -24.17 17.34 14.77
N GLY C 215 -18.11 11.98 12.25
CA GLY C 215 -19.01 13.08 12.60
C GLY C 215 -19.72 13.64 11.38
N ASP C 216 -19.82 14.96 11.32
CA ASP C 216 -20.51 15.63 10.22
C ASP C 216 -19.81 15.41 8.86
N VAL C 217 -20.59 15.54 7.77
CA VAL C 217 -20.11 15.46 6.40
C VAL C 217 -19.07 16.63 6.13
N LYS C 218 -19.21 17.78 6.87
CA LYS C 218 -18.31 18.93 6.75
C LYS C 218 -16.85 18.55 6.96
N TYR C 219 -16.60 17.47 7.72
CA TYR C 219 -15.25 16.97 8.01
C TYR C 219 -14.61 16.33 6.77
N HIS C 220 -15.41 16.06 5.73
CA HIS C 220 -14.98 15.41 4.49
C HIS C 220 -15.04 16.31 3.25
N LEU C 221 -15.76 17.44 3.27
CA LEU C 221 -15.98 18.27 2.07
C LEU C 221 -14.78 19.12 1.65
N GLY C 222 -14.77 19.46 0.34
CA GLY C 222 -13.76 20.34 -0.23
C GLY C 222 -14.13 21.78 0.09
N ALA C 223 -13.17 22.72 -0.03
CA ALA C 223 -13.40 24.16 0.18
C ALA C 223 -12.38 24.99 -0.59
N THR C 224 -12.73 26.25 -0.88
CA THR C 224 -11.86 27.23 -1.54
C THR C 224 -12.01 28.57 -0.83
N GLY C 225 -10.93 29.31 -0.78
CA GLY C 225 -10.89 30.65 -0.19
C GLY C 225 -9.69 31.44 -0.67
N THR C 226 -9.59 32.70 -0.26
CA THR C 226 -8.50 33.60 -0.65
C THR C 226 -7.77 34.03 0.61
N TYR C 227 -6.46 33.84 0.61
CA TYR C 227 -5.61 34.22 1.72
C TYR C 227 -4.96 35.55 1.36
N ILE C 228 -5.04 36.51 2.28
CA ILE C 228 -4.45 37.84 2.13
C ILE C 228 -3.29 37.96 3.10
N GLN C 229 -2.07 38.30 2.62
CA GLN C 229 -0.93 38.50 3.51
C GLN C 229 -1.20 39.62 4.50
N MET C 230 -0.85 39.37 5.77
CA MET C 230 -0.98 40.34 6.83
C MET C 230 0.09 41.44 6.65
N PHE C 231 1.34 41.05 6.33
CA PHE C 231 2.44 42.02 6.20
C PHE C 231 2.95 42.27 4.75
N GLY C 232 2.62 41.40 3.80
CA GLY C 232 3.06 41.56 2.41
C GLY C 232 1.98 42.08 1.47
N ASP C 233 2.30 42.19 0.16
CA ASP C 233 1.44 42.75 -0.90
C ASP C 233 0.63 41.73 -1.65
N ASN C 234 0.75 40.45 -1.32
CA ASN C 234 0.11 39.44 -2.14
C ASN C 234 -1.04 38.70 -1.48
N ASP C 235 -1.84 38.07 -2.35
CA ASP C 235 -2.95 37.18 -2.05
C ASP C 235 -2.65 35.86 -2.70
N ILE C 236 -3.23 34.78 -2.20
CA ILE C 236 -3.03 33.45 -2.76
C ILE C 236 -4.30 32.64 -2.50
N GLU C 237 -4.71 31.84 -3.48
CA GLU C 237 -5.88 31.00 -3.32
C GLU C 237 -5.49 29.84 -2.42
N VAL C 238 -6.40 29.47 -1.54
CA VAL C 238 -6.17 28.35 -0.61
C VAL C 238 -7.35 27.42 -0.78
N SER C 239 -7.09 26.17 -1.07
CA SER C 239 -8.20 25.25 -1.22
C SER C 239 -7.94 24.01 -0.38
N LEU C 240 -8.94 23.16 -0.26
CA LEU C 240 -8.85 21.95 0.53
C LEU C 240 -9.62 20.86 -0.20
N THR C 241 -9.01 19.69 -0.36
CA THR C 241 -9.68 18.66 -1.14
C THR C 241 -10.55 17.77 -0.22
N ALA C 242 -11.58 17.13 -0.81
CA ALA C 242 -12.45 16.21 -0.07
C ALA C 242 -11.67 14.91 0.23
N ASN C 243 -12.07 14.15 1.26
CA ASN C 243 -11.36 12.89 1.56
C ASN C 243 -12.24 11.96 2.38
N PRO C 244 -12.01 10.64 2.35
CA PRO C 244 -12.79 9.74 3.21
C PRO C 244 -12.13 9.65 4.59
N SER C 245 -12.60 8.72 5.45
CA SER C 245 -12.02 8.49 6.78
C SER C 245 -10.70 7.73 6.71
N HIS C 246 -10.49 6.99 5.59
CA HIS C 246 -9.30 6.22 5.24
C HIS C 246 -8.08 7.13 5.25
N LEU C 247 -7.35 7.05 6.34
CA LEU C 247 -6.18 7.92 6.54
C LEU C 247 -5.14 7.70 5.46
N GLU C 248 -4.64 8.82 4.89
CA GLU C 248 -3.61 8.88 3.85
C GLU C 248 -4.12 8.53 2.45
N ALA C 249 -5.32 7.94 2.26
CA ALA C 249 -5.80 7.59 0.89
C ALA C 249 -5.83 8.83 -0.06
N VAL C 250 -6.09 10.04 0.49
CA VAL C 250 -6.17 11.27 -0.29
C VAL C 250 -4.80 11.78 -0.78
N ASP C 251 -3.68 11.28 -0.19
CA ASP C 251 -2.33 11.74 -0.55
C ASP C 251 -2.10 11.76 -2.10
N PRO C 252 -2.29 10.65 -2.86
CA PRO C 252 -2.09 10.72 -4.32
C PRO C 252 -3.19 11.50 -5.06
N VAL C 253 -4.38 11.64 -4.46
CA VAL C 253 -5.47 12.40 -5.05
C VAL C 253 -5.07 13.88 -5.05
N LEU C 254 -4.51 14.34 -3.94
CA LEU C 254 -4.03 15.70 -3.80
C LEU C 254 -2.98 16.02 -4.92
N GLU C 255 -2.00 15.12 -5.11
CA GLU C 255 -0.94 15.26 -6.11
C GLU C 255 -1.48 15.40 -7.54
N GLY C 256 -2.45 14.54 -7.92
CA GLY C 256 -3.06 14.58 -9.23
C GLY C 256 -3.85 15.86 -9.46
N LEU C 257 -4.60 16.28 -8.42
CA LEU C 257 -5.41 17.51 -8.47
C LEU C 257 -4.47 18.70 -8.71
N VAL C 258 -3.36 18.80 -7.91
CA VAL C 258 -2.38 19.87 -8.04
C VAL C 258 -1.75 19.82 -9.45
N ARG C 259 -1.32 18.61 -9.91
CA ARG C 259 -0.72 18.54 -11.25
C ARG C 259 -1.68 19.07 -12.35
N ALA C 260 -3.00 18.70 -12.27
CA ALA C 260 -4.03 19.11 -13.24
C ALA C 260 -4.13 20.62 -13.30
N LYS C 261 -4.14 21.28 -12.10
CA LYS C 261 -4.15 22.74 -11.95
C LYS C 261 -2.85 23.35 -12.51
N GLN C 262 -1.68 22.71 -12.24
CA GLN C 262 -0.40 23.20 -12.77
C GLN C 262 -0.40 23.15 -14.30
N ASP C 263 -0.89 22.03 -14.89
CA ASP C 263 -0.97 21.88 -16.35
C ASP C 263 -1.86 22.99 -16.96
N LEU C 264 -2.96 23.38 -16.28
CA LEU C 264 -3.88 24.44 -16.73
C LEU C 264 -3.24 25.82 -16.70
N LEU C 265 -2.46 26.10 -15.63
CA LEU C 265 -1.75 27.37 -15.43
C LEU C 265 -0.44 27.43 -16.22
N ASP C 266 -0.10 26.38 -16.99
CA ASP C 266 1.11 26.32 -17.81
C ASP C 266 2.37 26.55 -16.92
N THR C 267 2.36 25.92 -15.72
CA THR C 267 3.45 25.98 -14.74
C THR C 267 3.90 24.55 -14.46
N GLY C 268 5.18 24.37 -14.13
CA GLY C 268 5.68 23.02 -13.86
C GLY C 268 6.10 22.22 -15.07
N GLU C 269 6.13 20.87 -14.93
CA GLU C 269 6.61 19.88 -15.91
C GLU C 269 6.01 20.07 -17.34
N GLU C 270 4.71 20.30 -17.47
CA GLU C 270 4.08 20.53 -18.77
C GLU C 270 3.75 22.03 -18.94
N GLY C 271 4.64 22.88 -18.44
CA GLY C 271 4.47 24.33 -18.47
C GLY C 271 5.68 25.08 -18.98
N SER C 272 5.46 26.30 -19.52
CA SER C 272 6.51 27.17 -20.05
C SER C 272 7.37 27.79 -18.93
N ASP C 273 6.88 27.82 -17.67
CA ASP C 273 7.69 28.31 -16.56
C ASP C 273 8.00 27.14 -15.58
N ASN C 274 9.06 27.29 -14.76
CA ASN C 274 9.41 26.26 -13.78
C ASN C 274 9.07 26.71 -12.36
N ARG C 275 7.99 27.48 -12.18
CA ARG C 275 7.59 27.95 -10.85
C ARG C 275 6.77 26.92 -10.05
N PHE C 276 6.09 25.93 -10.69
CA PHE C 276 5.21 24.96 -9.99
C PHE C 276 4.35 25.73 -8.95
N SER C 277 3.70 26.79 -9.44
CA SER C 277 2.97 27.82 -8.72
C SER C 277 1.68 27.34 -7.99
N VAL C 278 1.39 26.03 -8.01
CA VAL C 278 0.30 25.39 -7.25
C VAL C 278 1.02 24.46 -6.27
N VAL C 279 0.87 24.71 -4.96
CA VAL C 279 1.61 23.98 -3.92
C VAL C 279 0.76 22.96 -3.16
N PRO C 280 1.12 21.66 -3.21
CA PRO C 280 0.42 20.69 -2.33
C PRO C 280 0.93 20.84 -0.90
N LEU C 281 0.01 20.96 0.07
CA LEU C 281 0.30 21.04 1.49
C LEU C 281 -0.39 19.84 2.09
N MET C 282 0.39 18.82 2.43
CA MET C 282 -0.19 17.56 2.87
C MET C 282 -0.03 17.38 4.37
N LEU C 283 -1.15 17.25 5.07
CA LEU C 283 -1.15 17.06 6.52
C LEU C 283 -1.36 15.59 6.86
N HIS C 284 -0.74 15.11 7.94
CA HIS C 284 -0.76 13.71 8.36
C HIS C 284 -0.74 13.59 9.87
N GLY C 285 -0.98 12.37 10.33
CA GLY C 285 -0.84 11.96 11.72
C GLY C 285 0.38 11.06 11.77
N ASP C 286 1.02 10.95 12.95
CA ASP C 286 2.24 10.19 13.18
C ASP C 286 2.08 8.69 12.93
N ALA C 287 1.00 8.07 13.44
CA ALA C 287 0.86 6.61 13.25
C ALA C 287 0.56 6.26 11.79
N ALA C 288 -0.32 7.05 11.13
CA ALA C 288 -0.75 6.82 9.73
C ALA C 288 0.39 7.06 8.73
N PHE C 289 1.21 8.11 8.96
CA PHE C 289 2.31 8.42 8.06
C PHE C 289 3.31 7.27 7.98
N ALA C 290 3.56 6.60 9.10
CA ALA C 290 4.50 5.47 9.15
C ALA C 290 3.89 4.14 8.71
N GLY C 291 2.59 3.94 8.92
CA GLY C 291 2.00 2.64 8.60
C GLY C 291 1.32 2.47 7.27
N GLN C 292 0.90 3.55 6.62
CA GLN C 292 0.15 3.42 5.35
C GLN C 292 1.09 3.43 4.13
N GLY C 293 1.11 2.33 3.39
CA GLY C 293 1.95 2.17 2.20
C GLY C 293 1.72 3.21 1.12
N VAL C 294 0.50 3.78 1.01
CA VAL C 294 0.21 4.82 0.00
C VAL C 294 1.13 6.07 0.20
N VAL C 295 1.66 6.27 1.41
CA VAL C 295 2.58 7.38 1.71
C VAL C 295 3.83 7.19 0.86
N ALA C 296 4.45 5.99 0.92
CA ALA C 296 5.66 5.65 0.13
C ALA C 296 5.40 5.72 -1.37
N GLU C 297 4.26 5.19 -1.83
CA GLU C 297 3.85 5.21 -3.23
C GLU C 297 3.74 6.64 -3.78
N THR C 298 3.17 7.56 -2.96
CA THR C 298 2.98 8.98 -3.30
C THR C 298 4.34 9.73 -3.29
N LEU C 299 5.22 9.45 -2.31
CA LEU C 299 6.57 10.07 -2.27
C LEU C 299 7.33 9.65 -3.50
N ASN C 300 7.12 8.41 -3.94
CA ASN C 300 7.81 7.85 -5.10
C ASN C 300 7.44 8.59 -6.41
N LEU C 301 6.30 9.31 -6.46
CA LEU C 301 5.88 10.09 -7.63
C LEU C 301 6.53 11.48 -7.70
N ALA C 302 7.06 11.95 -6.57
CA ALA C 302 7.58 13.31 -6.35
C ALA C 302 8.48 13.88 -7.46
N LEU C 303 9.32 13.06 -8.11
CA LEU C 303 10.22 13.59 -9.14
C LEU C 303 9.95 12.99 -10.53
N LEU C 304 8.90 12.17 -10.68
CA LEU C 304 8.54 11.56 -11.95
C LEU C 304 7.99 12.60 -12.90
N ARG C 305 8.36 12.49 -14.16
CA ARG C 305 7.93 13.40 -15.23
C ARG C 305 6.39 13.46 -15.35
N GLY C 306 5.71 12.33 -15.27
CA GLY C 306 4.25 12.33 -15.36
C GLY C 306 3.48 12.69 -14.10
N TYR C 307 4.17 12.81 -12.94
CA TYR C 307 3.49 12.97 -11.65
C TYR C 307 4.02 14.08 -10.77
N ARG C 308 5.23 14.61 -11.02
CA ARG C 308 5.83 15.64 -10.18
C ARG C 308 4.96 16.90 -10.14
N THR C 309 4.89 17.52 -8.95
CA THR C 309 4.16 18.74 -8.65
C THR C 309 5.13 19.82 -8.12
N GLY C 310 6.44 19.55 -8.21
CA GLY C 310 7.48 20.50 -7.81
C GLY C 310 7.73 20.56 -6.32
N GLY C 311 7.36 19.47 -5.65
CA GLY C 311 7.55 19.30 -4.23
C GLY C 311 6.34 19.62 -3.38
N THR C 312 6.05 18.71 -2.44
CA THR C 312 4.96 18.81 -1.49
C THR C 312 5.50 19.28 -0.13
N ILE C 313 4.71 20.11 0.59
CA ILE C 313 5.04 20.52 1.94
C ILE C 313 4.27 19.56 2.87
N HIS C 314 4.97 18.69 3.59
CA HIS C 314 4.27 17.77 4.50
C HIS C 314 4.32 18.30 5.92
N ILE C 315 3.17 18.25 6.59
CA ILE C 315 3.08 18.56 8.02
C ILE C 315 2.54 17.32 8.73
N VAL C 316 3.36 16.73 9.61
CA VAL C 316 2.93 15.62 10.46
C VAL C 316 2.58 16.20 11.83
N VAL C 317 1.30 16.08 12.22
CA VAL C 317 0.78 16.49 13.53
C VAL C 317 1.15 15.32 14.44
N ASN C 318 2.37 15.35 14.97
CA ASN C 318 2.91 14.22 15.74
C ASN C 318 2.63 14.38 17.24
N ASN C 319 1.46 13.85 17.66
CA ASN C 319 1.00 13.92 19.04
C ASN C 319 1.46 12.69 19.82
N GLN C 320 2.42 11.94 19.22
CA GLN C 320 3.15 10.81 19.81
C GLN C 320 2.21 9.75 20.35
N ILE C 321 1.11 9.52 19.62
CA ILE C 321 0.09 8.54 19.96
C ILE C 321 -0.79 8.33 18.72
N GLY C 322 -1.35 7.15 18.61
CA GLY C 322 -2.28 6.79 17.54
C GLY C 322 -3.43 6.08 18.20
N PHE C 323 -4.45 6.86 18.66
CA PHE C 323 -5.61 6.34 19.38
C PHE C 323 -5.12 5.81 20.77
N THR C 324 -4.97 4.50 20.98
CA THR C 324 -4.45 3.98 22.25
C THR C 324 -3.02 3.45 22.04
N THR C 325 -2.51 3.50 20.79
CA THR C 325 -1.24 2.87 20.45
C THR C 325 -0.03 3.81 20.61
N ALA C 326 0.97 3.31 21.34
CA ALA C 326 2.22 4.01 21.57
C ALA C 326 3.10 3.93 20.31
N PRO C 327 3.98 4.94 20.04
CA PRO C 327 4.81 4.90 18.83
C PRO C 327 5.65 3.63 18.63
N THR C 328 6.06 2.94 19.70
CA THR C 328 6.86 1.71 19.61
C THR C 328 6.09 0.57 18.94
N ASP C 329 4.74 0.60 18.95
CA ASP C 329 3.96 -0.44 18.25
C ASP C 329 3.50 0.07 16.86
N SER C 330 3.84 1.30 16.52
CA SER C 330 3.41 1.93 15.27
C SER C 330 4.45 1.94 14.18
N ARG C 331 5.73 1.97 14.56
CA ARG C 331 6.82 2.08 13.62
C ARG C 331 8.08 1.39 14.12
N SER C 332 8.96 1.03 13.17
CA SER C 332 10.24 0.38 13.41
C SER C 332 11.43 1.33 13.28
N SER C 333 11.16 2.65 13.29
CA SER C 333 12.22 3.64 13.15
C SER C 333 12.12 4.74 14.19
N GLU C 334 13.20 5.51 14.36
CA GLU C 334 13.27 6.60 15.33
C GLU C 334 12.12 7.60 15.12
N TYR C 335 11.87 8.02 13.86
CA TYR C 335 10.85 9.02 13.55
C TYR C 335 9.73 8.48 12.66
N CYS C 336 8.54 9.07 12.79
CA CYS C 336 7.37 8.70 12.00
C CYS C 336 7.56 9.15 10.53
N THR C 337 8.50 10.07 10.32
CA THR C 337 8.80 10.70 9.03
C THR C 337 9.92 10.02 8.23
N ASP C 338 10.55 8.96 8.77
CA ASP C 338 11.71 8.29 8.18
C ASP C 338 11.48 7.77 6.73
N VAL C 339 10.21 7.46 6.36
CA VAL C 339 9.86 7.03 5.01
C VAL C 339 10.26 8.13 3.98
N ALA C 340 10.16 9.43 4.34
CA ALA C 340 10.52 10.54 3.44
C ALA C 340 12.02 10.52 3.03
N LYS C 341 12.87 9.73 3.73
CA LYS C 341 14.28 9.57 3.41
C LYS C 341 14.43 8.78 2.09
N MET C 342 13.36 8.06 1.71
CA MET C 342 13.20 7.34 0.45
C MET C 342 13.58 8.23 -0.71
N ILE C 343 13.14 9.52 -0.69
CA ILE C 343 13.39 10.46 -1.78
C ILE C 343 14.36 11.60 -1.41
N GLY C 344 15.16 11.40 -0.35
CA GLY C 344 16.12 12.42 0.09
C GLY C 344 15.52 13.76 0.44
N ALA C 345 14.33 13.76 1.05
CA ALA C 345 13.65 14.98 1.51
C ALA C 345 14.29 15.47 2.82
N PRO C 346 14.50 16.79 3.01
CA PRO C 346 14.98 17.24 4.34
C PRO C 346 13.85 17.06 5.36
N ILE C 347 14.19 16.71 6.61
CA ILE C 347 13.19 16.53 7.65
C ILE C 347 13.50 17.47 8.80
N PHE C 348 12.47 18.21 9.26
CA PHE C 348 12.52 19.16 10.36
C PHE C 348 11.60 18.73 11.47
N HIS C 349 12.19 18.26 12.59
CA HIS C 349 11.42 17.87 13.78
C HIS C 349 11.33 19.12 14.62
N VAL C 350 10.13 19.59 14.91
CA VAL C 350 10.05 20.87 15.63
C VAL C 350 9.13 20.78 16.85
N ASN C 351 9.52 21.47 17.92
CA ASN C 351 8.78 21.55 19.18
C ASN C 351 7.49 22.40 19.03
N GLY C 352 6.33 21.72 19.10
CA GLY C 352 5.01 22.35 18.99
C GLY C 352 4.72 23.40 20.07
N ASP C 353 5.48 23.40 21.18
CA ASP C 353 5.33 24.42 22.23
C ASP C 353 6.11 25.69 21.88
N ASP C 354 6.86 25.68 20.75
CA ASP C 354 7.59 26.84 20.27
C ASP C 354 6.97 27.27 18.93
N PRO C 355 5.95 28.16 18.97
CA PRO C 355 5.32 28.60 17.71
C PRO C 355 6.24 29.43 16.81
N GLU C 356 7.28 30.08 17.35
CA GLU C 356 8.23 30.85 16.54
C GLU C 356 9.10 29.90 15.74
N ALA C 357 9.63 28.83 16.39
CA ALA C 357 10.42 27.82 15.69
C ALA C 357 9.53 27.13 14.64
N CYS C 358 8.26 26.83 14.99
CA CYS C 358 7.30 26.20 14.05
C CYS C 358 7.08 27.07 12.81
N ALA C 359 6.84 28.39 12.97
CA ALA C 359 6.61 29.30 11.84
C ALA C 359 7.86 29.45 10.97
N TRP C 360 9.05 29.54 11.60
CA TRP C 360 10.35 29.65 10.96
C TRP C 360 10.65 28.40 10.11
N VAL C 361 10.39 27.20 10.66
CA VAL C 361 10.58 25.93 9.94
C VAL C 361 9.64 25.89 8.71
N ALA C 362 8.40 26.37 8.87
CA ALA C 362 7.41 26.41 7.80
C ALA C 362 7.89 27.28 6.63
N ARG C 363 8.52 28.46 6.93
CA ARG C 363 9.02 29.39 5.91
C ARG C 363 10.23 28.81 5.19
N LEU C 364 11.16 28.22 5.96
CA LEU C 364 12.35 27.56 5.43
C LEU C 364 11.96 26.37 4.50
N ALA C 365 10.93 25.59 4.89
CA ALA C 365 10.44 24.47 4.08
C ALA C 365 9.95 24.97 2.70
N VAL C 366 9.16 26.07 2.68
CA VAL C 366 8.67 26.66 1.44
C VAL C 366 9.86 27.12 0.62
N ASP C 367 10.84 27.82 1.24
CA ASP C 367 12.02 28.29 0.52
C ASP C 367 12.78 27.12 -0.13
N PHE C 368 12.97 26.00 0.60
CA PHE C 368 13.65 24.83 0.06
C PHE C 368 12.86 24.22 -1.08
N ARG C 369 11.51 24.12 -0.93
CA ARG C 369 10.64 23.58 -1.97
C ARG C 369 10.78 24.45 -3.24
N GLN C 370 10.84 25.78 -3.08
CA GLN C 370 10.99 26.72 -4.22
C GLN C 370 12.36 26.61 -4.90
N ALA C 371 13.41 26.42 -4.11
CA ALA C 371 14.77 26.32 -4.65
C ALA C 371 15.04 25.00 -5.37
N PHE C 372 14.54 23.87 -4.84
CA PHE C 372 14.92 22.59 -5.41
C PHE C 372 13.75 21.75 -5.94
N LYS C 373 12.49 22.24 -5.89
CA LYS C 373 11.30 21.56 -6.45
C LYS C 373 11.18 20.13 -5.92
N LYS C 374 11.39 19.99 -4.59
CA LYS C 374 11.39 18.70 -3.93
C LYS C 374 10.66 18.81 -2.60
N ASP C 375 10.12 17.70 -2.15
CA ASP C 375 9.41 17.50 -0.90
C ASP C 375 10.25 17.89 0.31
N VAL C 376 9.57 18.48 1.30
CA VAL C 376 10.06 18.89 2.64
C VAL C 376 9.07 18.34 3.64
N VAL C 377 9.58 17.73 4.71
CA VAL C 377 8.72 17.16 5.74
C VAL C 377 8.94 17.90 7.06
N ILE C 378 7.83 18.36 7.67
CA ILE C 378 7.81 19.02 8.98
C ILE C 378 7.13 18.05 9.95
N ASP C 379 7.89 17.58 10.93
CA ASP C 379 7.39 16.70 11.99
C ASP C 379 7.06 17.63 13.19
N MET C 380 5.77 17.96 13.40
CA MET C 380 5.50 18.87 14.53
C MET C 380 5.19 18.05 15.77
N LEU C 381 6.09 18.08 16.75
CA LEU C 381 5.90 17.30 17.99
C LEU C 381 5.00 18.07 18.91
N CYS C 382 3.91 17.44 19.31
CA CYS C 382 2.87 18.02 20.13
C CYS C 382 2.24 16.90 21.01
N TYR C 383 1.00 17.11 21.47
CA TYR C 383 0.31 16.10 22.28
C TYR C 383 -1.19 16.13 21.97
N ARG C 384 -1.91 15.13 22.43
CA ARG C 384 -3.36 15.04 22.25
C ARG C 384 -3.98 15.26 23.63
N ARG C 385 -4.51 16.46 23.87
CA ARG C 385 -5.01 16.83 25.19
C ARG C 385 -6.15 15.92 25.65
N ARG C 386 -7.13 15.68 24.79
CA ARG C 386 -8.28 14.86 25.15
C ARG C 386 -8.06 13.39 24.76
N GLY C 387 -9.02 12.54 25.14
CA GLY C 387 -9.04 11.13 24.76
C GLY C 387 -9.36 11.05 23.29
N HIS C 388 -9.10 9.91 22.65
CA HIS C 388 -9.36 9.77 21.22
C HIS C 388 -10.85 9.84 20.88
N ASN C 389 -11.72 9.33 21.75
CA ASN C 389 -13.16 9.39 21.49
C ASN C 389 -13.86 10.01 22.71
N GLU C 390 -15.20 9.95 22.76
CA GLU C 390 -15.99 10.48 23.88
C GLU C 390 -16.01 9.43 24.99
N GLY C 391 -16.09 9.89 26.24
CA GLY C 391 -16.11 9.02 27.41
C GLY C 391 -14.80 8.31 27.71
N ASP C 392 -13.87 8.29 26.71
CA ASP C 392 -12.56 7.65 26.78
C ASP C 392 -11.59 8.41 27.68
N ASP C 393 -11.13 7.71 28.73
CA ASP C 393 -10.13 8.14 29.70
C ASP C 393 -8.80 7.56 29.19
N PRO C 394 -7.96 8.38 28.52
CA PRO C 394 -6.72 7.83 27.91
C PRO C 394 -5.68 7.36 28.94
N SER C 395 -5.86 7.68 30.23
CA SER C 395 -4.96 7.18 31.26
C SER C 395 -5.15 5.65 31.49
N MET C 396 -6.20 5.04 30.86
CA MET C 396 -6.45 3.60 30.94
C MET C 396 -5.27 2.83 30.31
N THR C 397 -4.77 3.32 29.17
CA THR C 397 -3.72 2.67 28.38
C THR C 397 -2.41 3.47 28.34
N GLN C 398 -2.44 4.80 28.57
CA GLN C 398 -1.24 5.66 28.58
C GLN C 398 -1.26 6.54 29.88
N PRO C 399 -1.20 5.92 31.10
CA PRO C 399 -1.32 6.70 32.33
C PRO C 399 -0.16 7.69 32.56
N TYR C 400 1.06 7.30 32.19
CA TYR C 400 2.22 8.18 32.35
C TYR C 400 2.12 9.41 31.42
N MET C 401 1.82 9.23 30.14
CA MET C 401 1.69 10.34 29.19
C MET C 401 0.60 11.33 29.64
N TYR C 402 -0.54 10.81 30.10
CA TYR C 402 -1.65 11.68 30.48
C TYR C 402 -1.47 12.31 31.83
N ASP C 403 -0.63 11.75 32.72
CA ASP C 403 -0.32 12.45 33.98
C ASP C 403 0.57 13.66 33.66
N VAL C 404 1.42 13.56 32.62
CA VAL C 404 2.28 14.66 32.17
C VAL C 404 1.41 15.72 31.46
N ILE C 405 0.50 15.30 30.53
CA ILE C 405 -0.40 16.21 29.78
C ILE C 405 -1.26 17.06 30.75
N ASP C 406 -1.76 16.45 31.84
CA ASP C 406 -2.55 17.15 32.85
C ASP C 406 -1.79 18.33 33.51
N THR C 407 -0.44 18.34 33.45
CA THR C 407 0.36 19.47 34.01
C THR C 407 0.62 20.56 32.95
N LYS C 408 0.41 20.25 31.66
CA LYS C 408 0.65 21.18 30.56
C LYS C 408 -0.36 22.30 30.52
N ARG C 409 0.11 23.53 30.39
CA ARG C 409 -0.79 24.66 30.18
C ARG C 409 -1.03 24.78 28.67
N GLY C 410 -2.14 25.39 28.26
CA GLY C 410 -2.44 25.61 26.85
C GLY C 410 -1.31 26.31 26.10
N SER C 411 -1.18 26.03 24.78
CA SER C 411 -0.16 26.63 23.91
C SER C 411 -0.23 28.16 23.92
N ARG C 412 -1.46 28.73 23.88
CA ARG C 412 -1.71 30.17 23.88
C ARG C 412 -1.28 30.80 25.21
N LYS C 413 -1.72 30.27 26.37
CA LYS C 413 -1.34 30.79 27.69
C LYS C 413 0.18 30.70 27.89
N ALA C 414 0.80 29.57 27.45
CA ALA C 414 2.25 29.32 27.51
C ALA C 414 3.03 30.32 26.66
N TYR C 415 2.54 30.63 25.44
CA TYR C 415 3.20 31.58 24.54
C TYR C 415 3.01 33.01 25.05
N THR C 416 1.83 33.32 25.62
CA THR C 416 1.54 34.64 26.19
C THR C 416 2.51 34.89 27.36
N GLU C 417 2.68 33.89 28.26
CA GLU C 417 3.55 33.96 29.45
C GLU C 417 5.02 34.07 29.07
N ALA C 418 5.44 33.38 27.98
CA ALA C 418 6.81 33.42 27.48
C ALA C 418 7.16 34.81 26.95
N LEU C 419 6.19 35.47 26.28
CA LEU C 419 6.37 36.82 25.74
C LEU C 419 6.55 37.82 26.89
N ILE C 420 5.77 37.65 27.98
CA ILE C 420 5.85 38.50 29.19
C ILE C 420 7.23 38.32 29.87
N GLY C 421 7.60 37.05 30.14
CA GLY C 421 8.86 36.65 30.78
C GLY C 421 10.10 37.22 30.10
N ARG C 422 10.14 37.16 28.76
CA ARG C 422 11.23 37.70 27.93
C ARG C 422 11.13 39.23 27.79
N GLY C 423 10.02 39.82 28.22
CA GLY C 423 9.80 41.26 28.10
C GLY C 423 9.48 41.73 26.69
N ASP C 424 9.03 40.80 25.83
CA ASP C 424 8.67 41.10 24.44
C ASP C 424 7.37 41.90 24.39
N ILE C 425 6.47 41.62 25.35
CA ILE C 425 5.21 42.34 25.45
C ILE C 425 5.03 42.79 26.91
N SER C 426 4.29 43.87 27.10
CA SER C 426 3.95 44.40 28.41
C SER C 426 2.71 43.66 28.94
N MET C 427 2.35 43.90 30.22
CA MET C 427 1.18 43.31 30.85
C MET C 427 -0.08 43.89 30.25
N LYS C 428 -0.03 45.18 29.84
CA LYS C 428 -1.11 45.88 29.15
C LYS C 428 -1.37 45.17 27.81
N GLU C 429 -0.28 44.80 27.07
CA GLU C 429 -0.40 44.09 25.79
C GLU C 429 -0.91 42.67 26.01
N ALA C 430 -0.54 42.02 27.15
CA ALA C 430 -1.05 40.68 27.49
C ALA C 430 -2.58 40.78 27.71
N GLU C 431 -3.04 41.84 28.39
CA GLU C 431 -4.46 42.13 28.63
C GLU C 431 -5.16 42.36 27.28
N ASP C 432 -4.51 43.13 26.35
CA ASP C 432 -4.99 43.36 24.98
C ASP C 432 -5.22 42.00 24.27
N ALA C 433 -4.25 41.08 24.42
CA ALA C 433 -4.26 39.73 23.84
C ALA C 433 -5.39 38.88 24.43
N LEU C 434 -5.63 39.02 25.75
CA LEU C 434 -6.70 38.33 26.46
C LEU C 434 -8.07 38.82 25.98
N ARG C 435 -8.23 40.14 25.82
CA ARG C 435 -9.47 40.74 25.31
C ARG C 435 -9.71 40.30 23.88
N ASP C 436 -8.61 40.22 23.06
CA ASP C 436 -8.67 39.71 21.69
C ASP C 436 -9.20 38.28 21.70
N TYR C 437 -8.61 37.39 22.53
CA TYR C 437 -9.03 35.99 22.68
C TYR C 437 -10.53 35.89 23.03
N GLN C 438 -11.03 36.71 24.01
CA GLN C 438 -12.45 36.71 24.41
C GLN C 438 -13.32 37.08 23.19
N GLY C 439 -12.89 38.10 22.47
CA GLY C 439 -13.55 38.56 21.24
C GLY C 439 -13.57 37.48 20.17
N GLN C 440 -12.48 36.68 20.05
CA GLN C 440 -12.42 35.56 19.08
C GLN C 440 -13.48 34.49 19.42
N LEU C 441 -13.65 34.25 20.74
CA LEU C 441 -14.62 33.33 21.33
C LEU C 441 -16.04 33.84 21.07
N GLU C 442 -16.32 35.13 21.39
CA GLU C 442 -17.62 35.76 21.17
C GLU C 442 -18.03 35.68 19.68
N ALA C 443 -17.13 36.08 18.75
CA ALA C 443 -17.34 36.06 17.29
C ALA C 443 -17.95 34.77 16.76
N VAL C 444 -17.41 33.59 17.18
CA VAL C 444 -17.87 32.29 16.70
C VAL C 444 -19.22 31.92 17.37
N PHE C 445 -19.37 32.10 18.72
CA PHE C 445 -20.62 31.81 19.44
C PHE C 445 -21.76 32.66 18.89
N ASN C 446 -21.51 33.95 18.65
CA ASN C 446 -22.48 34.91 18.12
C ASN C 446 -23.03 34.48 16.76
N GLU C 447 -22.13 34.26 15.78
CA GLU C 447 -22.51 33.89 14.40
C GLU C 447 -23.32 32.59 14.33
N VAL C 448 -22.93 31.57 15.12
CA VAL C 448 -23.63 30.28 15.13
C VAL C 448 -25.00 30.47 15.83
N ARG C 449 -25.07 31.34 16.86
CA ARG C 449 -26.33 31.67 17.54
C ARG C 449 -27.27 32.31 16.52
N GLU C 450 -26.78 33.30 15.73
CA GLU C 450 -27.55 33.97 14.68
C GLU C 450 -27.98 33.00 13.54
N LEU C 451 -27.17 31.96 13.25
CA LEU C 451 -27.45 30.98 12.20
C LEU C 451 -28.61 30.04 12.61
N GLU C 452 -28.61 29.53 13.86
CA GLU C 452 -29.62 28.62 14.38
C GLU C 452 -31.02 29.25 14.41
N LYS C 453 -31.09 30.60 14.47
CA LYS C 453 -32.35 31.35 14.53
C LYS C 453 -33.12 31.23 13.21
N HIS C 454 -32.44 31.52 12.06
CA HIS C 454 -33.01 31.45 10.71
C HIS C 454 -31.89 31.44 9.66
N LEU C 472 -25.28 14.71 -28.59
CA LEU C 472 -24.38 15.15 -29.65
C LEU C 472 -23.79 13.96 -30.41
N ALA C 473 -23.45 14.20 -31.69
CA ALA C 473 -22.83 13.19 -32.53
C ALA C 473 -21.36 12.99 -32.14
N THR C 474 -20.91 11.75 -32.08
CA THR C 474 -19.53 11.35 -31.78
C THR C 474 -18.84 10.93 -33.09
N ALA C 475 -19.62 10.83 -34.18
CA ALA C 475 -19.12 10.52 -35.52
C ALA C 475 -18.13 11.59 -35.98
N VAL C 476 -17.16 11.21 -36.81
CA VAL C 476 -16.18 12.14 -37.37
C VAL C 476 -16.18 11.92 -38.88
N ASP C 477 -15.64 12.84 -39.65
CA ASP C 477 -15.63 12.65 -41.11
C ASP C 477 -14.40 11.83 -41.52
N LYS C 478 -14.36 11.35 -42.78
CA LYS C 478 -13.24 10.55 -43.34
C LYS C 478 -11.89 11.29 -43.22
N ALA C 479 -11.88 12.63 -43.44
CA ALA C 479 -10.69 13.48 -43.38
C ALA C 479 -10.04 13.40 -42.01
N MET C 480 -10.86 13.36 -40.95
CA MET C 480 -10.40 13.26 -39.57
C MET C 480 -9.68 11.92 -39.37
N LEU C 481 -10.25 10.80 -39.86
CA LEU C 481 -9.62 9.47 -39.76
C LEU C 481 -8.31 9.44 -40.52
N GLN C 482 -8.31 10.01 -41.73
CA GLN C 482 -7.15 10.03 -42.62
C GLN C 482 -6.02 10.86 -42.03
N ARG C 483 -6.33 12.01 -41.41
CA ARG C 483 -5.36 12.89 -40.76
C ARG C 483 -4.66 12.15 -39.59
N ILE C 484 -5.40 11.35 -38.81
CA ILE C 484 -4.83 10.59 -37.68
C ILE C 484 -3.97 9.44 -38.23
N GLY C 485 -4.41 8.83 -39.32
CA GLY C 485 -3.66 7.77 -39.99
C GLY C 485 -2.36 8.30 -40.55
N ASP C 486 -2.41 9.45 -41.29
CA ASP C 486 -1.27 10.12 -41.91
C ASP C 486 -0.23 10.57 -40.88
N ALA C 487 -0.69 11.01 -39.67
CA ALA C 487 0.16 11.43 -38.54
C ALA C 487 1.17 10.35 -38.15
N HIS C 488 0.76 9.07 -38.27
CA HIS C 488 1.62 7.93 -37.94
C HIS C 488 2.82 7.80 -38.90
N LEU C 489 2.72 8.37 -40.12
CA LEU C 489 3.82 8.35 -41.10
C LEU C 489 4.50 9.74 -41.24
N ALA C 490 4.00 10.79 -40.56
CA ALA C 490 4.60 12.12 -40.63
C ALA C 490 5.76 12.21 -39.64
N LEU C 491 6.76 11.36 -39.85
CA LEU C 491 7.92 11.22 -38.98
C LEU C 491 8.90 12.38 -39.09
N PRO C 492 9.55 12.79 -37.98
CA PRO C 492 10.58 13.85 -38.07
C PRO C 492 11.70 13.49 -39.05
N GLU C 493 12.34 14.49 -39.68
CA GLU C 493 13.45 14.26 -40.61
C GLU C 493 14.56 13.51 -39.89
N GLY C 494 15.06 12.45 -40.53
CA GLY C 494 16.13 11.62 -40.00
C GLY C 494 15.76 10.66 -38.89
N PHE C 495 14.45 10.44 -38.66
CA PHE C 495 13.99 9.53 -37.64
C PHE C 495 14.06 8.08 -38.17
N THR C 496 14.57 7.16 -37.35
CA THR C 496 14.72 5.74 -37.71
C THR C 496 13.70 4.91 -36.94
N VAL C 497 12.61 4.47 -37.61
CA VAL C 497 11.59 3.65 -36.96
C VAL C 497 12.15 2.27 -36.75
N HIS C 498 11.88 1.63 -35.61
CA HIS C 498 12.25 0.24 -35.39
C HIS C 498 11.57 -0.62 -36.47
N PRO C 499 12.26 -1.64 -37.05
CA PRO C 499 11.67 -2.42 -38.15
C PRO C 499 10.35 -3.15 -37.81
N ARG C 500 10.10 -3.45 -36.53
CA ARG C 500 8.87 -4.12 -36.09
C ARG C 500 7.76 -3.09 -35.77
N VAL C 501 8.09 -1.79 -35.75
CA VAL C 501 7.11 -0.72 -35.47
C VAL C 501 6.60 -0.12 -36.80
N ARG C 502 7.50 0.03 -37.80
CA ARG C 502 7.18 0.58 -39.12
C ARG C 502 5.88 -0.07 -39.72
N PRO C 503 5.65 -1.42 -39.72
CA PRO C 503 4.41 -1.95 -40.32
C PRO C 503 3.14 -1.49 -39.59
N VAL C 504 3.23 -1.21 -38.27
CA VAL C 504 2.10 -0.74 -37.45
C VAL C 504 1.69 0.64 -37.96
N LEU C 505 2.67 1.54 -38.18
CA LEU C 505 2.46 2.91 -38.69
C LEU C 505 1.80 2.89 -40.06
N GLU C 506 2.32 2.04 -40.98
CA GLU C 506 1.80 1.90 -42.34
C GLU C 506 0.39 1.27 -42.34
N LYS C 507 0.16 0.27 -41.48
CA LYS C 507 -1.15 -0.38 -41.34
C LYS C 507 -2.20 0.64 -40.85
N ARG C 508 -1.79 1.61 -39.99
CA ARG C 508 -2.73 2.62 -39.47
C ARG C 508 -3.14 3.59 -40.57
N ARG C 509 -2.21 3.96 -41.47
CA ARG C 509 -2.60 4.81 -42.60
C ARG C 509 -3.54 4.03 -43.50
N GLU C 510 -3.23 2.74 -43.73
CA GLU C 510 -4.05 1.83 -44.55
C GLU C 510 -5.47 1.69 -43.96
N MET C 511 -5.58 1.47 -42.64
CA MET C 511 -6.86 1.33 -41.96
C MET C 511 -7.69 2.60 -42.01
N ALA C 512 -7.05 3.78 -41.81
CA ALA C 512 -7.68 5.10 -41.85
C ALA C 512 -8.35 5.37 -43.19
N TYR C 513 -7.80 4.84 -44.31
CA TYR C 513 -8.34 5.08 -45.65
C TYR C 513 -9.19 3.92 -46.17
N GLU C 514 -8.92 2.70 -45.72
CA GLU C 514 -9.54 1.51 -46.29
C GLU C 514 -10.37 0.65 -45.35
N GLY C 515 -10.32 0.91 -44.05
CA GLY C 515 -11.16 0.12 -43.15
C GLY C 515 -10.45 -0.98 -42.41
N ARG C 516 -11.25 -1.93 -41.88
CA ARG C 516 -10.78 -3.02 -41.02
C ARG C 516 -9.96 -2.39 -39.85
N ILE C 517 -10.54 -1.33 -39.22
CA ILE C 517 -9.88 -0.63 -38.12
C ILE C 517 -9.89 -1.57 -36.91
N ASP C 518 -8.68 -1.81 -36.32
CA ASP C 518 -8.55 -2.68 -35.16
C ASP C 518 -8.77 -1.88 -33.88
N TRP C 519 -8.84 -2.57 -32.73
CA TRP C 519 -9.13 -1.94 -31.43
C TRP C 519 -8.12 -0.84 -31.07
N ALA C 520 -6.81 -1.16 -31.14
CA ALA C 520 -5.75 -0.21 -30.76
C ALA C 520 -5.80 1.07 -31.58
N PHE C 521 -6.08 0.98 -32.90
CA PHE C 521 -6.16 2.17 -33.75
C PHE C 521 -7.43 2.95 -33.46
N ALA C 522 -8.57 2.28 -33.24
CA ALA C 522 -9.85 2.93 -32.91
C ALA C 522 -9.71 3.80 -31.63
N GLU C 523 -8.97 3.30 -30.65
CA GLU C 523 -8.69 4.06 -29.43
C GLU C 523 -7.95 5.37 -29.75
N LEU C 524 -6.90 5.31 -30.59
CA LEU C 524 -6.09 6.45 -30.96
C LEU C 524 -6.85 7.40 -31.86
N LEU C 525 -7.82 6.86 -32.62
CA LEU C 525 -8.72 7.64 -33.45
C LEU C 525 -9.61 8.48 -32.55
N ALA C 526 -10.12 7.87 -31.45
CA ALA C 526 -10.97 8.59 -30.46
C ALA C 526 -10.16 9.70 -29.80
N LEU C 527 -8.99 9.34 -29.22
CA LEU C 527 -8.12 10.29 -28.52
C LEU C 527 -7.61 11.39 -29.44
N GLY C 528 -7.20 11.04 -30.66
CA GLY C 528 -6.68 11.95 -31.67
C GLY C 528 -7.70 12.98 -32.15
N SER C 529 -8.97 12.54 -32.39
CA SER C 529 -10.05 13.43 -32.84
C SER C 529 -10.43 14.42 -31.72
N LEU C 530 -10.38 13.98 -30.45
CA LEU C 530 -10.61 14.82 -29.27
C LEU C 530 -9.51 15.88 -29.15
N ILE C 531 -8.23 15.51 -29.36
CA ILE C 531 -7.10 16.46 -29.36
C ILE C 531 -7.29 17.50 -30.50
N ALA C 532 -7.71 17.03 -31.72
CA ALA C 532 -7.95 17.92 -32.87
C ALA C 532 -9.10 18.90 -32.59
N GLU C 533 -10.05 18.51 -31.71
CA GLU C 533 -11.19 19.34 -31.31
C GLU C 533 -10.85 20.25 -30.10
N GLY C 534 -9.58 20.26 -29.67
CA GLY C 534 -9.08 21.12 -28.59
C GLY C 534 -9.07 20.54 -27.19
N LYS C 535 -9.28 19.24 -27.05
CA LYS C 535 -9.30 18.59 -25.74
C LYS C 535 -7.92 18.14 -25.27
N LEU C 536 -7.63 18.35 -23.98
CA LEU C 536 -6.44 17.81 -23.33
C LEU C 536 -6.74 16.34 -23.03
N VAL C 537 -5.86 15.45 -23.48
CA VAL C 537 -5.99 14.02 -23.24
C VAL C 537 -4.77 13.56 -22.45
N ARG C 538 -5.00 13.00 -21.24
CA ARG C 538 -3.97 12.45 -20.37
C ARG C 538 -4.21 10.94 -20.27
N LEU C 539 -3.25 10.14 -20.73
CA LEU C 539 -3.30 8.66 -20.76
C LEU C 539 -2.08 8.12 -20.06
N SER C 540 -2.27 7.22 -19.09
CA SER C 540 -1.13 6.66 -18.36
C SER C 540 -1.45 5.29 -17.79
N GLY C 541 -0.42 4.62 -17.34
CA GLY C 541 -0.49 3.28 -16.79
C GLY C 541 0.82 2.56 -17.01
N GLN C 542 0.91 1.32 -16.54
CA GLN C 542 2.12 0.55 -16.66
C GLN C 542 2.33 0.13 -18.11
N ASP C 543 3.46 0.61 -18.69
CA ASP C 543 3.93 0.40 -20.06
C ASP C 543 2.88 0.87 -21.09
N THR C 544 2.11 1.91 -20.72
CA THR C 544 0.99 2.40 -21.52
C THR C 544 1.42 3.10 -22.83
N GLN C 545 2.65 3.66 -22.91
CA GLN C 545 3.15 4.33 -24.13
C GLN C 545 3.21 3.35 -25.32
N ARG C 546 3.75 2.13 -25.09
CA ARG C 546 3.83 1.09 -26.10
C ARG C 546 2.58 0.20 -26.08
N GLY C 547 2.09 -0.08 -24.88
CA GLY C 547 0.98 -0.98 -24.64
C GLY C 547 1.52 -2.32 -24.16
N THR C 548 0.91 -2.88 -23.09
CA THR C 548 1.27 -4.19 -22.53
C THR C 548 1.34 -5.29 -23.63
N PHE C 549 0.40 -5.25 -24.58
CA PHE C 549 0.26 -6.25 -25.63
C PHE C 549 0.86 -5.74 -26.95
N THR C 550 1.83 -4.78 -26.85
CA THR C 550 2.61 -4.19 -27.95
C THR C 550 1.66 -3.66 -29.04
N GLN C 551 0.54 -3.10 -28.62
CA GLN C 551 -0.48 -2.70 -29.58
C GLN C 551 -0.65 -1.19 -29.73
N ARG C 552 -0.26 -0.38 -28.73
CA ARG C 552 -0.62 1.04 -28.78
C ARG C 552 0.33 1.87 -29.58
N HIS C 553 1.64 1.86 -29.22
CA HIS C 553 2.66 2.67 -29.87
C HIS C 553 2.24 4.14 -29.94
N ALA C 554 1.78 4.69 -28.79
CA ALA C 554 1.41 6.10 -28.63
C ALA C 554 2.70 6.94 -28.73
N VAL C 555 3.83 6.32 -28.36
CA VAL C 555 5.18 6.90 -28.44
C VAL C 555 6.06 5.88 -29.15
N ILE C 556 6.84 6.31 -30.15
CA ILE C 556 7.73 5.44 -30.90
C ILE C 556 9.16 5.96 -30.66
N VAL C 557 10.13 5.03 -30.55
CA VAL C 557 11.50 5.35 -30.18
C VAL C 557 12.46 5.15 -31.36
N ASP C 558 13.28 6.18 -31.65
CA ASP C 558 14.26 6.14 -32.74
C ASP C 558 15.28 5.00 -32.47
N ARG C 559 15.44 4.10 -33.46
CA ARG C 559 16.27 2.92 -33.38
C ARG C 559 17.78 3.24 -33.18
N LYS C 560 18.24 4.42 -33.60
CA LYS C 560 19.65 4.81 -33.51
C LYS C 560 19.96 5.85 -32.43
N THR C 561 18.99 6.70 -32.05
CA THR C 561 19.25 7.79 -31.10
C THR C 561 18.44 7.74 -29.80
N GLY C 562 17.38 6.95 -29.76
CA GLY C 562 16.51 6.89 -28.58
C GLY C 562 15.52 8.02 -28.47
N GLU C 563 15.53 8.98 -29.43
CA GLU C 563 14.61 10.13 -29.48
C GLU C 563 13.17 9.64 -29.58
N GLU C 564 12.24 10.35 -28.94
CA GLU C 564 10.83 9.96 -28.95
C GLU C 564 10.02 10.78 -29.90
N PHE C 565 8.97 10.17 -30.48
CA PHE C 565 8.00 10.78 -31.40
C PHE C 565 6.62 10.30 -31.00
N THR C 566 5.67 11.26 -30.86
CA THR C 566 4.28 11.01 -30.46
C THR C 566 3.36 11.41 -31.62
N PRO C 567 2.96 10.44 -32.46
CA PRO C 567 2.09 10.77 -33.62
C PRO C 567 0.82 11.60 -33.28
N LEU C 568 0.12 11.34 -32.15
CA LEU C 568 -1.12 12.08 -31.86
C LEU C 568 -0.89 13.54 -31.45
N GLN C 569 0.36 13.92 -31.08
CA GLN C 569 0.66 15.32 -30.71
C GLN C 569 0.56 16.24 -31.93
N LEU C 570 0.73 15.69 -33.16
CA LEU C 570 0.59 16.44 -34.41
C LEU C 570 -0.85 16.95 -34.59
N LEU C 571 -1.82 16.34 -33.88
CA LEU C 571 -3.22 16.73 -33.95
C LEU C 571 -3.54 17.95 -33.07
N ALA C 572 -2.57 18.38 -32.23
CA ALA C 572 -2.69 19.57 -31.40
C ALA C 572 -2.51 20.86 -32.24
N THR C 573 -2.19 20.68 -33.54
CA THR C 573 -1.99 21.78 -34.49
C THR C 573 -2.89 21.57 -35.70
N ASN C 574 -3.69 22.60 -36.04
CA ASN C 574 -4.60 22.57 -37.18
C ASN C 574 -3.83 22.56 -38.50
N PRO C 575 -4.43 22.13 -39.64
CA PRO C 575 -3.68 22.19 -40.92
C PRO C 575 -3.06 23.56 -41.22
N ASP C 576 -3.74 24.68 -40.84
CA ASP C 576 -3.27 26.06 -41.08
C ASP C 576 -2.12 26.49 -40.12
N GLY C 577 -1.75 25.63 -39.16
CA GLY C 577 -0.66 25.94 -38.23
C GLY C 577 -1.04 26.47 -36.86
N THR C 578 -2.31 26.86 -36.68
CA THR C 578 -2.78 27.39 -35.38
C THR C 578 -3.01 26.23 -34.38
N PRO C 579 -2.78 26.43 -33.06
CA PRO C 579 -3.05 25.34 -32.11
C PRO C 579 -4.55 25.13 -31.91
N THR C 580 -4.94 23.89 -31.59
CA THR C 580 -6.34 23.53 -31.34
C THR C 580 -6.67 23.79 -29.88
N GLY C 581 -5.63 23.87 -29.04
CA GLY C 581 -5.75 24.01 -27.59
C GLY C 581 -5.66 22.64 -26.94
N GLY C 582 -5.70 21.59 -27.75
CA GLY C 582 -5.60 20.19 -27.34
C GLY C 582 -4.18 19.79 -27.08
N LYS C 583 -3.98 18.65 -26.38
CA LYS C 583 -2.64 18.12 -26.04
C LYS C 583 -2.73 16.63 -25.76
N PHE C 584 -1.63 15.90 -26.02
CA PHE C 584 -1.53 14.48 -25.69
C PHE C 584 -0.47 14.29 -24.62
N LEU C 585 -0.90 13.95 -23.40
CA LEU C 585 0.03 13.72 -22.28
C LEU C 585 0.01 12.25 -21.98
N VAL C 586 0.98 11.50 -22.49
CA VAL C 586 0.97 10.05 -22.34
C VAL C 586 2.20 9.63 -21.56
N TYR C 587 2.01 8.81 -20.52
CA TYR C 587 3.11 8.38 -19.68
C TYR C 587 3.09 6.92 -19.32
N ASN C 588 4.27 6.40 -19.02
CA ASN C 588 4.47 5.10 -18.39
C ASN C 588 4.45 5.39 -16.91
N SER C 589 3.54 4.78 -16.17
CA SER C 589 3.47 5.06 -14.74
C SER C 589 4.57 4.31 -13.97
N ALA C 590 4.66 4.57 -12.68
CA ALA C 590 5.45 3.81 -11.73
C ALA C 590 4.72 2.47 -11.51
N LEU C 591 5.37 1.49 -10.89
CA LEU C 591 4.73 0.21 -10.66
C LEU C 591 3.87 0.29 -9.38
N SER C 592 2.81 1.09 -9.47
CA SER C 592 1.82 1.34 -8.45
C SER C 592 0.44 1.23 -9.02
N GLU C 593 -0.52 0.85 -8.16
CA GLU C 593 -1.93 0.88 -8.54
C GLU C 593 -2.65 1.88 -7.66
N PHE C 594 -2.48 1.79 -6.34
CA PHE C 594 -3.13 2.70 -5.37
C PHE C 594 -2.77 4.19 -5.69
N ALA C 595 -1.48 4.56 -5.68
CA ALA C 595 -1.08 5.96 -5.92
C ALA C 595 -1.42 6.44 -7.34
N ALA C 596 -1.14 5.62 -8.38
CA ALA C 596 -1.44 5.91 -9.79
C ALA C 596 -2.96 6.13 -10.06
N VAL C 597 -3.85 5.23 -9.57
CA VAL C 597 -5.32 5.39 -9.77
C VAL C 597 -5.81 6.63 -8.99
N GLY C 598 -5.28 6.81 -7.76
CA GLY C 598 -5.57 8.00 -6.94
C GLY C 598 -5.22 9.29 -7.66
N PHE C 599 -4.05 9.30 -8.30
CA PHE C 599 -3.54 10.48 -9.02
C PHE C 599 -4.45 10.83 -10.19
N GLU C 600 -4.84 9.82 -10.98
CA GLU C 600 -5.70 10.02 -12.17
C GLU C 600 -7.10 10.47 -11.78
N TYR C 601 -7.65 9.97 -10.67
CA TYR C 601 -8.92 10.44 -10.12
C TYR C 601 -8.75 11.93 -9.75
N GLY C 602 -7.68 12.22 -9.02
CA GLY C 602 -7.35 13.58 -8.59
C GLY C 602 -7.22 14.54 -9.75
N TYR C 603 -6.52 14.10 -10.81
CA TYR C 603 -6.29 14.90 -12.02
C TYR C 603 -7.63 15.28 -12.66
N SER C 604 -8.55 14.29 -12.80
CA SER C 604 -9.85 14.54 -13.43
CA SER C 604 -9.85 14.52 -13.43
C SER C 604 -10.67 15.54 -12.62
N VAL C 605 -10.55 15.50 -11.28
CA VAL C 605 -11.23 16.45 -10.37
C VAL C 605 -10.62 17.88 -10.61
N GLY C 606 -9.29 17.98 -10.72
CA GLY C 606 -8.58 19.24 -10.93
C GLY C 606 -8.83 19.88 -12.29
N ASN C 607 -9.04 19.04 -13.32
CA ASN C 607 -9.36 19.52 -14.66
C ASN C 607 -10.57 18.72 -15.24
N PRO C 608 -11.83 19.19 -15.00
CA PRO C 608 -13.02 18.49 -15.53
C PRO C 608 -13.11 18.46 -17.06
N ASP C 609 -12.36 19.33 -17.76
CA ASP C 609 -12.39 19.40 -19.22
C ASP C 609 -11.39 18.44 -19.87
N ALA C 610 -10.55 17.78 -19.07
CA ALA C 610 -9.57 16.83 -19.55
C ALA C 610 -10.19 15.47 -19.73
N MET C 611 -9.67 14.71 -20.70
CA MET C 611 -9.96 13.31 -20.92
C MET C 611 -8.85 12.59 -20.15
N VAL C 612 -9.18 11.91 -19.03
CA VAL C 612 -8.19 11.25 -18.17
C VAL C 612 -8.43 9.76 -18.12
N LEU C 613 -7.44 9.00 -18.56
CA LEU C 613 -7.53 7.55 -18.65
C LEU C 613 -6.38 6.92 -17.92
N TRP C 614 -6.68 5.93 -17.09
CA TRP C 614 -5.70 5.12 -16.39
C TRP C 614 -5.89 3.73 -16.88
N GLU C 615 -4.78 3.09 -17.23
CA GLU C 615 -4.83 1.74 -17.76
C GLU C 615 -4.12 0.75 -16.84
N ALA C 616 -4.83 -0.31 -16.48
CA ALA C 616 -4.24 -1.41 -15.69
C ALA C 616 -3.42 -2.31 -16.61
N GLN C 617 -2.30 -2.90 -16.14
CA GLN C 617 -1.53 -3.81 -16.98
C GLN C 617 -2.47 -4.97 -17.40
N PHE C 618 -3.12 -5.56 -16.40
CA PHE C 618 -4.21 -6.53 -16.49
C PHE C 618 -5.22 -6.01 -15.48
N GLY C 619 -6.52 -6.13 -15.75
CA GLY C 619 -7.52 -5.61 -14.82
C GLY C 619 -7.41 -6.25 -13.45
N ASP C 620 -6.77 -7.43 -13.37
CA ASP C 620 -6.57 -8.21 -12.13
C ASP C 620 -5.73 -7.47 -11.10
N PHE C 621 -4.93 -6.44 -11.52
CA PHE C 621 -4.09 -5.73 -10.55
C PHE C 621 -4.80 -4.46 -10.00
N VAL C 622 -6.01 -4.11 -10.50
CA VAL C 622 -6.72 -2.91 -10.01
C VAL C 622 -7.22 -3.11 -8.52
N ASN C 623 -7.27 -4.36 -8.03
CA ASN C 623 -7.62 -4.59 -6.62
C ASN C 623 -6.54 -3.95 -5.68
N GLY C 624 -5.36 -3.59 -6.20
CA GLY C 624 -4.35 -2.86 -5.43
C GLY C 624 -4.80 -1.42 -5.14
N ALA C 625 -5.74 -0.89 -5.95
CA ALA C 625 -6.30 0.45 -5.80
C ALA C 625 -7.75 0.41 -5.28
N GLN C 626 -8.14 -0.68 -4.59
CA GLN C 626 -9.50 -0.86 -4.08
C GLN C 626 -10.00 0.31 -3.22
N SER C 627 -9.13 0.94 -2.43
CA SER C 627 -9.47 2.08 -1.56
C SER C 627 -9.84 3.31 -2.39
N ILE C 628 -9.20 3.52 -3.54
CA ILE C 628 -9.54 4.66 -4.40
C ILE C 628 -10.88 4.37 -5.08
N ILE C 629 -11.07 3.12 -5.57
CA ILE C 629 -12.31 2.74 -6.24
C ILE C 629 -13.49 2.93 -5.28
N ASP C 630 -13.38 2.33 -4.10
CA ASP C 630 -14.43 2.37 -3.07
C ASP C 630 -14.64 3.73 -2.46
N GLU C 631 -13.55 4.43 -2.12
CA GLU C 631 -13.71 5.67 -1.36
C GLU C 631 -13.84 6.93 -2.21
N PHE C 632 -13.32 6.91 -3.45
CA PHE C 632 -13.33 8.11 -4.28
C PHE C 632 -14.14 7.94 -5.55
N ILE C 633 -13.69 7.07 -6.46
CA ILE C 633 -14.25 6.94 -7.80
C ILE C 633 -15.76 6.62 -7.77
N SER C 634 -16.13 5.54 -7.10
CA SER C 634 -17.52 5.06 -7.11
C SER C 634 -18.43 5.87 -6.24
N SER C 635 -17.92 6.60 -5.24
CA SER C 635 -18.76 7.18 -4.19
C SER C 635 -18.63 8.69 -3.89
N GLY C 636 -17.55 9.34 -4.35
CA GLY C 636 -17.31 10.76 -4.08
C GLY C 636 -18.41 11.73 -4.46
N GLU C 637 -19.16 11.44 -5.55
CA GLU C 637 -20.24 12.35 -5.97
C GLU C 637 -21.39 12.33 -4.94
N ALA C 638 -21.88 11.12 -4.57
CA ALA C 638 -22.95 11.01 -3.58
C ALA C 638 -22.51 11.52 -2.21
N LYS C 639 -21.27 11.23 -1.79
CA LYS C 639 -20.86 11.68 -0.45
C LYS C 639 -20.49 13.17 -0.39
N TRP C 640 -19.75 13.68 -1.39
CA TRP C 640 -19.24 15.05 -1.24
C TRP C 640 -19.66 16.03 -2.33
N GLY C 641 -20.44 15.59 -3.31
CA GLY C 641 -20.76 16.42 -4.46
C GLY C 641 -19.53 16.60 -5.35
N GLN C 642 -18.47 15.80 -5.13
CA GLN C 642 -17.22 15.91 -5.91
C GLN C 642 -17.32 15.02 -7.15
N LEU C 643 -17.17 15.65 -8.33
CA LEU C 643 -17.33 14.98 -9.62
C LEU C 643 -16.01 14.63 -10.26
N SER C 644 -16.00 13.49 -10.92
CA SER C 644 -14.82 13.00 -11.61
C SER C 644 -15.22 12.32 -12.92
N ASP C 645 -14.46 12.56 -14.00
CA ASP C 645 -14.71 11.93 -15.32
C ASP C 645 -13.60 10.93 -15.62
N VAL C 646 -12.86 10.47 -14.61
CA VAL C 646 -11.75 9.54 -14.82
C VAL C 646 -12.21 8.22 -15.51
N VAL C 647 -11.36 7.73 -16.43
CA VAL C 647 -11.59 6.47 -17.15
C VAL C 647 -10.63 5.42 -16.60
N LEU C 648 -11.15 4.24 -16.29
CA LEU C 648 -10.32 3.09 -15.92
C LEU C 648 -10.39 2.07 -17.06
N LEU C 649 -9.22 1.73 -17.63
CA LEU C 649 -9.12 0.74 -18.70
C LEU C 649 -8.60 -0.55 -18.07
N LEU C 650 -9.42 -1.62 -18.08
CA LEU C 650 -9.11 -2.90 -17.42
C LEU C 650 -9.05 -4.11 -18.37
N PRO C 651 -7.83 -4.49 -18.83
CA PRO C 651 -7.74 -5.65 -19.74
C PRO C 651 -8.28 -6.89 -19.06
N HIS C 652 -9.28 -7.51 -19.73
CA HIS C 652 -10.11 -8.57 -19.22
C HIS C 652 -10.42 -9.63 -20.28
N GLY C 653 -10.55 -10.90 -19.86
CA GLY C 653 -10.93 -11.99 -20.75
C GLY C 653 -10.32 -13.32 -20.37
N HIS C 654 -11.12 -14.40 -20.49
CA HIS C 654 -10.66 -15.76 -20.17
C HIS C 654 -9.88 -16.30 -21.35
N GLU C 655 -8.55 -16.43 -21.18
CA GLU C 655 -7.65 -16.91 -22.24
C GLU C 655 -6.70 -18.01 -21.76
N GLY C 656 -6.91 -18.51 -20.55
CA GLY C 656 -6.08 -19.57 -19.98
C GLY C 656 -4.75 -19.12 -19.42
N GLN C 657 -4.63 -17.85 -19.07
CA GLN C 657 -3.38 -17.33 -18.55
C GLN C 657 -3.37 -17.27 -16.99
N GLY C 658 -4.38 -17.85 -16.39
CA GLY C 658 -4.43 -17.92 -14.93
C GLY C 658 -5.29 -16.90 -14.22
N PRO C 659 -5.44 -17.08 -12.89
CA PRO C 659 -6.38 -16.23 -12.12
C PRO C 659 -5.95 -14.76 -11.91
N ASP C 660 -4.71 -14.40 -12.22
CA ASP C 660 -4.21 -13.01 -12.12
C ASP C 660 -4.04 -12.35 -13.49
N HIS C 661 -4.41 -13.08 -14.58
CA HIS C 661 -4.32 -12.54 -15.95
C HIS C 661 -5.62 -12.86 -16.70
N THR C 662 -6.77 -12.74 -16.01
CA THR C 662 -8.06 -13.08 -16.59
C THR C 662 -9.17 -12.05 -16.30
N SER C 663 -9.25 -11.51 -15.07
CA SER C 663 -10.41 -10.70 -14.71
C SER C 663 -10.13 -9.36 -14.04
N GLY C 664 -10.87 -8.36 -14.52
CA GLY C 664 -10.91 -7.02 -13.93
C GLY C 664 -12.03 -6.93 -12.90
N ARG C 665 -12.64 -8.08 -12.54
CA ARG C 665 -13.76 -8.25 -11.60
C ARG C 665 -14.98 -7.34 -11.92
N ILE C 666 -15.56 -7.54 -13.10
CA ILE C 666 -16.80 -6.87 -13.54
C ILE C 666 -17.84 -6.86 -12.41
N GLU C 667 -18.00 -8.01 -11.73
CA GLU C 667 -18.99 -8.20 -10.65
C GLU C 667 -18.81 -7.23 -9.49
N ARG C 668 -17.56 -6.85 -9.14
CA ARG C 668 -17.31 -5.92 -8.06
C ARG C 668 -17.73 -4.50 -8.46
N PHE C 669 -17.41 -4.09 -9.69
CA PHE C 669 -17.78 -2.78 -10.19
C PHE C 669 -19.30 -2.70 -10.35
N LEU C 670 -19.95 -3.77 -10.84
CA LEU C 670 -21.44 -3.77 -10.94
C LEU C 670 -22.07 -3.71 -9.54
N GLN C 671 -21.46 -4.38 -8.54
CA GLN C 671 -21.97 -4.35 -7.15
C GLN C 671 -21.88 -2.93 -6.54
N LEU C 672 -20.78 -2.21 -6.85
CA LEU C 672 -20.57 -0.83 -6.37
C LEU C 672 -21.52 0.17 -7.03
N TRP C 673 -21.87 -0.08 -8.30
CA TRP C 673 -22.73 0.82 -9.07
C TRP C 673 -24.07 1.07 -8.38
N ALA C 674 -24.55 2.30 -8.55
CA ALA C 674 -25.89 2.82 -8.24
C ALA C 674 -26.16 3.94 -9.24
N GLU C 675 -27.42 4.17 -9.57
CA GLU C 675 -27.85 5.09 -10.63
C GLU C 675 -27.12 6.40 -10.58
N GLY C 676 -26.50 6.75 -11.70
CA GLY C 676 -25.78 8.01 -11.84
C GLY C 676 -24.41 8.07 -11.18
N SER C 677 -23.83 6.91 -10.81
CA SER C 677 -22.51 7.00 -10.18
C SER C 677 -21.37 6.75 -11.19
N MET C 678 -21.48 5.70 -12.04
CA MET C 678 -20.45 5.34 -13.05
C MET C 678 -21.07 4.77 -14.30
N THR C 679 -20.31 4.75 -15.41
CA THR C 679 -20.66 4.05 -16.64
C THR C 679 -19.73 2.86 -16.70
N ILE C 680 -20.28 1.66 -16.89
CA ILE C 680 -19.49 0.42 -16.94
C ILE C 680 -19.72 -0.22 -18.32
N ALA C 681 -18.63 -0.50 -19.04
CA ALA C 681 -18.82 -1.07 -20.36
C ALA C 681 -17.83 -2.18 -20.67
N MET C 682 -18.26 -3.09 -21.58
CA MET C 682 -17.39 -4.13 -22.17
C MET C 682 -17.64 -4.15 -23.69
N PRO C 683 -17.08 -3.18 -24.45
CA PRO C 683 -17.33 -3.16 -25.91
C PRO C 683 -16.70 -4.34 -26.64
N SER C 684 -17.38 -4.81 -27.70
CA SER C 684 -16.94 -5.95 -28.47
C SER C 684 -16.33 -5.52 -29.80
N THR C 685 -16.56 -4.25 -30.21
CA THR C 685 -16.02 -3.80 -31.49
C THR C 685 -15.15 -2.55 -31.32
N PRO C 686 -14.12 -2.37 -32.18
CA PRO C 686 -13.28 -1.15 -32.10
C PRO C 686 -14.08 0.15 -32.28
N ALA C 687 -15.05 0.20 -33.21
CA ALA C 687 -15.88 1.40 -33.41
C ALA C 687 -16.74 1.71 -32.19
N ASN C 688 -17.29 0.69 -31.52
CA ASN C 688 -18.13 0.95 -30.34
C ASN C 688 -17.28 1.50 -29.20
N TYR C 689 -16.04 1.01 -29.04
CA TYR C 689 -15.09 1.57 -28.07
C TYR C 689 -14.77 3.04 -28.44
N PHE C 690 -14.54 3.32 -29.73
CA PHE C 690 -14.27 4.69 -30.22
C PHE C 690 -15.41 5.65 -29.81
N HIS C 691 -16.69 5.26 -30.03
CA HIS C 691 -17.84 6.10 -29.72
C HIS C 691 -18.06 6.25 -28.22
N LEU C 692 -17.80 5.20 -27.45
CA LEU C 692 -17.88 5.22 -26.00
C LEU C 692 -16.93 6.26 -25.43
N LEU C 693 -15.66 6.29 -25.88
CA LEU C 693 -14.67 7.28 -25.40
C LEU C 693 -15.06 8.69 -25.83
N ARG C 694 -15.51 8.86 -27.10
CA ARG C 694 -15.89 10.19 -27.58
C ARG C 694 -17.14 10.69 -26.87
N ARG C 695 -18.13 9.80 -26.60
CA ARG C 695 -19.34 10.14 -25.83
C ARG C 695 -18.92 10.59 -24.43
N HIS C 696 -18.03 9.84 -23.78
CA HIS C 696 -17.53 10.13 -22.45
C HIS C 696 -16.83 11.51 -22.39
N GLY C 697 -16.04 11.81 -23.40
CA GLY C 697 -15.30 13.07 -23.44
C GLY C 697 -16.12 14.27 -23.85
N LYS C 698 -17.26 14.07 -24.57
CA LYS C 698 -18.04 15.20 -25.09
C LYS C 698 -19.43 15.39 -24.44
N ASP C 699 -19.84 14.53 -23.52
CA ASP C 699 -21.20 14.60 -22.95
C ASP C 699 -21.43 15.77 -21.97
N GLY C 700 -20.38 16.43 -21.49
CA GLY C 700 -20.54 17.49 -20.52
C GLY C 700 -20.96 17.01 -19.13
N ILE C 701 -20.77 15.71 -18.85
CA ILE C 701 -21.09 15.04 -17.60
C ILE C 701 -19.76 14.54 -16.99
N GLN C 702 -19.59 14.74 -15.68
CA GLN C 702 -18.40 14.30 -14.96
C GLN C 702 -18.80 13.05 -14.17
N ARG C 703 -18.55 11.87 -14.79
CA ARG C 703 -18.89 10.58 -14.22
C ARG C 703 -17.83 9.56 -14.61
N PRO C 704 -17.25 8.79 -13.66
CA PRO C 704 -16.22 7.79 -14.05
C PRO C 704 -16.73 6.75 -15.01
N LEU C 705 -15.83 6.33 -15.92
CA LEU C 705 -16.09 5.30 -16.91
C LEU C 705 -15.16 4.10 -16.62
N ILE C 706 -15.75 2.91 -16.49
CA ILE C 706 -15.02 1.66 -16.28
C ILE C 706 -15.12 0.87 -17.57
N VAL C 707 -13.97 0.54 -18.21
CA VAL C 707 -13.96 -0.21 -19.47
C VAL C 707 -13.18 -1.50 -19.32
N PHE C 708 -13.85 -2.61 -19.61
CA PHE C 708 -13.21 -3.93 -19.64
C PHE C 708 -12.74 -4.11 -21.06
N THR C 709 -11.43 -3.97 -21.26
CA THR C 709 -10.78 -3.95 -22.55
C THR C 709 -10.17 -5.32 -22.94
N PRO C 710 -9.89 -5.55 -24.24
CA PRO C 710 -9.42 -6.87 -24.68
C PRO C 710 -7.92 -7.07 -24.61
N LYS C 711 -7.49 -8.33 -24.82
CA LYS C 711 -6.10 -8.78 -24.85
C LYS C 711 -5.91 -9.53 -26.17
N SER C 712 -6.38 -10.80 -26.31
CA SER C 712 -6.23 -11.50 -27.60
C SER C 712 -7.23 -10.93 -28.63
N MET C 713 -8.36 -10.36 -28.18
CA MET C 713 -9.36 -9.77 -29.10
C MET C 713 -8.78 -8.55 -29.84
N LEU C 714 -7.63 -7.99 -29.35
CA LEU C 714 -6.91 -6.91 -30.02
C LEU C 714 -6.48 -7.35 -31.39
N ARG C 715 -6.08 -8.66 -31.53
CA ARG C 715 -5.59 -9.22 -32.79
C ARG C 715 -6.59 -10.20 -33.44
N ASN C 716 -7.86 -10.14 -33.03
CA ASN C 716 -8.89 -10.97 -33.64
C ASN C 716 -9.34 -10.27 -34.92
N LYS C 717 -9.12 -10.93 -36.06
CA LYS C 717 -9.40 -10.44 -37.40
C LYS C 717 -10.90 -10.22 -37.62
N ALA C 718 -11.77 -10.91 -36.88
CA ALA C 718 -13.22 -10.68 -36.97
C ALA C 718 -13.60 -9.44 -36.17
N ALA C 719 -12.75 -9.04 -35.20
CA ALA C 719 -13.04 -7.90 -34.31
C ALA C 719 -12.45 -6.60 -34.87
N VAL C 720 -12.87 -6.24 -36.09
CA VAL C 720 -12.43 -5.04 -36.82
C VAL C 720 -13.67 -4.24 -37.24
N SER C 721 -13.51 -2.94 -37.50
CA SER C 721 -14.64 -2.07 -37.86
C SER C 721 -14.45 -1.39 -39.20
N ASP C 722 -15.59 -1.10 -39.88
CA ASP C 722 -15.64 -0.40 -41.16
C ASP C 722 -15.56 1.11 -40.95
N ILE C 723 -15.14 1.87 -41.97
CA ILE C 723 -15.04 3.33 -41.90
C ILE C 723 -16.42 3.94 -41.54
N ARG C 724 -17.52 3.41 -42.16
CA ARG C 724 -18.91 3.80 -41.92
C ARG C 724 -19.27 3.78 -40.43
N ASP C 725 -18.71 2.83 -39.66
CA ASP C 725 -18.95 2.70 -38.22
C ASP C 725 -18.42 3.92 -37.45
N PHE C 726 -17.40 4.62 -37.98
CA PHE C 726 -16.81 5.81 -37.35
C PHE C 726 -17.45 7.08 -37.86
N THR C 727 -17.84 7.11 -39.13
CA THR C 727 -18.39 8.31 -39.76
C THR C 727 -19.93 8.41 -39.74
N GLU C 728 -20.65 7.29 -39.66
CA GLU C 728 -22.11 7.38 -39.78
C GLU C 728 -22.84 6.64 -38.66
N SER C 729 -22.15 6.33 -37.58
CA SER C 729 -22.79 5.64 -36.46
C SER C 729 -22.57 6.41 -35.15
N LYS C 730 -23.00 5.81 -34.03
CA LYS C 730 -22.92 6.34 -32.68
C LYS C 730 -22.69 5.17 -31.68
N PHE C 731 -22.54 5.44 -30.39
CA PHE C 731 -22.38 4.36 -29.41
C PHE C 731 -23.64 3.48 -29.39
N ARG C 732 -23.44 2.16 -29.41
CA ARG C 732 -24.55 1.21 -29.38
C ARG C 732 -24.49 0.48 -28.06
N SER C 733 -25.47 0.75 -27.18
CA SER C 733 -25.50 0.16 -25.86
C SER C 733 -25.83 -1.34 -25.96
N VAL C 734 -26.52 -1.71 -27.04
CA VAL C 734 -26.93 -3.08 -27.35
C VAL C 734 -26.59 -3.35 -28.82
N LEU C 735 -25.97 -4.49 -29.14
CA LEU C 735 -25.63 -4.81 -30.55
C LEU C 735 -26.20 -6.13 -30.99
N GLU C 736 -26.78 -6.14 -32.21
CA GLU C 736 -27.30 -7.32 -32.89
C GLU C 736 -26.22 -7.88 -33.83
N GLU C 737 -26.41 -9.13 -34.28
CA GLU C 737 -25.51 -9.77 -35.26
C GLU C 737 -25.65 -9.08 -36.60
N PRO C 738 -24.53 -8.84 -37.32
CA PRO C 738 -24.62 -8.19 -38.64
C PRO C 738 -25.53 -8.89 -39.67
N MET C 739 -25.81 -10.20 -39.55
CA MET C 739 -26.69 -10.88 -40.52
C MET C 739 -28.13 -10.34 -40.45
N TYR C 740 -28.54 -9.79 -39.29
CA TYR C 740 -29.88 -9.23 -39.12
C TYR C 740 -29.90 -7.73 -39.51
N THR C 741 -28.84 -6.98 -39.15
CA THR C 741 -28.78 -5.54 -39.44
C THR C 741 -28.31 -5.21 -40.84
N ASP C 742 -27.32 -5.97 -41.38
CA ASP C 742 -26.66 -5.76 -42.68
C ASP C 742 -26.88 -6.89 -43.66
N GLY C 743 -27.25 -8.05 -43.19
CA GLY C 743 -27.46 -9.22 -44.04
C GLY C 743 -28.92 -9.57 -44.31
N GLU C 744 -29.15 -10.83 -44.65
CA GLU C 744 -30.49 -11.32 -44.99
C GLU C 744 -31.04 -12.30 -43.92
N GLY C 745 -30.46 -12.26 -42.72
CA GLY C 745 -30.88 -13.09 -41.59
C GLY C 745 -32.35 -12.87 -41.24
N ASP C 746 -33.05 -13.94 -40.85
CA ASP C 746 -34.46 -13.87 -40.46
C ASP C 746 -34.57 -14.04 -38.95
N ARG C 747 -34.86 -12.92 -38.25
CA ARG C 747 -35.03 -12.88 -36.79
C ARG C 747 -36.20 -13.76 -36.32
N ASN C 748 -37.23 -13.93 -37.17
CA ASN C 748 -38.44 -14.72 -36.86
C ASN C 748 -38.16 -16.22 -36.71
N LYS C 749 -37.05 -16.72 -37.26
CA LYS C 749 -36.63 -18.12 -37.12
C LYS C 749 -36.01 -18.40 -35.76
N VAL C 750 -35.68 -17.36 -34.98
CA VAL C 750 -34.98 -17.48 -33.70
C VAL C 750 -35.92 -17.95 -32.56
N THR C 751 -35.56 -19.06 -31.92
CA THR C 751 -36.30 -19.62 -30.78
C THR C 751 -35.44 -19.60 -29.51
N ARG C 752 -34.10 -19.44 -29.65
CA ARG C 752 -33.21 -19.37 -28.51
C ARG C 752 -32.36 -18.11 -28.58
N LEU C 753 -32.47 -17.26 -27.56
CA LEU C 753 -31.67 -16.05 -27.56
C LEU C 753 -30.53 -16.14 -26.55
N LEU C 754 -29.31 -15.84 -27.02
CA LEU C 754 -28.09 -15.82 -26.22
C LEU C 754 -27.70 -14.36 -25.98
N LEU C 755 -27.77 -13.93 -24.72
CA LEU C 755 -27.36 -12.60 -24.35
C LEU C 755 -26.00 -12.71 -23.79
N THR C 756 -25.14 -11.81 -24.20
CA THR C 756 -23.76 -11.88 -23.75
C THR C 756 -23.09 -10.51 -23.80
N SER C 757 -21.80 -10.48 -23.49
CA SER C 757 -20.97 -9.28 -23.55
C SER C 757 -19.51 -9.69 -23.79
N GLY C 758 -18.79 -8.88 -24.56
CA GLY C 758 -17.37 -9.08 -24.80
C GLY C 758 -17.02 -10.12 -25.86
N LYS C 759 -15.74 -10.55 -25.82
CA LYS C 759 -15.11 -11.42 -26.83
C LYS C 759 -15.79 -12.80 -27.04
N ILE C 760 -16.48 -13.37 -26.02
CA ILE C 760 -17.12 -14.68 -26.23
C ILE C 760 -18.17 -14.60 -27.37
N TYR C 761 -18.64 -13.38 -27.71
CA TYR C 761 -19.56 -13.17 -28.83
C TYR C 761 -19.02 -13.84 -30.11
N TYR C 762 -17.74 -13.60 -30.44
CA TYR C 762 -17.10 -14.10 -31.67
C TYR C 762 -17.05 -15.62 -31.71
N GLU C 763 -16.83 -16.25 -30.56
CA GLU C 763 -16.80 -17.72 -30.49
C GLU C 763 -18.23 -18.25 -30.61
N LEU C 764 -19.20 -17.56 -30.03
CA LEU C 764 -20.60 -17.98 -30.16
C LEU C 764 -21.04 -17.83 -31.62
N ALA C 765 -20.70 -16.69 -32.26
CA ALA C 765 -21.06 -16.40 -33.66
C ALA C 765 -20.44 -17.44 -34.62
N ALA C 766 -19.15 -17.82 -34.37
CA ALA C 766 -18.44 -18.80 -35.20
C ALA C 766 -19.11 -20.18 -35.10
N ARG C 767 -19.55 -20.57 -33.91
CA ARG C 767 -20.21 -21.85 -33.70
C ARG C 767 -21.60 -21.86 -34.39
N LYS C 768 -22.28 -20.70 -34.40
CA LYS C 768 -23.56 -20.52 -35.08
C LYS C 768 -23.35 -20.66 -36.61
N ALA C 769 -22.30 -20.01 -37.15
CA ALA C 769 -21.98 -20.07 -38.58
C ALA C 769 -21.61 -21.50 -38.98
N LYS C 770 -20.79 -22.17 -38.14
CA LYS C 770 -20.36 -23.56 -38.36
C LYS C 770 -21.55 -24.53 -38.48
N GLU C 771 -22.46 -24.53 -37.49
CA GLU C 771 -23.64 -25.40 -37.44
C GLU C 771 -24.82 -24.87 -38.26
N ASN C 772 -24.71 -23.66 -38.85
CA ASN C 772 -25.78 -22.95 -39.58
C ASN C 772 -27.03 -22.89 -38.69
N ARG C 773 -26.89 -22.35 -37.48
CA ARG C 773 -27.97 -22.29 -36.48
C ARG C 773 -28.82 -21.00 -36.58
N GLU C 774 -29.81 -21.00 -37.50
CA GLU C 774 -30.71 -19.84 -37.67
C GLU C 774 -31.73 -19.73 -36.53
N ASP C 775 -31.88 -20.80 -35.72
CA ASP C 775 -32.79 -20.84 -34.59
C ASP C 775 -32.19 -20.13 -33.35
N VAL C 776 -30.93 -19.71 -33.41
CA VAL C 776 -30.20 -19.09 -32.29
C VAL C 776 -29.74 -17.66 -32.66
N ALA C 777 -29.98 -16.68 -31.78
CA ALA C 777 -29.47 -15.31 -31.98
C ALA C 777 -28.59 -14.90 -30.81
N ILE C 778 -27.60 -14.04 -31.07
CA ILE C 778 -26.66 -13.56 -30.05
C ILE C 778 -26.79 -12.05 -29.96
N VAL C 779 -27.23 -11.57 -28.79
CA VAL C 779 -27.38 -10.13 -28.58
C VAL C 779 -26.30 -9.69 -27.57
N ARG C 780 -25.57 -8.62 -27.90
CA ARG C 780 -24.53 -8.14 -26.98
C ARG C 780 -24.97 -6.96 -26.16
N ILE C 781 -24.66 -7.00 -24.86
CA ILE C 781 -24.89 -5.86 -24.00
C ILE C 781 -23.54 -5.18 -23.88
N GLU C 782 -23.36 -4.06 -24.61
CA GLU C 782 -22.11 -3.31 -24.66
C GLU C 782 -21.94 -2.40 -23.45
N GLN C 783 -23.05 -1.83 -22.97
CA GLN C 783 -23.06 -0.97 -21.79
C GLN C 783 -23.68 -1.77 -20.65
N LEU C 784 -22.86 -2.23 -19.69
CA LEU C 784 -23.33 -3.06 -18.57
C LEU C 784 -24.05 -2.22 -17.50
N ALA C 785 -23.62 -0.97 -17.29
CA ALA C 785 -24.26 -0.03 -16.37
C ALA C 785 -24.12 1.41 -16.89
N PRO C 786 -25.18 2.24 -16.90
CA PRO C 786 -26.57 1.89 -16.54
C PRO C 786 -27.12 0.91 -17.57
N LEU C 787 -27.90 -0.06 -17.11
CA LEU C 787 -28.52 -1.04 -17.98
C LEU C 787 -29.38 -0.35 -19.04
N PRO C 788 -29.11 -0.59 -20.35
CA PRO C 788 -29.88 0.12 -21.39
C PRO C 788 -31.24 -0.56 -21.59
N ARG C 789 -32.09 -0.42 -20.56
CA ARG C 789 -33.42 -1.02 -20.45
C ARG C 789 -34.28 -0.86 -21.74
N ARG C 790 -34.41 0.38 -22.26
CA ARG C 790 -35.26 0.69 -23.40
C ARG C 790 -34.72 0.03 -24.67
N ARG C 791 -33.41 0.19 -24.94
CA ARG C 791 -32.73 -0.38 -26.10
C ARG C 791 -32.78 -1.89 -26.07
N LEU C 792 -32.65 -2.47 -24.88
CA LEU C 792 -32.66 -3.91 -24.73
C LEU C 792 -34.06 -4.46 -25.01
N ALA C 793 -35.12 -3.81 -24.48
CA ALA C 793 -36.51 -4.22 -24.68
C ALA C 793 -36.92 -4.11 -26.15
N GLU C 794 -36.53 -3.01 -26.84
CA GLU C 794 -36.83 -2.77 -28.27
C GLU C 794 -36.12 -3.79 -29.16
N THR C 795 -34.91 -4.22 -28.76
CA THR C 795 -34.12 -5.21 -29.49
C THR C 795 -34.77 -6.58 -29.34
N LEU C 796 -35.11 -7.01 -28.10
CA LEU C 796 -35.72 -8.33 -27.85
C LEU C 796 -37.06 -8.47 -28.51
N ASP C 797 -37.84 -7.37 -28.65
CA ASP C 797 -39.14 -7.42 -29.31
C ASP C 797 -39.00 -7.80 -30.77
N ARG C 798 -37.78 -7.68 -31.35
CA ARG C 798 -37.59 -8.00 -32.77
C ARG C 798 -37.43 -9.51 -33.00
N TYR C 799 -37.41 -10.32 -31.92
CA TYR C 799 -37.29 -11.78 -31.96
C TYR C 799 -38.57 -12.37 -31.36
N PRO C 800 -39.71 -12.35 -32.11
CA PRO C 800 -41.00 -12.73 -31.48
C PRO C 800 -41.17 -14.18 -31.10
N ASN C 801 -40.42 -15.07 -31.73
CA ASN C 801 -40.61 -16.51 -31.53
C ASN C 801 -39.63 -17.11 -30.50
N VAL C 802 -38.96 -16.26 -29.70
CA VAL C 802 -38.00 -16.71 -28.69
C VAL C 802 -38.75 -17.48 -27.56
N LYS C 803 -38.32 -18.71 -27.29
CA LYS C 803 -38.93 -19.58 -26.28
C LYS C 803 -38.03 -19.71 -25.05
N GLU C 804 -36.75 -19.35 -25.18
CA GLU C 804 -35.80 -19.44 -24.07
C GLU C 804 -34.69 -18.43 -24.24
N LYS C 805 -34.24 -17.86 -23.11
CA LYS C 805 -33.19 -16.87 -23.10
C LYS C 805 -32.11 -17.28 -22.14
N PHE C 806 -30.84 -17.08 -22.54
CA PHE C 806 -29.69 -17.40 -21.71
C PHE C 806 -28.71 -16.26 -21.66
N TRP C 807 -28.19 -15.99 -20.45
CA TRP C 807 -27.08 -15.09 -20.27
C TRP C 807 -25.85 -15.98 -20.36
N VAL C 808 -25.03 -15.76 -21.39
CA VAL C 808 -23.80 -16.52 -21.63
C VAL C 808 -22.60 -15.67 -21.21
N GLN C 809 -21.70 -16.24 -20.40
CA GLN C 809 -20.48 -15.55 -19.97
C GLN C 809 -19.33 -16.55 -19.73
N GLU C 810 -18.10 -16.07 -19.87
CA GLU C 810 -16.89 -16.82 -19.62
C GLU C 810 -16.63 -16.99 -18.15
N GLU C 811 -17.03 -16.00 -17.37
CA GLU C 811 -16.68 -15.94 -15.96
C GLU C 811 -17.39 -17.00 -15.12
N PRO C 812 -16.78 -17.38 -13.98
CA PRO C 812 -17.49 -18.25 -13.02
C PRO C 812 -18.86 -17.68 -12.64
N ALA C 813 -19.82 -18.53 -12.29
CA ALA C 813 -21.22 -18.18 -11.97
C ALA C 813 -21.37 -17.08 -10.89
N ASN C 814 -20.42 -17.00 -9.93
CA ASN C 814 -20.43 -15.99 -8.87
C ASN C 814 -19.68 -14.71 -9.32
N GLN C 815 -19.24 -14.67 -10.58
CA GLN C 815 -18.51 -13.52 -11.11
C GLN C 815 -19.12 -13.06 -12.44
N GLY C 816 -18.50 -12.07 -13.06
CA GLY C 816 -18.98 -11.50 -14.32
C GLY C 816 -20.27 -10.73 -14.11
N ALA C 817 -21.10 -10.64 -15.15
CA ALA C 817 -22.33 -9.84 -15.02
C ALA C 817 -23.50 -10.65 -14.44
N TRP C 818 -23.43 -12.01 -14.42
CA TRP C 818 -24.56 -12.82 -13.92
C TRP C 818 -25.03 -12.45 -12.51
N PRO C 819 -24.18 -12.32 -11.43
CA PRO C 819 -24.78 -12.02 -10.10
C PRO C 819 -25.73 -10.80 -10.12
N SER C 820 -25.40 -9.72 -10.84
CA SER C 820 -26.29 -8.56 -10.85
C SER C 820 -27.41 -8.70 -11.91
N PHE C 821 -27.10 -9.15 -13.15
CA PHE C 821 -28.07 -9.33 -14.25
C PHE C 821 -29.13 -10.41 -13.97
N GLY C 822 -28.70 -11.53 -13.37
CA GLY C 822 -29.59 -12.63 -12.98
C GLY C 822 -30.65 -12.14 -12.02
N LEU C 823 -30.30 -11.16 -11.19
CA LEU C 823 -31.23 -10.58 -10.23
C LEU C 823 -31.97 -9.37 -10.83
N THR C 824 -31.29 -8.45 -11.52
CA THR C 824 -31.90 -7.22 -12.02
C THR C 824 -32.75 -7.36 -13.30
N LEU C 825 -32.28 -8.09 -14.33
CA LEU C 825 -33.03 -8.23 -15.61
C LEU C 825 -34.47 -8.76 -15.42
N PRO C 826 -34.75 -9.84 -14.64
CA PRO C 826 -36.16 -10.28 -14.49
C PRO C 826 -37.03 -9.25 -13.75
N GLU C 827 -36.40 -8.35 -13.01
CA GLU C 827 -37.11 -7.34 -12.24
C GLU C 827 -37.43 -6.11 -13.11
N ILE C 828 -36.46 -5.59 -13.87
CA ILE C 828 -36.68 -4.37 -14.65
C ILE C 828 -37.35 -4.65 -15.99
N LEU C 829 -37.24 -5.87 -16.49
CA LEU C 829 -37.90 -6.27 -17.74
C LEU C 829 -38.58 -7.63 -17.54
N PRO C 830 -39.64 -7.71 -16.67
CA PRO C 830 -40.28 -9.01 -16.40
C PRO C 830 -40.96 -9.70 -17.59
N ASP C 831 -41.40 -8.94 -18.62
CA ASP C 831 -42.06 -9.57 -19.77
C ASP C 831 -41.01 -10.14 -20.77
N HIS C 832 -39.73 -9.79 -20.58
CA HIS C 832 -38.63 -10.27 -21.40
C HIS C 832 -37.71 -11.26 -20.68
N PHE C 833 -37.44 -11.05 -19.39
CA PHE C 833 -36.43 -11.84 -18.73
C PHE C 833 -36.90 -12.77 -17.61
N THR C 834 -38.21 -13.00 -17.46
CA THR C 834 -38.64 -14.00 -16.48
C THR C 834 -38.31 -15.36 -17.09
N GLY C 835 -37.59 -16.17 -16.34
CA GLY C 835 -37.16 -17.49 -16.82
C GLY C 835 -35.76 -17.47 -17.40
N LEU C 836 -35.10 -16.29 -17.39
CA LEU C 836 -33.72 -16.14 -17.87
C LEU C 836 -32.80 -17.11 -17.14
N LYS C 837 -32.03 -17.89 -17.90
CA LYS C 837 -31.11 -18.87 -17.33
C LYS C 837 -29.67 -18.47 -17.61
N ARG C 838 -28.75 -19.06 -16.85
CA ARG C 838 -27.32 -18.76 -16.96
C ARG C 838 -26.57 -19.90 -17.63
N ILE C 839 -25.62 -19.56 -18.51
CA ILE C 839 -24.62 -20.47 -19.08
C ILE C 839 -23.26 -19.83 -18.76
N SER C 840 -22.47 -20.49 -17.92
CA SER C 840 -21.17 -19.95 -17.52
C SER C 840 -20.27 -21.02 -16.98
N ARG C 841 -19.07 -20.62 -16.55
CA ARG C 841 -18.15 -21.47 -15.80
C ARG C 841 -18.79 -21.67 -14.45
N ARG C 842 -18.45 -22.77 -13.78
CA ARG C 842 -18.95 -23.04 -12.43
C ARG C 842 -18.44 -21.96 -11.46
N ALA C 843 -19.13 -21.76 -10.32
CA ALA C 843 -18.69 -20.80 -9.31
C ALA C 843 -17.27 -21.19 -8.78
N MET C 844 -16.40 -20.20 -8.59
CA MET C 844 -15.00 -20.45 -8.17
C MET C 844 -14.53 -19.42 -7.17
N SER C 845 -13.62 -19.80 -6.27
CA SER C 845 -13.06 -18.86 -5.26
C SER C 845 -11.97 -17.98 -5.88
N ALA C 846 -11.61 -18.25 -7.11
CA ALA C 846 -10.61 -17.46 -7.87
C ALA C 846 -11.23 -17.06 -9.24
N PRO C 847 -10.68 -16.06 -9.95
CA PRO C 847 -11.29 -15.65 -11.24
C PRO C 847 -11.27 -16.74 -12.34
N SER C 848 -10.38 -17.72 -12.25
CA SER C 848 -10.25 -18.83 -13.20
C SER C 848 -9.48 -19.98 -12.61
N SER C 849 -9.31 -21.05 -13.41
CA SER C 849 -8.46 -22.17 -13.08
C SER C 849 -7.04 -21.71 -13.37
N GLY C 850 -6.04 -22.36 -12.80
CA GLY C 850 -4.64 -22.02 -13.04
C GLY C 850 -4.05 -22.82 -14.19
N SER C 851 -4.88 -23.69 -14.83
CA SER C 851 -4.47 -24.56 -15.94
C SER C 851 -5.08 -24.08 -17.27
N SER C 852 -4.24 -23.87 -18.29
CA SER C 852 -4.71 -23.46 -19.63
C SER C 852 -5.50 -24.59 -20.31
N LYS C 853 -5.17 -25.87 -19.98
CA LYS C 853 -5.89 -27.03 -20.53
C LYS C 853 -7.31 -27.10 -19.96
N VAL C 854 -7.45 -26.85 -18.65
CA VAL C 854 -8.75 -26.82 -17.96
C VAL C 854 -9.55 -25.65 -18.56
N HIS C 855 -8.90 -24.48 -18.72
CA HIS C 855 -9.55 -23.32 -19.36
C HIS C 855 -10.20 -23.69 -20.67
N ALA C 856 -9.41 -24.35 -21.61
CA ALA C 856 -9.86 -24.71 -22.96
C ALA C 856 -11.04 -25.68 -22.90
N VAL C 857 -11.00 -26.66 -21.97
CA VAL C 857 -12.10 -27.63 -21.78
C VAL C 857 -13.37 -26.87 -21.31
N GLU C 858 -13.23 -25.97 -20.32
CA GLU C 858 -14.36 -25.17 -19.82
C GLU C 858 -14.93 -24.25 -20.89
N GLN C 859 -14.07 -23.62 -21.71
CA GLN C 859 -14.52 -22.73 -22.78
C GLN C 859 -15.40 -23.47 -23.79
N GLN C 860 -14.97 -24.69 -24.20
CA GLN C 860 -15.69 -25.53 -25.16
C GLN C 860 -17.05 -25.98 -24.58
N GLU C 861 -17.08 -26.28 -23.27
CA GLU C 861 -18.27 -26.69 -22.53
C GLU C 861 -19.37 -25.60 -22.55
N ILE C 862 -18.98 -24.32 -22.42
CA ILE C 862 -19.92 -23.16 -22.50
C ILE C 862 -20.56 -23.10 -23.91
N LEU C 863 -19.73 -23.21 -24.98
CA LEU C 863 -20.17 -23.18 -26.39
C LEU C 863 -21.10 -24.36 -26.67
N ASP C 864 -20.73 -25.58 -26.21
CA ASP C 864 -21.53 -26.79 -26.36
C ASP C 864 -22.86 -26.66 -25.64
N THR C 865 -22.87 -26.07 -24.43
CA THR C 865 -24.12 -25.88 -23.68
C THR C 865 -25.02 -24.84 -24.39
N ALA C 866 -24.42 -23.74 -24.89
CA ALA C 866 -25.14 -22.65 -25.57
C ALA C 866 -25.85 -23.13 -26.83
N PHE C 867 -25.27 -24.14 -27.52
CA PHE C 867 -25.81 -24.69 -28.77
C PHE C 867 -26.32 -26.14 -28.64
N GLY C 868 -26.47 -26.63 -27.41
CA GLY C 868 -26.94 -27.99 -27.12
C GLY C 868 -28.41 -28.22 -27.38
N LEU D 13 -14.04 60.09 4.46
CA LEU D 13 -14.44 58.89 3.72
C LEU D 13 -13.31 57.84 3.72
N LEU D 14 -13.65 56.55 3.92
CA LEU D 14 -12.69 55.43 3.92
C LEU D 14 -13.12 54.38 2.90
N VAL D 15 -12.22 53.99 1.99
CA VAL D 15 -12.51 52.95 0.98
C VAL D 15 -11.59 51.77 1.27
N VAL D 16 -12.15 50.54 1.34
CA VAL D 16 -11.37 49.32 1.56
C VAL D 16 -10.67 48.94 0.24
N LYS D 17 -9.33 48.89 0.27
CA LYS D 17 -8.51 48.54 -0.88
C LYS D 17 -8.05 47.07 -0.84
N ARG D 18 -7.99 46.48 0.37
CA ARG D 18 -7.62 45.06 0.58
C ARG D 18 -8.45 44.48 1.70
N GLY D 19 -9.06 43.34 1.40
CA GLY D 19 -9.93 42.64 2.31
C GLY D 19 -11.09 41.98 1.59
N PRO D 20 -11.80 41.04 2.25
CA PRO D 20 -12.94 40.38 1.58
C PRO D 20 -14.04 41.36 1.14
N ASN D 21 -14.12 42.55 1.76
CA ASN D 21 -15.11 43.57 1.42
C ASN D 21 -14.48 44.73 0.59
N ALA D 22 -13.43 44.42 -0.23
CA ALA D 22 -12.72 45.42 -1.04
C ALA D 22 -13.66 46.20 -1.96
N GLY D 23 -13.58 47.52 -1.88
CA GLY D 23 -14.41 48.44 -2.65
C GLY D 23 -15.51 49.09 -1.83
N SER D 24 -15.73 48.57 -0.60
CA SER D 24 -16.69 49.10 0.34
C SER D 24 -16.23 50.45 0.86
N ARG D 25 -17.15 51.40 0.93
CA ARG D 25 -16.88 52.76 1.40
C ARG D 25 -17.58 52.98 2.73
N PHE D 26 -16.96 53.81 3.60
CA PHE D 26 -17.49 54.18 4.91
C PHE D 26 -17.34 55.68 5.11
N LEU D 27 -18.44 56.34 5.44
CA LEU D 27 -18.45 57.78 5.66
C LEU D 27 -18.03 58.08 7.09
N LEU D 28 -17.10 59.04 7.24
CA LEU D 28 -16.64 59.53 8.54
C LEU D 28 -17.28 60.90 8.74
N ASP D 29 -18.40 60.96 9.47
CA ASP D 29 -19.16 62.20 9.68
C ASP D 29 -19.70 62.31 11.12
N GLN D 30 -18.99 61.70 12.09
CA GLN D 30 -19.35 61.64 13.50
C GLN D 30 -18.16 61.96 14.40
N PRO D 31 -18.34 62.38 15.68
CA PRO D 31 -17.16 62.56 16.55
C PRO D 31 -16.34 61.26 16.68
N THR D 32 -16.98 60.08 16.88
CA THR D 32 -16.28 58.78 16.96
C THR D 32 -16.90 57.76 16.04
N THR D 33 -16.05 57.08 15.26
CA THR D 33 -16.45 56.01 14.34
C THR D 33 -15.63 54.77 14.74
N SER D 34 -16.28 53.77 15.34
CA SER D 34 -15.59 52.56 15.77
C SER D 34 -15.31 51.63 14.58
N ALA D 35 -14.11 51.02 14.57
CA ALA D 35 -13.65 50.05 13.57
C ALA D 35 -13.12 48.84 14.28
N GLY D 36 -13.77 47.70 14.10
CA GLY D 36 -13.37 46.46 14.76
C GLY D 36 -14.23 45.27 14.39
N ARG D 37 -14.03 44.16 15.13
CA ARG D 37 -14.74 42.91 14.89
C ARG D 37 -16.08 42.84 15.65
N HIS D 38 -16.32 43.74 16.61
CA HIS D 38 -17.60 43.79 17.32
C HIS D 38 -18.72 43.97 16.30
N PRO D 39 -19.78 43.12 16.27
CA PRO D 39 -20.83 43.30 15.25
C PRO D 39 -21.53 44.66 15.32
N ASP D 40 -21.42 45.38 16.45
CA ASP D 40 -22.04 46.71 16.59
C ASP D 40 -21.09 47.85 16.13
N SER D 41 -19.89 47.53 15.58
CA SER D 41 -18.94 48.54 15.12
C SER D 41 -19.53 49.41 14.02
N ASP D 42 -19.10 50.69 13.93
CA ASP D 42 -19.57 51.58 12.87
C ASP D 42 -18.98 51.07 11.56
N ILE D 43 -17.76 50.53 11.62
CA ILE D 43 -17.06 49.87 10.52
C ILE D 43 -16.75 48.46 11.00
N PHE D 44 -17.63 47.51 10.67
CA PHE D 44 -17.50 46.11 11.05
C PHE D 44 -16.47 45.44 10.14
N LEU D 45 -15.30 45.09 10.71
CA LEU D 45 -14.19 44.45 9.98
C LEU D 45 -14.08 43.03 10.51
N ASP D 46 -14.76 42.11 9.81
CA ASP D 46 -14.92 40.72 10.20
C ASP D 46 -13.78 39.82 9.76
N ASP D 47 -12.76 39.70 10.62
CA ASP D 47 -11.61 38.81 10.41
C ASP D 47 -10.92 38.51 11.74
N VAL D 48 -10.37 37.28 11.88
CA VAL D 48 -9.64 36.83 13.08
C VAL D 48 -8.46 37.77 13.44
N THR D 49 -7.88 38.47 12.43
CA THR D 49 -6.76 39.40 12.62
C THR D 49 -7.21 40.76 13.20
N VAL D 50 -8.52 40.97 13.30
CA VAL D 50 -9.10 42.20 13.85
C VAL D 50 -9.68 41.90 15.24
N SER D 51 -9.23 42.66 16.25
CA SER D 51 -9.72 42.53 17.63
C SER D 51 -11.14 43.08 17.71
N ARG D 52 -11.94 42.57 18.67
CA ARG D 52 -13.32 43.00 18.94
C ARG D 52 -13.43 44.55 18.95
N ARG D 53 -12.52 45.22 19.70
CA ARG D 53 -12.36 46.68 19.74
C ARG D 53 -10.98 46.90 19.21
N HIS D 54 -10.88 47.53 18.05
CA HIS D 54 -9.57 47.62 17.42
C HIS D 54 -9.11 49.05 17.32
N ALA D 55 -9.82 49.86 16.53
CA ALA D 55 -9.49 51.27 16.33
C ALA D 55 -10.75 52.15 16.38
N GLU D 56 -10.53 53.47 16.42
CA GLU D 56 -11.56 54.49 16.38
C GLU D 56 -11.08 55.62 15.49
N PHE D 57 -12.03 56.18 14.71
CA PHE D 57 -11.82 57.31 13.83
C PHE D 57 -12.52 58.49 14.47
N ARG D 58 -11.70 59.39 15.04
CA ARG D 58 -12.16 60.54 15.79
C ARG D 58 -12.07 61.83 15.00
N LEU D 59 -13.17 62.61 15.00
CA LEU D 59 -13.25 63.91 14.34
C LEU D 59 -13.37 64.99 15.38
N GLU D 60 -12.39 65.90 15.42
CA GLU D 60 -12.35 67.05 16.32
C GLU D 60 -12.00 68.28 15.50
N GLY D 61 -12.98 69.17 15.34
CA GLY D 61 -12.86 70.37 14.53
C GLY D 61 -12.81 70.03 13.06
N GLY D 62 -11.65 70.27 12.46
CA GLY D 62 -11.41 69.97 11.05
C GLY D 62 -10.51 68.79 10.76
N GLU D 63 -9.92 68.17 11.82
CA GLU D 63 -8.99 67.03 11.66
C GLU D 63 -9.61 65.67 12.02
N PHE D 64 -9.24 64.66 11.23
CA PHE D 64 -9.65 63.27 11.46
C PHE D 64 -8.44 62.52 11.99
N GLN D 65 -8.64 61.79 13.10
CA GLN D 65 -7.57 61.05 13.78
C GLN D 65 -7.92 59.58 13.92
N VAL D 66 -6.93 58.70 13.72
CA VAL D 66 -7.12 57.26 13.95
C VAL D 66 -6.48 56.94 15.30
N VAL D 67 -7.18 56.17 16.14
CA VAL D 67 -6.67 55.83 17.47
C VAL D 67 -6.78 54.32 17.67
N ASP D 68 -5.68 53.68 18.09
CA ASP D 68 -5.72 52.26 18.43
C ASP D 68 -6.25 52.15 19.84
N VAL D 69 -7.32 51.36 20.06
CA VAL D 69 -7.93 51.27 21.37
C VAL D 69 -7.59 49.91 22.08
N GLY D 70 -6.35 49.45 21.93
CA GLY D 70 -5.85 48.24 22.57
C GLY D 70 -6.01 46.94 21.81
N SER D 71 -5.87 47.00 20.47
CA SER D 71 -5.95 45.78 19.65
C SER D 71 -4.71 44.91 19.82
N LEU D 72 -4.79 43.66 19.39
CA LEU D 72 -3.62 42.79 19.44
C LEU D 72 -2.67 43.07 18.28
N ASN D 73 -3.19 43.15 17.03
CA ASN D 73 -2.32 43.29 15.85
C ASN D 73 -1.96 44.74 15.48
N GLY D 74 -2.41 45.70 16.28
CA GLY D 74 -2.09 47.11 16.08
C GLY D 74 -2.81 47.78 14.95
N THR D 75 -2.51 49.06 14.74
CA THR D 75 -3.06 49.91 13.69
C THR D 75 -1.88 50.54 13.00
N TYR D 76 -1.87 50.45 11.67
CA TYR D 76 -0.80 51.03 10.86
C TYR D 76 -1.34 52.16 10.02
N VAL D 77 -0.53 53.21 9.86
CA VAL D 77 -0.82 54.35 9.02
C VAL D 77 0.40 54.49 8.12
N ASN D 78 0.18 54.35 6.80
CA ASN D 78 1.20 54.42 5.75
C ASN D 78 2.38 53.44 6.00
N ARG D 79 2.05 52.20 6.40
CA ARG D 79 2.95 51.07 6.68
C ARG D 79 3.78 51.27 7.98
N GLU D 80 3.34 52.17 8.89
CA GLU D 80 4.01 52.42 10.17
C GLU D 80 3.06 52.20 11.35
N PRO D 81 3.48 51.50 12.45
CA PRO D 81 2.58 51.29 13.59
C PRO D 81 2.31 52.57 14.37
N VAL D 82 1.05 52.79 14.76
CA VAL D 82 0.66 54.00 15.47
C VAL D 82 -0.25 53.70 16.66
N ASP D 83 -0.21 54.57 17.68
CA ASP D 83 -1.10 54.56 18.84
C ASP D 83 -2.24 55.50 18.49
N SER D 84 -1.89 56.63 17.86
CA SER D 84 -2.77 57.67 17.34
C SER D 84 -2.06 58.43 16.23
N ALA D 85 -2.81 58.84 15.19
CA ALA D 85 -2.26 59.62 14.08
C ALA D 85 -3.30 60.51 13.44
N VAL D 86 -2.89 61.75 13.11
CA VAL D 86 -3.70 62.73 12.39
C VAL D 86 -3.71 62.25 10.94
N LEU D 87 -4.88 61.98 10.38
CA LEU D 87 -5.00 61.48 9.01
C LEU D 87 -5.01 62.60 8.00
N ALA D 88 -4.41 62.32 6.83
CA ALA D 88 -4.36 63.23 5.69
C ALA D 88 -4.76 62.47 4.43
N ASN D 89 -5.44 63.15 3.50
CA ASN D 89 -5.94 62.61 2.23
C ASN D 89 -4.93 61.66 1.58
N GLY D 90 -5.40 60.47 1.22
CA GLY D 90 -4.58 59.45 0.58
C GLY D 90 -3.87 58.47 1.50
N ASP D 91 -3.92 58.67 2.84
CA ASP D 91 -3.26 57.79 3.81
C ASP D 91 -3.87 56.40 3.81
N GLU D 92 -3.01 55.36 3.94
CA GLU D 92 -3.47 53.99 4.04
C GLU D 92 -3.49 53.58 5.52
N VAL D 93 -4.64 53.08 5.99
CA VAL D 93 -4.82 52.60 7.36
C VAL D 93 -4.95 51.08 7.30
N GLN D 94 -4.17 50.37 8.10
CA GLN D 94 -4.22 48.91 8.17
C GLN D 94 -4.75 48.47 9.52
N ILE D 95 -5.85 47.69 9.48
CA ILE D 95 -6.53 47.12 10.65
C ILE D 95 -6.64 45.63 10.38
N GLY D 96 -5.79 44.86 11.03
CA GLY D 96 -5.68 43.44 10.75
C GLY D 96 -5.22 43.31 9.31
N LYS D 97 -5.85 42.41 8.55
CA LYS D 97 -5.50 42.20 7.14
C LYS D 97 -6.18 43.26 6.23
N PHE D 98 -7.11 44.05 6.77
CA PHE D 98 -7.79 45.11 6.01
C PHE D 98 -6.91 46.31 5.78
N ARG D 99 -6.96 46.84 4.54
CA ARG D 99 -6.25 48.06 4.14
C ARG D 99 -7.26 49.02 3.60
N LEU D 100 -7.39 50.17 4.25
CA LEU D 100 -8.34 51.22 3.90
C LEU D 100 -7.61 52.48 3.50
N VAL D 101 -8.15 53.23 2.52
CA VAL D 101 -7.56 54.51 2.14
C VAL D 101 -8.50 55.59 2.68
N PHE D 102 -7.93 56.63 3.31
CA PHE D 102 -8.65 57.78 3.85
C PHE D 102 -8.69 58.88 2.80
N LEU D 103 -9.88 59.33 2.41
CA LEU D 103 -10.05 60.36 1.39
C LEU D 103 -10.85 61.54 1.93
N THR D 104 -10.56 62.76 1.41
CA THR D 104 -11.19 64.02 1.79
C THR D 104 -12.21 64.44 0.70
#